data_4NDN
#
_entry.id   4NDN
#
_cell.length_a   72.140
_cell.length_b   122.178
_cell.length_c   298.423
_cell.angle_alpha   90.000
_cell.angle_beta   90.000
_cell.angle_gamma   90.000
#
_symmetry.space_group_name_H-M   'P 21 21 21'
#
loop_
_entity.id
_entity.type
_entity.pdbx_description
1 polymer 'S-adenosylmethionine synthase isoform type-2'
2 polymer 'Methionine adenosyltransferase 2 subunit beta'
3 non-polymer 'MAGNESIUM ION'
4 non-polymer 1,2-ETHANEDIOL
5 non-polymer '(DIPHOSPHONO)AMINOPHOSPHONIC ACID'
6 non-polymer S-ADENOSYLMETHIONINE
7 water water
#
loop_
_entity_poly.entity_id
_entity_poly.type
_entity_poly.pdbx_seq_one_letter_code
_entity_poly.pdbx_strand_id
1 'polypeptide(L)'
;MNGQLNGFHEAFIEEGTFLFTSESVGEGHPDKICDQISDAVLDAHLQQDPDAKVACETVAKTGMILLAGEITSRAAVDYQ
KVVREAVKHIGYDDSSKGFDYKTCNVLVALEQQSPDIAQGVHLDRNEEDIGAGDQGLMFGYATDETEECMPLTIVLAHKL
NAKLAELRRNGTLPWLRPDSKTQVTVQYMQDRGAVLPIRVHTIVISVQHDEEVCLDEMRDALKEKVIKAVVPAKYLDEDT
IYHLQPSGRFVIGGPQGDAGLTGRKIIVDTYGGWGAHGGGAFSGKDYTKVDRSAAYAARWVAKSLVKGGLCRRVLVQVSY
AIGVSHPLSISIFHYGTSQKSERELLEIVKKNFDLRPGVIVRDLDLKKPIYQRTAAYGHFGRDSFPWEVPKKLKY
;
A,B,C,D
2 'polypeptide(L)'
;MPEMPEDMEQEEVNIPNRRVLVTGATGLLGRAVHKEFQQNNWHAVGCGFRRARPKFEQVNLLDSNAVHHIIHDFQPHVIV
HCAAERRPDVVENQPDAASQLNVDASGNLAKEAAAVGAFLIYISSDYVFDGTNPPYREEDIPAPLNLYGKTKLDGEKAVL
ENNLGAAVLRIPILYGEVEKLEESAVTVMFDKVQFSNKSANMDHWQQRFPTHVKDVATVCRQLAEKRMLDPSIKGTFHWS
GNEQMTKYEMACAIADAFNLPSSHLRPITDSPVLGAQRPRNAQLDCSKLETLGIGQRTPFRIGIKESLWPFLIDKRWRQT
VFH
;
E,F
#
loop_
_chem_comp.id
_chem_comp.type
_chem_comp.name
_chem_comp.formula
EDO non-polymer 1,2-ETHANEDIOL 'C2 H6 O2'
MG non-polymer 'MAGNESIUM ION' 'Mg 2'
PPK non-polymer '(DIPHOSPHONO)AMINOPHOSPHONIC ACID' 'H6 N O9 P3'
SAM non-polymer S-ADENOSYLMETHIONINE 'C15 H22 N6 O5 S'
#
# COMPACT_ATOMS: atom_id res chain seq x y z
N GLU A 15 -53.97 10.93 4.35
CA GLU A 15 -54.74 11.15 5.61
C GLU A 15 -54.00 12.03 6.64
N GLY A 16 -52.94 12.71 6.19
CA GLY A 16 -51.99 13.36 7.10
C GLY A 16 -50.91 12.37 7.54
N THR A 17 -50.87 11.21 6.88
CA THR A 17 -49.93 10.14 7.19
C THR A 17 -48.71 10.18 6.26
N PHE A 18 -47.54 9.85 6.79
CA PHE A 18 -46.35 9.80 5.98
C PHE A 18 -45.40 8.75 6.52
N LEU A 19 -44.53 8.24 5.65
CA LEU A 19 -43.49 7.30 6.05
C LEU A 19 -42.16 8.04 6.22
N PHE A 20 -41.35 7.57 7.16
CA PHE A 20 -39.98 8.03 7.28
C PHE A 20 -39.08 6.85 7.61
N THR A 21 -37.91 6.82 6.99
CA THR A 21 -36.96 5.72 7.15
C THR A 21 -35.62 6.21 7.72
N SER A 22 -35.03 5.37 8.58
CA SER A 22 -33.68 5.59 9.09
C SER A 22 -32.97 4.25 9.18
N GLU A 23 -31.65 4.28 9.16
CA GLU A 23 -30.84 3.08 9.26
C GLU A 23 -29.85 3.17 10.42
N SER A 24 -29.21 2.06 10.73
CA SER A 24 -28.07 2.03 11.62
C SER A 24 -27.24 0.83 11.23
N VAL A 25 -26.04 0.73 11.79
CA VAL A 25 -25.13 -0.38 11.48
C VAL A 25 -24.53 -0.95 12.76
N GLY A 26 -23.94 -2.13 12.64
CA GLY A 26 -23.31 -2.80 13.77
C GLY A 26 -21.85 -2.41 13.98
N GLU A 27 -21.30 -2.91 15.07
CA GLU A 27 -19.89 -2.70 15.42
C GLU A 27 -18.95 -3.27 14.35
N GLY A 28 -19.34 -4.36 13.71
CA GLY A 28 -18.54 -5.01 12.69
C GLY A 28 -18.64 -4.40 11.29
N HIS A 29 -19.43 -3.35 11.14
CA HIS A 29 -19.52 -2.64 9.87
C HIS A 29 -18.20 -1.90 9.61
N PRO A 30 -17.60 -2.11 8.43
CA PRO A 30 -16.27 -1.56 8.11
C PRO A 30 -16.11 -0.10 8.50
N ASP A 31 -17.07 0.74 8.13
CA ASP A 31 -17.04 2.15 8.49
C ASP A 31 -17.09 2.36 10.00
N LYS A 32 -17.95 1.60 10.69
CA LYS A 32 -18.04 1.75 12.13
C LYS A 32 -16.79 1.18 12.82
N ILE A 33 -16.18 0.15 12.24
CA ILE A 33 -14.90 -0.31 12.74
C ILE A 33 -13.94 0.88 12.81
N CYS A 34 -13.82 1.60 11.70
CA CYS A 34 -12.91 2.73 11.62
C CYS A 34 -13.21 3.86 12.60
N ASP A 35 -14.50 4.13 12.82
CA ASP A 35 -14.91 5.17 13.77
C ASP A 35 -14.48 4.79 15.18
N GLN A 36 -14.65 3.51 15.53
CA GLN A 36 -14.32 3.02 16.87
C GLN A 36 -12.82 3.02 17.13
N ILE A 37 -12.04 2.68 16.12
CA ILE A 37 -10.59 2.69 16.24
C ILE A 37 -10.07 4.11 16.32
N SER A 38 -10.60 4.98 15.47
CA SER A 38 -10.28 6.41 15.51
C SER A 38 -10.48 6.98 16.92
N ASP A 39 -11.65 6.72 17.50
CA ASP A 39 -11.96 7.18 18.87
C ASP A 39 -11.23 6.38 19.96
N ALA A 40 -10.81 5.15 19.63
CA ALA A 40 -9.96 4.39 20.54
C ALA A 40 -8.57 5.02 20.63
N VAL A 41 -8.05 5.46 19.49
CA VAL A 41 -6.79 6.21 19.45
C VAL A 41 -6.91 7.52 20.23
N LEU A 42 -8.00 8.24 20.03
CA LEU A 42 -8.28 9.45 20.79
C LEU A 42 -8.26 9.16 22.29
N ASP A 43 -9.13 8.24 22.72
CA ASP A 43 -9.24 7.85 24.13
C ASP A 43 -7.88 7.58 24.74
N ALA A 44 -7.09 6.74 24.08
CA ALA A 44 -5.77 6.36 24.55
C ALA A 44 -4.86 7.56 24.72
N HIS A 45 -4.92 8.50 23.78
CA HIS A 45 -4.13 9.74 23.88
C HIS A 45 -4.60 10.62 25.04
N LEU A 46 -5.92 10.74 25.23
CA LEU A 46 -6.48 11.61 26.26
C LEU A 46 -6.19 11.12 27.67
N GLN A 47 -6.00 9.82 27.82
CA GLN A 47 -5.72 9.23 29.13
C GLN A 47 -4.36 9.72 29.66
N GLN A 48 -3.34 9.72 28.81
CA GLN A 48 -2.03 10.21 29.18
C GLN A 48 -1.96 11.74 29.13
N ASP A 49 -2.56 12.32 28.10
CA ASP A 49 -2.49 13.77 27.86
C ASP A 49 -3.88 14.37 27.58
N PRO A 50 -4.53 14.91 28.63
CA PRO A 50 -5.84 15.56 28.48
C PRO A 50 -5.91 16.68 27.43
N ASP A 51 -4.78 17.30 27.09
CA ASP A 51 -4.76 18.38 26.09
C ASP A 51 -4.30 17.93 24.68
N ALA A 52 -4.29 16.62 24.42
CA ALA A 52 -3.86 16.09 23.13
C ALA A 52 -4.74 16.54 21.95
N LYS A 53 -4.10 17.05 20.90
CA LYS A 53 -4.81 17.36 19.66
C LYS A 53 -4.79 16.14 18.75
N VAL A 54 -5.97 15.65 18.38
CA VAL A 54 -6.11 14.44 17.58
C VAL A 54 -7.01 14.66 16.37
N ALA A 55 -6.54 14.22 15.21
CA ALA A 55 -7.33 14.25 13.98
C ALA A 55 -6.99 12.97 13.22
N CYS A 56 -7.52 11.86 13.74
CA CYS A 56 -7.07 10.53 13.34
C CYS A 56 -8.07 9.78 12.48
N GLU A 57 -7.73 9.53 11.22
CA GLU A 57 -8.59 8.80 10.29
C GLU A 57 -8.17 7.34 10.24
N THR A 58 -9.14 6.45 10.14
CA THR A 58 -8.87 5.03 9.98
C THR A 58 -9.49 4.51 8.68
N VAL A 59 -8.75 3.65 8.01
CA VAL A 59 -9.18 3.01 6.76
C VAL A 59 -9.08 1.50 6.93
N ALA A 60 -10.07 0.77 6.46
CA ALA A 60 -10.12 -0.69 6.63
C ALA A 60 -10.44 -1.42 5.34
N LYS A 61 -9.73 -2.51 5.12
CA LYS A 61 -9.91 -3.32 3.94
C LYS A 61 -9.31 -4.65 4.29
N THR A 62 -9.52 -5.64 3.43
CA THR A 62 -9.06 -6.99 3.69
C THR A 62 -7.69 -7.00 4.35
N GLY A 63 -7.66 -7.47 5.60
CA GLY A 63 -6.42 -7.67 6.32
C GLY A 63 -5.64 -6.42 6.68
N MET A 64 -6.25 -5.24 6.58
CA MET A 64 -5.52 -3.98 6.76
C MET A 64 -6.26 -2.99 7.65
N ILE A 65 -5.53 -2.38 8.58
CA ILE A 65 -5.99 -1.20 9.28
C ILE A 65 -4.90 -0.14 9.08
N LEU A 66 -5.30 1.00 8.53
CA LEU A 66 -4.36 2.07 8.25
C LEU A 66 -4.75 3.28 9.06
N LEU A 67 -3.83 3.78 9.87
CA LEU A 67 -4.06 5.02 10.60
C LEU A 67 -3.42 6.17 9.85
N ALA A 68 -4.15 7.26 9.71
CA ALA A 68 -3.63 8.46 9.05
C ALA A 68 -4.22 9.71 9.69
N GLY A 69 -3.37 10.70 9.95
CA GLY A 69 -3.84 11.97 10.49
C GLY A 69 -2.76 12.75 11.21
N GLU A 70 -3.19 13.84 11.85
CA GLU A 70 -2.31 14.71 12.64
C GLU A 70 -2.53 14.47 14.12
N ILE A 71 -1.44 14.44 14.88
CA ILE A 71 -1.52 14.39 16.33
C ILE A 71 -0.46 15.28 16.99
N THR A 72 -0.90 16.21 17.84
CA THR A 72 -0.01 16.96 18.71
C THR A 72 -0.28 16.48 20.13
N SER A 73 0.58 15.61 20.65
CA SER A 73 0.33 14.95 21.92
C SER A 73 1.65 14.64 22.63
N ARG A 74 1.60 14.60 23.95
CA ARG A 74 2.74 14.17 24.78
C ARG A 74 2.69 12.68 25.08
N ALA A 75 1.56 12.05 24.78
CA ALA A 75 1.37 10.63 25.08
C ALA A 75 2.22 9.72 24.19
N ALA A 76 2.57 8.55 24.73
CA ALA A 76 3.19 7.48 23.97
C ALA A 76 2.20 6.33 23.91
N VAL A 77 1.67 6.08 22.72
CA VAL A 77 0.59 5.13 22.53
C VAL A 77 1.11 3.94 21.76
N ASP A 78 0.80 2.75 22.23
CA ASP A 78 1.08 1.53 21.49
C ASP A 78 -0.10 1.32 20.52
N TYR A 79 0.05 1.81 19.30
CA TYR A 79 -1.04 1.75 18.30
C TYR A 79 -1.41 0.31 17.95
N GLN A 80 -0.40 -0.55 17.86
CA GLN A 80 -0.57 -1.97 17.69
C GLN A 80 -1.63 -2.50 18.67
N LYS A 81 -1.38 -2.27 19.97
CA LYS A 81 -2.27 -2.79 21.00
C LYS A 81 -3.66 -2.15 20.93
N VAL A 82 -3.70 -0.85 20.68
CA VAL A 82 -4.97 -0.12 20.61
C VAL A 82 -5.87 -0.69 19.51
N VAL A 83 -5.36 -0.78 18.30
CA VAL A 83 -6.13 -1.27 17.15
C VAL A 83 -6.54 -2.72 17.34
N ARG A 84 -5.59 -3.55 17.76
CA ARG A 84 -5.83 -4.98 17.90
C ARG A 84 -6.86 -5.29 18.99
N GLU A 85 -6.82 -4.56 20.10
CA GLU A 85 -7.82 -4.78 21.17
C GLU A 85 -9.21 -4.31 20.74
N ALA A 86 -9.27 -3.25 19.92
CA ALA A 86 -10.52 -2.75 19.40
C ALA A 86 -11.17 -3.78 18.47
N VAL A 87 -10.38 -4.30 17.54
CA VAL A 87 -10.89 -5.29 16.59
C VAL A 87 -11.29 -6.56 17.33
N LYS A 88 -10.56 -6.89 18.39
CA LYS A 88 -10.90 -8.05 19.23
C LYS A 88 -12.28 -7.86 19.85
N HIS A 89 -12.44 -6.75 20.57
CA HIS A 89 -13.70 -6.42 21.21
C HIS A 89 -14.89 -6.47 20.26
N ILE A 90 -14.69 -5.98 19.05
CA ILE A 90 -15.70 -5.95 18.00
C ILE A 90 -16.15 -7.36 17.61
N GLY A 91 -15.22 -8.31 17.68
CA GLY A 91 -15.54 -9.73 17.45
C GLY A 91 -14.78 -10.43 16.34
N TYR A 92 -13.84 -9.74 15.68
CA TYR A 92 -13.11 -10.32 14.54
C TYR A 92 -11.83 -11.00 15.01
N ASP A 93 -11.91 -12.32 15.15
CA ASP A 93 -10.86 -13.09 15.83
C ASP A 93 -10.44 -14.37 15.08
N ASP A 94 -10.72 -14.42 13.77
CA ASP A 94 -10.37 -15.59 12.97
C ASP A 94 -10.55 -15.32 11.48
N SER A 95 -9.76 -15.98 10.65
CA SER A 95 -9.81 -15.79 9.19
C SER A 95 -11.12 -16.30 8.59
N SER A 96 -11.75 -17.24 9.28
CA SER A 96 -13.04 -17.78 8.85
C SER A 96 -14.11 -16.70 8.85
N LYS A 97 -13.87 -15.64 9.61
CA LYS A 97 -14.80 -14.53 9.73
C LYS A 97 -14.43 -13.35 8.84
N GLY A 98 -13.30 -13.46 8.13
CA GLY A 98 -12.88 -12.47 7.16
C GLY A 98 -11.86 -11.48 7.69
N PHE A 99 -11.64 -11.52 9.00
CA PHE A 99 -10.77 -10.56 9.66
C PHE A 99 -10.40 -11.13 11.03
N ASP A 100 -9.18 -10.83 11.46
CA ASP A 100 -8.62 -11.39 12.68
C ASP A 100 -7.65 -10.38 13.32
N TYR A 101 -7.92 -10.01 14.57
CA TYR A 101 -7.10 -9.04 15.30
C TYR A 101 -5.68 -9.53 15.51
N LYS A 102 -5.53 -10.85 15.61
CA LYS A 102 -4.22 -11.46 15.84
C LYS A 102 -3.27 -11.35 14.66
N THR A 103 -3.80 -11.30 13.45
CA THR A 103 -2.98 -11.41 12.23
C THR A 103 -3.12 -10.28 11.21
N CYS A 104 -3.99 -9.30 11.46
CA CYS A 104 -4.22 -8.23 10.48
C CYS A 104 -3.01 -7.31 10.37
N ASN A 105 -2.91 -6.59 9.26
CA ASN A 105 -1.85 -5.62 9.05
C ASN A 105 -2.26 -4.31 9.67
N VAL A 106 -1.42 -3.77 10.55
CA VAL A 106 -1.65 -2.45 11.10
C VAL A 106 -0.57 -1.55 10.54
N LEU A 107 -1.00 -0.51 9.83
CA LEU A 107 -0.11 0.48 9.23
C LEU A 107 -0.35 1.80 9.92
N VAL A 108 0.73 2.48 10.28
CA VAL A 108 0.63 3.77 10.97
C VAL A 108 1.31 4.83 10.12
N ALA A 109 0.55 5.88 9.80
CA ALA A 109 1.08 7.01 9.02
C ALA A 109 0.77 8.35 9.68
N LEU A 110 0.53 8.34 10.99
CA LEU A 110 0.25 9.55 11.74
C LEU A 110 1.48 10.44 11.83
N GLU A 111 1.30 11.72 11.57
CA GLU A 111 2.34 12.72 11.73
C GLU A 111 2.17 13.38 13.10
N GLN A 112 2.98 12.91 14.05
CA GLN A 112 2.89 13.34 15.44
C GLN A 112 3.93 14.40 15.76
N GLN A 113 3.53 15.36 16.61
CA GLN A 113 4.40 16.45 17.02
C GLN A 113 4.30 16.62 18.54
N SER A 114 5.23 17.38 19.10
CA SER A 114 5.21 17.71 20.53
C SER A 114 4.80 19.18 20.68
N PRO A 115 4.12 19.53 21.79
CA PRO A 115 3.77 20.94 22.01
C PRO A 115 4.99 21.82 22.26
N GLN A 135 -16.62 30.40 11.56
CA GLN A 135 -16.10 29.04 11.67
C GLN A 135 -17.10 27.97 11.26
N GLY A 136 -18.23 27.88 11.96
CA GLY A 136 -19.19 26.79 11.72
C GLY A 136 -20.68 27.01 12.02
N LEU A 137 -21.49 26.08 11.51
CA LEU A 137 -22.92 26.02 11.79
C LEU A 137 -23.28 24.62 12.31
N MET A 138 -23.81 24.57 13.53
CA MET A 138 -24.16 23.29 14.17
C MET A 138 -25.66 23.18 14.39
N PHE A 139 -26.14 21.94 14.47
CA PHE A 139 -27.56 21.65 14.70
C PHE A 139 -27.73 20.69 15.87
N GLY A 140 -28.72 20.97 16.71
CA GLY A 140 -29.16 20.03 17.74
C GLY A 140 -30.64 19.76 17.55
N TYR A 141 -31.07 18.53 17.79
CA TYR A 141 -32.47 18.17 17.52
C TYR A 141 -33.03 17.23 18.59
N ALA A 142 -34.32 17.41 18.89
CA ALA A 142 -34.96 16.60 19.92
C ALA A 142 -36.44 16.47 19.63
N THR A 143 -36.98 15.28 19.87
CA THR A 143 -38.39 14.99 19.64
C THR A 143 -38.91 14.13 20.80
N ASP A 144 -40.13 14.39 21.22
CA ASP A 144 -40.72 13.72 22.38
C ASP A 144 -41.33 12.35 22.06
N GLU A 145 -41.05 11.82 20.87
CA GLU A 145 -41.66 10.55 20.46
C GLU A 145 -41.04 9.32 21.13
N THR A 146 -39.91 9.48 21.81
CA THR A 146 -39.33 8.39 22.61
C THR A 146 -38.80 8.91 23.95
N GLU A 147 -38.61 8.01 24.89
CA GLU A 147 -38.02 8.33 26.18
C GLU A 147 -36.64 8.97 25.99
N GLU A 148 -35.87 8.42 25.06
CA GLU A 148 -34.53 8.94 24.75
C GLU A 148 -34.60 10.20 23.91
N CYS A 149 -35.81 10.64 23.58
CA CYS A 149 -36.00 11.94 22.98
C CYS A 149 -35.40 11.96 21.56
N MET A 150 -35.53 10.81 20.88
CA MET A 150 -34.99 10.65 19.55
C MET A 150 -36.07 10.13 18.59
N PRO A 151 -35.85 10.29 17.29
CA PRO A 151 -36.75 9.67 16.32
C PRO A 151 -36.87 8.17 16.53
N LEU A 152 -38.09 7.65 16.49
CA LEU A 152 -38.30 6.22 16.70
C LEU A 152 -37.55 5.41 15.67
N THR A 153 -37.46 5.91 14.45
CA THR A 153 -36.87 5.16 13.34
C THR A 153 -35.44 4.76 13.65
N ILE A 154 -34.61 5.74 13.99
CA ILE A 154 -33.22 5.45 14.30
C ILE A 154 -33.02 4.72 15.63
N VAL A 155 -33.79 5.06 16.67
CA VAL A 155 -33.68 4.38 17.96
C VAL A 155 -33.81 2.86 17.75
N LEU A 156 -34.86 2.46 17.04
CA LEU A 156 -35.07 1.04 16.73
C LEU A 156 -33.94 0.45 15.88
N ALA A 157 -33.54 1.20 14.85
CA ALA A 157 -32.41 0.78 14.03
C ALA A 157 -31.18 0.51 14.89
N HIS A 158 -30.87 1.44 15.79
CA HIS A 158 -29.70 1.28 16.68
C HIS A 158 -29.90 0.07 17.56
N LYS A 159 -31.10 -0.10 18.11
CA LYS A 159 -31.31 -1.15 19.11
C LYS A 159 -31.30 -2.54 18.50
N LEU A 160 -31.78 -2.66 17.27
CA LEU A 160 -31.71 -3.95 16.56
C LEU A 160 -30.26 -4.42 16.41
N ASN A 161 -29.36 -3.51 16.02
CA ASN A 161 -27.93 -3.86 15.96
C ASN A 161 -27.36 -4.22 17.33
N ALA A 162 -27.73 -3.48 18.37
CA ALA A 162 -27.27 -3.80 19.72
C ALA A 162 -27.70 -5.20 20.12
N LYS A 163 -28.94 -5.56 19.78
CA LYS A 163 -29.48 -6.87 20.11
C LYS A 163 -28.67 -7.97 19.46
N LEU A 164 -28.37 -7.81 18.17
CA LEU A 164 -27.60 -8.81 17.43
C LEU A 164 -26.23 -9.01 18.07
N ALA A 165 -25.55 -7.89 18.35
CA ALA A 165 -24.26 -7.94 19.04
C ALA A 165 -24.38 -8.71 20.36
N GLU A 166 -25.39 -8.38 21.15
CA GLU A 166 -25.65 -9.03 22.42
C GLU A 166 -25.89 -10.54 22.26
N LEU A 167 -26.78 -10.94 21.35
CA LEU A 167 -27.06 -12.37 21.12
C LEU A 167 -25.90 -13.14 20.48
N ARG A 168 -25.05 -12.44 19.73
CA ARG A 168 -23.80 -13.00 19.23
C ARG A 168 -22.85 -13.31 20.39
N ARG A 169 -22.73 -12.36 21.32
CA ARG A 169 -21.78 -12.47 22.44
C ARG A 169 -22.25 -13.47 23.51
N ASN A 170 -23.53 -13.45 23.84
CA ASN A 170 -24.16 -14.50 24.65
C ASN A 170 -23.72 -15.87 24.20
N GLY A 171 -23.90 -16.14 22.91
CA GLY A 171 -23.87 -17.49 22.38
C GLY A 171 -25.27 -17.96 22.01
N THR A 172 -26.27 -17.12 22.26
CA THR A 172 -27.66 -17.43 21.94
C THR A 172 -27.87 -17.69 20.46
N LEU A 173 -27.25 -16.87 19.61
CA LEU A 173 -27.24 -17.11 18.16
C LEU A 173 -25.78 -17.14 17.69
N PRO A 174 -25.13 -18.30 17.84
CA PRO A 174 -23.68 -18.36 17.64
C PRO A 174 -23.25 -18.28 16.17
N TRP A 175 -24.20 -18.39 15.24
CA TRP A 175 -23.92 -18.22 13.82
C TRP A 175 -23.77 -16.74 13.40
N LEU A 176 -24.13 -15.81 14.29
CA LEU A 176 -23.99 -14.39 13.97
C LEU A 176 -22.53 -14.00 13.88
N ARG A 177 -22.25 -13.00 13.06
CA ARG A 177 -20.92 -12.42 12.95
C ARG A 177 -21.03 -10.90 13.04
N PRO A 178 -19.90 -10.21 13.30
CA PRO A 178 -19.98 -8.82 13.75
C PRO A 178 -20.67 -7.83 12.80
N ASP A 179 -20.38 -7.92 11.49
CA ASP A 179 -20.89 -6.94 10.50
C ASP A 179 -22.41 -7.04 10.30
N SER A 180 -23.12 -5.91 10.41
CA SER A 180 -24.58 -5.92 10.32
C SER A 180 -25.15 -4.55 10.00
N LYS A 181 -26.32 -4.55 9.36
CA LYS A 181 -27.03 -3.33 9.02
C LYS A 181 -28.50 -3.46 9.32
N THR A 182 -29.17 -2.34 9.57
CA THR A 182 -30.58 -2.34 9.85
C THR A 182 -31.20 -1.07 9.32
N GLN A 183 -32.50 -1.13 9.11
CA GLN A 183 -33.24 -0.01 8.56
C GLN A 183 -34.69 -0.18 8.94
N VAL A 184 -35.28 0.90 9.44
CA VAL A 184 -36.63 0.88 9.97
C VAL A 184 -37.39 2.03 9.33
N THR A 185 -38.57 1.69 8.80
CA THR A 185 -39.47 2.65 8.22
C THR A 185 -40.68 2.71 9.12
N VAL A 186 -40.97 3.90 9.64
CA VAL A 186 -42.10 4.08 10.54
C VAL A 186 -43.16 4.97 9.89
N GLN A 187 -44.41 4.58 10.06
CA GLN A 187 -45.54 5.36 9.60
C GLN A 187 -45.92 6.35 10.71
N TYR A 188 -45.87 7.63 10.36
CA TYR A 188 -46.15 8.70 11.29
C TYR A 188 -47.47 9.40 10.95
N MET A 189 -48.03 10.04 11.97
CA MET A 189 -49.16 10.94 11.83
C MET A 189 -48.69 12.30 12.33
N GLN A 190 -48.91 13.34 11.53
CA GLN A 190 -48.61 14.73 11.95
C GLN A 190 -49.63 15.14 13.02
N ASP A 191 -49.16 15.73 14.11
CA ASP A 191 -50.04 16.24 15.15
C ASP A 191 -49.57 17.58 15.72
N ARG A 192 -50.08 18.64 15.13
CA ARG A 192 -49.80 20.00 15.59
C ARG A 192 -48.32 20.20 15.92
N GLY A 193 -47.48 20.10 14.91
CA GLY A 193 -46.05 20.32 15.06
C GLY A 193 -45.26 19.06 15.34
N ALA A 194 -45.74 18.24 16.26
CA ALA A 194 -45.08 16.98 16.59
C ALA A 194 -45.36 15.89 15.54
N VAL A 195 -44.70 14.75 15.70
CA VAL A 195 -44.93 13.59 14.85
C VAL A 195 -45.23 12.38 15.72
N LEU A 196 -46.28 11.64 15.38
CA LEU A 196 -46.83 10.58 16.22
C LEU A 196 -46.57 9.25 15.52
N PRO A 197 -45.72 8.39 16.10
CA PRO A 197 -45.54 7.08 15.46
C PRO A 197 -46.83 6.26 15.59
N ILE A 198 -47.22 5.59 14.50
CA ILE A 198 -48.40 4.76 14.48
C ILE A 198 -48.02 3.30 14.46
N ARG A 199 -47.14 2.95 13.53
CA ARG A 199 -46.71 1.58 13.35
C ARG A 199 -45.37 1.51 12.65
N VAL A 200 -44.77 0.32 12.65
CA VAL A 200 -43.58 0.06 11.87
C VAL A 200 -44.04 -0.48 10.50
N HIS A 201 -43.64 0.22 9.46
CA HIS A 201 -44.07 -0.09 8.11
C HIS A 201 -43.22 -1.22 7.53
N THR A 202 -41.90 -1.05 7.61
CA THR A 202 -40.95 -1.99 7.01
C THR A 202 -39.74 -2.12 7.92
N ILE A 203 -39.12 -3.30 7.95
CA ILE A 203 -37.86 -3.50 8.67
C ILE A 203 -36.87 -4.28 7.81
N VAL A 204 -35.64 -3.77 7.74
CA VAL A 204 -34.55 -4.48 7.08
C VAL A 204 -33.53 -4.89 8.13
N ILE A 205 -33.10 -6.15 8.05
CA ILE A 205 -31.94 -6.62 8.79
C ILE A 205 -31.07 -7.43 7.84
N SER A 206 -29.81 -7.01 7.71
CA SER A 206 -28.79 -7.81 7.07
C SER A 206 -27.68 -7.99 8.08
N VAL A 207 -27.31 -9.24 8.34
CA VAL A 207 -26.23 -9.54 9.28
C VAL A 207 -25.33 -10.64 8.75
N GLN A 208 -24.03 -10.41 8.76
CA GLN A 208 -23.04 -11.42 8.38
C GLN A 208 -23.22 -12.68 9.23
N HIS A 209 -23.08 -13.86 8.60
CA HIS A 209 -23.30 -15.14 9.27
C HIS A 209 -22.33 -16.24 8.82
N ASP A 210 -22.36 -17.37 9.51
CA ASP A 210 -21.47 -18.48 9.20
C ASP A 210 -22.08 -19.37 8.10
N GLU A 211 -21.44 -20.50 7.82
CA GLU A 211 -21.76 -21.30 6.62
C GLU A 211 -22.66 -22.50 6.87
N GLU A 212 -22.98 -22.79 8.14
CA GLU A 212 -23.84 -23.93 8.47
C GLU A 212 -25.30 -23.50 8.47
N VAL A 213 -25.61 -22.44 9.23
CA VAL A 213 -26.99 -22.02 9.49
C VAL A 213 -27.73 -21.74 8.18
N CYS A 214 -29.00 -22.14 8.11
CA CYS A 214 -29.76 -22.02 6.88
C CYS A 214 -30.60 -20.76 6.91
N LEU A 215 -31.20 -20.44 5.78
CA LEU A 215 -31.87 -19.16 5.57
C LEU A 215 -33.16 -19.02 6.38
N ASP A 216 -33.93 -20.10 6.49
CA ASP A 216 -35.18 -20.07 7.27
C ASP A 216 -34.92 -19.91 8.76
N GLU A 217 -33.82 -20.48 9.24
CA GLU A 217 -33.54 -20.44 10.67
C GLU A 217 -33.09 -19.04 11.07
N MET A 218 -32.30 -18.41 10.21
CA MET A 218 -31.86 -17.04 10.44
C MET A 218 -33.06 -16.08 10.44
N ARG A 219 -33.96 -16.25 9.48
CA ARG A 219 -35.11 -15.37 9.35
C ARG A 219 -36.11 -15.53 10.50
N ASP A 220 -36.39 -16.75 10.90
CA ASP A 220 -37.22 -17.00 12.10
C ASP A 220 -36.57 -16.32 13.33
N ALA A 221 -35.27 -16.55 13.51
CA ALA A 221 -34.55 -15.99 14.66
C ALA A 221 -34.54 -14.46 14.68
N LEU A 222 -34.21 -13.86 13.54
CA LEU A 222 -34.20 -12.40 13.42
C LEU A 222 -35.57 -11.81 13.73
N LYS A 223 -36.63 -12.52 13.37
CA LYS A 223 -37.99 -12.06 13.61
C LYS A 223 -38.43 -12.26 15.07
N GLU A 224 -38.14 -13.43 15.62
CA GLU A 224 -38.64 -13.81 16.96
C GLU A 224 -37.71 -13.46 18.13
N LYS A 225 -36.40 -13.55 17.92
CA LYS A 225 -35.44 -13.28 19.00
C LYS A 225 -34.90 -11.86 19.01
N VAL A 226 -34.92 -11.22 17.84
CA VAL A 226 -34.33 -9.89 17.70
C VAL A 226 -35.40 -8.81 17.62
N ILE A 227 -36.21 -8.84 16.59
CA ILE A 227 -37.18 -7.77 16.36
C ILE A 227 -38.21 -7.71 17.49
N LYS A 228 -38.85 -8.85 17.78
CA LYS A 228 -39.89 -8.90 18.80
C LYS A 228 -39.40 -8.60 20.21
N ALA A 229 -38.09 -8.66 20.44
CA ALA A 229 -37.52 -8.27 21.73
C ALA A 229 -37.12 -6.79 21.77
N VAL A 230 -37.09 -6.13 20.62
CA VAL A 230 -36.68 -4.72 20.53
C VAL A 230 -37.85 -3.77 20.24
N VAL A 231 -38.74 -4.16 19.33
CA VAL A 231 -39.85 -3.29 18.95
C VAL A 231 -41.08 -3.56 19.81
N PRO A 232 -41.66 -2.50 20.40
CA PRO A 232 -42.93 -2.63 21.13
C PRO A 232 -44.03 -3.26 20.27
N ALA A 233 -44.72 -4.24 20.83
CA ALA A 233 -45.69 -5.04 20.07
C ALA A 233 -46.77 -4.20 19.38
N LYS A 234 -47.20 -3.13 20.03
CA LYS A 234 -48.19 -2.21 19.47
C LYS A 234 -47.75 -1.53 18.15
N TYR A 235 -46.46 -1.56 17.84
CA TYR A 235 -45.98 -1.06 16.55
C TYR A 235 -45.94 -2.14 15.45
N LEU A 236 -45.87 -3.41 15.86
CA LEU A 236 -45.83 -4.52 14.90
C LEU A 236 -47.24 -5.06 14.60
N ASP A 237 -47.46 -5.44 13.34
CA ASP A 237 -48.73 -6.05 12.94
C ASP A 237 -48.59 -6.89 11.67
N GLU A 238 -49.68 -7.49 11.23
CA GLU A 238 -49.65 -8.45 10.11
C GLU A 238 -49.25 -7.83 8.76
N ASP A 239 -49.33 -6.51 8.65
CA ASP A 239 -48.98 -5.81 7.42
C ASP A 239 -47.54 -5.31 7.41
N THR A 240 -46.86 -5.36 8.56
CA THR A 240 -45.46 -4.95 8.64
C THR A 240 -44.65 -5.82 7.69
N ILE A 241 -43.85 -5.18 6.86
CA ILE A 241 -43.04 -5.88 5.86
C ILE A 241 -41.68 -6.19 6.47
N TYR A 242 -41.18 -7.40 6.22
CA TYR A 242 -39.89 -7.85 6.72
C TYR A 242 -38.94 -8.26 5.58
N HIS A 243 -37.89 -7.47 5.39
CA HIS A 243 -36.79 -7.85 4.51
C HIS A 243 -35.61 -8.29 5.38
N LEU A 244 -35.55 -9.59 5.65
CA LEU A 244 -34.53 -10.16 6.52
C LEU A 244 -33.60 -11.02 5.67
N GLN A 245 -32.31 -10.76 5.78
CA GLN A 245 -31.30 -11.37 4.93
C GLN A 245 -31.71 -11.31 3.46
N PRO A 246 -32.16 -10.13 3.00
CA PRO A 246 -32.70 -10.04 1.64
C PRO A 246 -31.69 -10.34 0.52
N SER A 247 -30.39 -10.26 0.80
CA SER A 247 -29.37 -10.59 -0.20
C SER A 247 -29.25 -12.10 -0.45
N GLY A 248 -29.72 -12.91 0.51
CA GLY A 248 -29.73 -14.37 0.40
C GLY A 248 -28.50 -15.05 0.98
N ARG A 249 -27.35 -14.39 0.85
CA ARG A 249 -26.10 -14.89 1.40
C ARG A 249 -25.27 -13.71 1.89
N PHE A 250 -24.66 -13.88 3.06
CA PHE A 250 -23.89 -12.82 3.72
C PHE A 250 -22.84 -13.50 4.58
N VAL A 251 -21.93 -14.20 3.92
CA VAL A 251 -20.84 -14.88 4.59
C VAL A 251 -19.63 -13.96 4.59
N ILE A 252 -19.23 -13.49 3.41
CA ILE A 252 -18.17 -12.51 3.28
C ILE A 252 -18.66 -11.19 3.87
N GLY A 253 -17.95 -10.67 4.86
CA GLY A 253 -18.34 -9.42 5.51
C GLY A 253 -17.15 -8.61 6.00
N GLY A 254 -17.42 -7.60 6.82
CA GLY A 254 -16.34 -6.79 7.38
C GLY A 254 -15.54 -6.08 6.28
N PRO A 255 -14.30 -5.70 6.59
CA PRO A 255 -13.50 -4.98 5.61
C PRO A 255 -13.25 -5.76 4.31
N GLN A 256 -13.39 -7.08 4.36
CA GLN A 256 -13.21 -7.90 3.16
C GLN A 256 -14.30 -7.67 2.13
N GLY A 257 -15.53 -7.47 2.59
CA GLY A 257 -16.67 -7.33 1.69
C GLY A 257 -16.92 -5.90 1.25
N ASP A 258 -16.34 -4.94 1.96
CA ASP A 258 -16.57 -3.52 1.69
C ASP A 258 -15.58 -2.67 2.48
N ALA A 259 -14.83 -1.81 1.80
CA ALA A 259 -13.85 -0.97 2.48
C ALA A 259 -14.53 -0.08 3.50
N GLY A 260 -13.85 0.14 4.62
CA GLY A 260 -14.32 1.03 5.67
C GLY A 260 -13.45 2.28 5.81
N LEU A 261 -14.09 3.39 6.19
CA LEU A 261 -13.44 4.67 6.35
C LEU A 261 -14.05 5.37 7.56
N THR A 262 -13.24 6.15 8.28
CA THR A 262 -13.75 6.99 9.37
C THR A 262 -14.62 8.11 8.80
N GLY A 263 -15.73 8.42 9.46
CA GLY A 263 -16.57 9.58 9.10
C GLY A 263 -17.56 9.36 7.96
N ARG A 264 -17.90 8.10 7.69
CA ARG A 264 -18.80 7.74 6.59
C ARG A 264 -20.16 7.22 7.07
N LYS A 265 -20.47 7.49 8.34
CA LYS A 265 -21.78 7.14 8.91
C LYS A 265 -22.34 8.26 9.79
N ILE A 266 -22.26 9.50 9.30
CA ILE A 266 -22.55 10.68 10.13
C ILE A 266 -24.04 10.88 10.39
N ILE A 267 -24.87 10.35 9.49
CA ILE A 267 -26.32 10.36 9.70
C ILE A 267 -26.73 9.27 10.67
N VAL A 268 -26.05 8.14 10.61
CA VAL A 268 -26.21 7.10 11.62
C VAL A 268 -25.72 7.57 13.00
N ASP A 269 -24.64 8.36 13.02
CA ASP A 269 -24.08 8.91 14.26
C ASP A 269 -25.01 9.92 14.93
N THR A 270 -25.94 10.49 14.15
CA THR A 270 -26.75 11.62 14.59
C THR A 270 -28.26 11.33 14.55
N TYR A 271 -28.99 11.94 13.64
CA TYR A 271 -30.47 11.93 13.68
C TYR A 271 -31.18 11.11 12.60
N GLY A 272 -30.46 10.22 11.91
CA GLY A 272 -31.07 9.29 10.95
C GLY A 272 -32.03 9.91 9.94
N GLY A 273 -31.67 11.11 9.45
CA GLY A 273 -32.43 11.80 8.41
C GLY A 273 -33.30 12.92 8.93
N TRP A 274 -33.50 12.94 10.25
CA TRP A 274 -34.24 14.02 10.90
C TRP A 274 -33.30 15.18 11.20
N GLY A 275 -33.85 16.25 11.77
CA GLY A 275 -33.04 17.39 12.19
C GLY A 275 -32.29 17.97 11.02
N ALA A 276 -30.98 18.08 11.15
CA ALA A 276 -30.14 18.66 10.11
C ALA A 276 -28.68 18.39 10.44
N HIS A 277 -27.80 18.61 9.46
CA HIS A 277 -26.39 18.30 9.63
C HIS A 277 -25.54 19.23 8.74
N GLY A 278 -24.50 19.81 9.32
CA GLY A 278 -23.65 20.80 8.65
C GLY A 278 -22.50 20.25 7.83
N GLY A 279 -21.92 19.13 8.26
CA GLY A 279 -20.96 18.39 7.45
C GLY A 279 -19.92 17.56 8.20
N GLY A 280 -19.62 17.95 9.44
CA GLY A 280 -18.48 17.39 10.16
C GLY A 280 -18.69 16.02 10.77
N ALA A 281 -17.71 15.13 10.57
CA ALA A 281 -17.69 13.85 11.24
C ALA A 281 -17.16 14.01 12.67
N PHE A 282 -17.50 13.06 13.54
CA PHE A 282 -17.15 13.16 14.95
C PHE A 282 -15.88 12.42 15.32
N SER A 283 -15.81 11.15 14.94
CA SER A 283 -14.76 10.27 15.44
C SER A 283 -13.37 10.63 14.91
N GLY A 284 -12.37 10.37 15.75
CA GLY A 284 -10.98 10.71 15.47
C GLY A 284 -10.59 12.15 15.78
N LYS A 285 -11.57 12.96 16.20
CA LYS A 285 -11.36 14.37 16.47
C LYS A 285 -11.48 14.60 17.97
N ASP A 286 -10.59 15.42 18.52
CA ASP A 286 -10.64 15.75 19.94
C ASP A 286 -11.61 16.90 20.17
N TYR A 287 -11.91 17.13 21.44
CA TYR A 287 -12.87 18.16 21.88
C TYR A 287 -12.62 19.60 21.42
N THR A 288 -11.39 19.96 21.04
CA THR A 288 -11.14 21.32 20.53
C THR A 288 -11.69 21.57 19.13
N LYS A 289 -12.16 20.51 18.45
CA LYS A 289 -12.91 20.67 17.21
C LYS A 289 -14.37 20.93 17.54
N VAL A 290 -14.87 22.09 17.10
CA VAL A 290 -16.21 22.55 17.44
C VAL A 290 -17.28 21.75 16.73
N ASP A 291 -16.93 21.21 15.56
CA ASP A 291 -17.74 20.23 14.84
C ASP A 291 -18.30 19.12 15.74
N ARG A 292 -17.52 18.67 16.71
CA ARG A 292 -17.94 17.59 17.59
C ARG A 292 -18.61 18.10 18.87
N SER A 293 -17.87 18.92 19.62
CA SER A 293 -18.29 19.32 20.96
C SER A 293 -19.49 20.29 20.99
N ALA A 294 -19.60 21.17 19.99
CA ALA A 294 -20.76 22.07 19.90
C ALA A 294 -22.00 21.36 19.33
N ALA A 295 -21.79 20.33 18.52
CA ALA A 295 -22.89 19.49 18.07
C ALA A 295 -23.47 18.75 19.27
N TYR A 296 -22.60 18.32 20.17
CA TYR A 296 -23.01 17.71 21.43
C TYR A 296 -23.79 18.71 22.30
N ALA A 297 -23.30 19.95 22.34
CA ALA A 297 -23.95 20.99 23.15
C ALA A 297 -25.32 21.36 22.59
N ALA A 298 -25.40 21.53 21.28
CA ALA A 298 -26.67 21.83 20.61
C ALA A 298 -27.70 20.73 20.89
N ARG A 299 -27.26 19.48 20.86
CA ARG A 299 -28.12 18.36 21.25
C ARG A 299 -28.59 18.54 22.69
N TRP A 300 -27.68 18.92 23.57
CA TRP A 300 -27.95 19.11 25.00
C TRP A 300 -29.04 20.14 25.25
N VAL A 301 -28.93 21.26 24.56
CA VAL A 301 -29.95 22.29 24.57
C VAL A 301 -31.28 21.73 24.08
N ALA A 302 -31.27 21.14 22.88
CA ALA A 302 -32.49 20.62 22.27
C ALA A 302 -33.20 19.64 23.20
N LYS A 303 -32.45 18.71 23.77
CA LYS A 303 -33.04 17.72 24.66
C LYS A 303 -33.57 18.39 25.94
N SER A 304 -32.85 19.39 26.44
CA SER A 304 -33.26 20.12 27.64
C SER A 304 -34.57 20.86 27.44
N LEU A 305 -34.76 21.44 26.25
CA LEU A 305 -35.99 22.12 25.91
C LEU A 305 -37.20 21.19 25.91
N VAL A 306 -37.02 19.98 25.39
CA VAL A 306 -38.11 19.03 25.27
C VAL A 306 -38.40 18.37 26.62
N LYS A 307 -37.35 17.91 27.29
CA LYS A 307 -37.50 17.31 28.61
C LYS A 307 -37.98 18.32 29.64
N GLY A 308 -37.68 19.59 29.40
CA GLY A 308 -38.20 20.68 30.22
C GLY A 308 -39.63 21.09 29.91
N GLY A 309 -40.30 20.39 28.99
CA GLY A 309 -41.70 20.67 28.66
C GLY A 309 -41.97 21.91 27.81
N LEU A 310 -40.92 22.58 27.35
CA LEU A 310 -41.08 23.81 26.57
C LEU A 310 -41.39 23.54 25.09
N CYS A 311 -40.98 22.37 24.59
CA CYS A 311 -41.27 21.94 23.21
C CYS A 311 -41.61 20.47 23.18
N ARG A 312 -42.45 20.06 22.25
CA ARG A 312 -42.62 18.64 21.96
C ARG A 312 -41.60 18.20 20.92
N ARG A 313 -41.03 19.17 20.20
CA ARG A 313 -40.13 18.90 19.10
C ARG A 313 -39.34 20.16 18.82
N VAL A 314 -38.02 20.04 18.62
CA VAL A 314 -37.22 21.26 18.42
C VAL A 314 -35.93 21.03 17.65
N LEU A 315 -35.58 21.99 16.80
CA LEU A 315 -34.30 22.02 16.10
C LEU A 315 -33.57 23.30 16.51
N VAL A 316 -32.37 23.16 17.05
CA VAL A 316 -31.57 24.30 17.51
C VAL A 316 -30.40 24.57 16.58
N GLN A 317 -30.37 25.76 15.98
CA GLN A 317 -29.27 26.19 15.10
C GLN A 317 -28.30 27.07 15.85
N VAL A 318 -27.02 26.69 15.90
CA VAL A 318 -26.01 27.56 16.48
C VAL A 318 -24.99 27.98 15.41
N SER A 319 -25.05 29.26 15.03
CA SER A 319 -24.04 29.86 14.16
C SER A 319 -22.90 30.38 15.00
N TYR A 320 -21.70 29.86 14.75
CA TYR A 320 -20.47 30.44 15.27
C TYR A 320 -19.82 31.26 14.16
N ALA A 321 -19.06 32.27 14.55
CA ALA A 321 -18.41 33.17 13.61
C ALA A 321 -17.00 33.50 14.06
N ILE A 322 -16.11 33.67 13.08
CA ILE A 322 -14.72 34.01 13.32
C ILE A 322 -14.60 35.21 14.26
N GLY A 323 -13.81 35.04 15.33
CA GLY A 323 -13.51 36.14 16.26
C GLY A 323 -14.58 36.48 17.29
N VAL A 324 -15.40 35.50 17.67
CA VAL A 324 -16.37 35.66 18.76
C VAL A 324 -16.46 34.35 19.53
N SER A 325 -16.47 34.43 20.86
CA SER A 325 -16.55 33.23 21.69
C SER A 325 -17.99 32.69 21.69
N HIS A 326 -18.93 33.53 22.11
CA HIS A 326 -20.34 33.15 22.06
C HIS A 326 -20.81 32.97 20.61
N PRO A 327 -21.84 32.13 20.41
CA PRO A 327 -22.47 32.01 19.10
C PRO A 327 -22.88 33.37 18.52
N LEU A 328 -22.66 33.56 17.23
CA LEU A 328 -23.06 34.77 16.53
C LEU A 328 -24.59 34.87 16.46
N SER A 329 -25.25 33.74 16.33
CA SER A 329 -26.72 33.70 16.26
C SER A 329 -27.25 32.32 16.59
N ILE A 330 -28.39 32.29 17.27
CA ILE A 330 -29.08 31.05 17.59
C ILE A 330 -30.52 31.15 17.13
N SER A 331 -30.95 30.18 16.33
CA SER A 331 -32.35 30.06 15.96
C SER A 331 -32.93 28.80 16.59
N ILE A 332 -34.23 28.81 16.85
CA ILE A 332 -34.92 27.71 17.52
C ILE A 332 -36.21 27.42 16.78
N PHE A 333 -36.24 26.31 16.05
CA PHE A 333 -37.42 25.92 15.33
C PHE A 333 -38.18 24.90 16.18
N HIS A 334 -39.28 25.34 16.78
CA HIS A 334 -40.07 24.50 17.69
C HIS A 334 -41.30 23.92 16.98
N TYR A 335 -41.37 24.10 15.66
CA TYR A 335 -42.42 23.50 14.83
C TYR A 335 -43.85 23.83 15.28
N GLY A 336 -44.02 24.96 15.97
CA GLY A 336 -45.28 25.34 16.59
C GLY A 336 -45.68 24.55 17.84
N THR A 337 -44.75 23.79 18.41
CA THR A 337 -45.05 22.96 19.58
C THR A 337 -44.76 23.64 20.91
N SER A 338 -44.31 24.89 20.87
CA SER A 338 -44.06 25.66 22.07
C SER A 338 -45.17 26.68 22.27
N GLN A 339 -45.64 26.81 23.51
CA GLN A 339 -46.54 27.92 23.86
C GLN A 339 -45.76 29.24 23.82
N LYS A 340 -44.49 29.18 24.23
CA LYS A 340 -43.62 30.36 24.21
C LYS A 340 -43.04 30.62 22.81
N SER A 341 -42.79 31.90 22.53
CA SER A 341 -42.26 32.32 21.23
C SER A 341 -40.79 31.96 21.10
N GLU A 342 -40.25 32.10 19.89
CA GLU A 342 -38.84 31.84 19.63
C GLU A 342 -37.95 32.75 20.47
N ARG A 343 -38.30 34.03 20.56
CA ARG A 343 -37.50 34.97 21.34
C ARG A 343 -37.49 34.58 22.82
N GLU A 344 -38.63 34.13 23.33
CA GLU A 344 -38.74 33.68 24.71
C GLU A 344 -37.87 32.46 24.96
N LEU A 345 -37.90 31.49 24.04
CA LEU A 345 -37.08 30.28 24.14
C LEU A 345 -35.59 30.59 24.03
N LEU A 346 -35.24 31.53 23.16
CA LEU A 346 -33.85 31.98 23.03
C LEU A 346 -33.36 32.58 24.35
N GLU A 347 -34.18 33.42 24.97
CA GLU A 347 -33.85 34.03 26.26
C GLU A 347 -33.66 32.97 27.34
N ILE A 348 -34.53 31.96 27.34
CA ILE A 348 -34.39 30.84 28.27
C ILE A 348 -33.06 30.13 28.02
N VAL A 349 -32.70 29.98 26.76
CA VAL A 349 -31.44 29.33 26.39
C VAL A 349 -30.24 30.14 26.85
N LYS A 350 -30.31 31.46 26.72
CA LYS A 350 -29.16 32.33 27.02
C LYS A 350 -28.78 32.39 28.51
N LYS A 351 -29.75 32.21 29.42
CA LYS A 351 -29.45 32.30 30.85
C LYS A 351 -29.22 30.95 31.52
N ASN A 352 -29.46 29.85 30.81
CA ASN A 352 -29.18 28.51 31.33
C ASN A 352 -27.99 27.82 30.67
N PHE A 353 -27.53 28.36 29.54
CA PHE A 353 -26.45 27.73 28.77
C PHE A 353 -25.38 28.74 28.38
N ASP A 354 -24.14 28.28 28.41
CA ASP A 354 -23.00 29.04 27.93
C ASP A 354 -22.40 28.21 26.79
N LEU A 355 -22.59 28.68 25.56
CA LEU A 355 -22.16 27.91 24.38
C LEU A 355 -20.85 28.41 23.77
N ARG A 356 -19.90 28.79 24.63
CA ARG A 356 -18.53 29.06 24.21
C ARG A 356 -17.75 27.74 24.31
N PRO A 357 -17.06 27.34 23.23
CA PRO A 357 -16.35 26.04 23.21
C PRO A 357 -15.70 25.66 24.53
N GLY A 358 -14.89 26.56 25.09
CA GLY A 358 -14.14 26.31 26.31
C GLY A 358 -15.04 25.90 27.48
N VAL A 359 -16.18 26.57 27.59
CA VAL A 359 -17.11 26.29 28.68
C VAL A 359 -17.84 24.97 28.43
N ILE A 360 -18.12 24.68 27.16
CA ILE A 360 -18.76 23.43 26.79
C ILE A 360 -17.92 22.23 27.21
N VAL A 361 -16.62 22.27 26.98
CA VAL A 361 -15.77 21.11 27.29
C VAL A 361 -15.63 20.94 28.79
N ARG A 362 -15.70 22.05 29.52
CA ARG A 362 -15.64 22.06 30.97
C ARG A 362 -16.94 21.49 31.52
N ASP A 363 -18.06 22.05 31.09
CA ASP A 363 -19.38 21.66 31.60
C ASP A 363 -19.74 20.21 31.28
N LEU A 364 -19.43 19.76 30.07
CA LEU A 364 -19.76 18.39 29.65
C LEU A 364 -18.64 17.39 29.94
N ASP A 365 -17.50 17.87 30.43
CA ASP A 365 -16.42 17.01 30.89
C ASP A 365 -15.76 16.28 29.69
N LEU A 366 -15.52 17.04 28.63
CA LEU A 366 -15.15 16.46 27.34
C LEU A 366 -13.66 16.13 27.18
N LYS A 367 -12.86 16.38 28.22
CA LYS A 367 -11.44 16.01 28.19
C LYS A 367 -11.24 14.55 28.55
N LYS A 368 -12.27 13.91 29.09
CA LYS A 368 -12.16 12.53 29.57
C LYS A 368 -12.24 11.54 28.40
N PRO A 369 -11.59 10.36 28.57
CA PRO A 369 -11.44 9.41 27.48
C PRO A 369 -12.62 8.43 27.38
N ILE A 370 -13.79 8.94 26.99
CA ILE A 370 -14.97 8.09 26.82
C ILE A 370 -15.60 8.28 25.43
N TYR A 371 -14.76 8.58 24.44
CA TYR A 371 -15.23 8.80 23.07
C TYR A 371 -15.45 7.52 22.27
N GLN A 372 -14.83 6.41 22.69
CA GLN A 372 -14.98 5.17 21.95
C GLN A 372 -16.39 4.60 22.07
N ARG A 373 -17.02 4.77 23.22
CA ARG A 373 -18.40 4.31 23.39
C ARG A 373 -19.40 5.08 22.51
N THR A 374 -19.03 6.26 22.04
CA THR A 374 -19.89 7.04 21.15
C THR A 374 -19.85 6.56 19.70
N ALA A 375 -18.83 5.76 19.36
CA ALA A 375 -18.51 5.47 17.97
C ALA A 375 -19.33 4.32 17.35
N ALA A 376 -20.24 3.75 18.13
CA ALA A 376 -21.25 2.85 17.57
C ALA A 376 -22.55 3.02 18.33
N TYR A 377 -23.67 2.81 17.62
CA TYR A 377 -25.02 2.89 18.19
C TYR A 377 -25.54 4.31 18.35
N GLY A 378 -24.85 5.27 17.74
CA GLY A 378 -25.29 6.67 17.75
C GLY A 378 -24.70 7.46 18.90
N HIS A 379 -24.38 8.72 18.63
CA HIS A 379 -23.83 9.64 19.64
C HIS A 379 -24.94 10.28 20.49
N PHE A 380 -26.15 10.30 19.95
CA PHE A 380 -27.31 10.86 20.64
C PHE A 380 -28.35 9.76 20.95
N GLY A 381 -29.01 9.89 22.10
CA GLY A 381 -30.00 8.89 22.54
C GLY A 381 -29.73 8.21 23.87
N ARG A 382 -28.47 7.93 24.18
CA ARG A 382 -28.14 7.14 25.39
C ARG A 382 -27.78 8.01 26.61
N ASP A 383 -28.43 7.73 27.74
CA ASP A 383 -28.29 8.52 29.00
C ASP A 383 -26.87 8.61 29.55
N SER A 384 -26.03 7.65 29.21
CA SER A 384 -24.70 7.57 29.75
C SER A 384 -23.81 8.76 29.37
N PHE A 385 -24.22 9.54 28.38
CA PHE A 385 -23.44 10.69 27.94
C PHE A 385 -23.90 11.98 28.62
N PRO A 386 -22.94 12.87 28.96
CA PRO A 386 -23.26 14.14 29.61
C PRO A 386 -24.28 14.99 28.85
N TRP A 387 -24.15 15.04 27.52
CA TRP A 387 -25.03 15.85 26.67
C TRP A 387 -26.44 15.26 26.55
N GLU A 388 -26.64 14.07 27.09
CA GLU A 388 -27.95 13.43 27.15
C GLU A 388 -28.57 13.53 28.54
N VAL A 389 -27.89 14.25 29.45
CA VAL A 389 -28.45 14.56 30.77
C VAL A 389 -29.14 15.92 30.71
N PRO A 390 -30.49 15.94 30.74
CA PRO A 390 -31.17 17.24 30.62
C PRO A 390 -30.86 18.20 31.75
N LYS A 391 -30.53 19.43 31.40
CA LYS A 391 -30.34 20.48 32.38
C LYS A 391 -31.70 20.93 32.90
N LYS A 392 -31.83 21.01 34.22
CA LYS A 392 -33.01 21.63 34.83
C LYS A 392 -32.99 23.10 34.48
N LEU A 393 -34.03 23.57 33.82
CA LEU A 393 -34.06 24.94 33.31
C LEU A 393 -34.68 25.91 34.34
N LYS A 394 -34.05 27.07 34.50
CA LYS A 394 -34.55 28.15 35.36
C LYS A 394 -34.89 29.39 34.53
N TYR A 395 -36.16 29.79 34.56
CA TYR A 395 -36.62 30.97 33.80
C TYR A 395 -37.81 31.64 34.49
N ILE B 13 -34.99 44.20 15.98
CA ILE B 13 -36.21 43.65 15.33
C ILE B 13 -35.84 42.36 14.55
N GLU B 14 -36.79 41.41 14.46
CA GLU B 14 -36.48 40.05 13.99
C GLU B 14 -37.53 39.38 13.08
N GLU B 15 -38.81 39.48 13.43
CA GLU B 15 -39.91 38.87 12.63
C GLU B 15 -39.85 37.33 12.59
N GLY B 16 -39.51 36.75 11.44
CA GLY B 16 -39.21 35.32 11.32
C GLY B 16 -37.95 35.15 10.47
N THR B 17 -36.89 35.85 10.88
CA THR B 17 -35.61 35.87 10.16
C THR B 17 -34.67 34.82 10.77
N PHE B 18 -33.70 34.37 9.97
CA PHE B 18 -32.66 33.48 10.46
C PHE B 18 -31.42 33.58 9.58
N LEU B 19 -30.30 33.14 10.12
CA LEU B 19 -29.06 33.01 9.35
C LEU B 19 -28.89 31.55 8.93
N PHE B 20 -28.35 31.36 7.74
CA PHE B 20 -27.96 30.04 7.27
C PHE B 20 -26.65 30.14 6.52
N THR B 21 -25.84 29.10 6.62
CA THR B 21 -24.48 29.09 6.11
C THR B 21 -24.20 27.76 5.43
N SER B 22 -23.50 27.79 4.30
CA SER B 22 -23.07 26.58 3.62
C SER B 22 -21.64 26.75 3.13
N GLU B 23 -20.86 25.67 3.16
CA GLU B 23 -19.50 25.71 2.64
C GLU B 23 -19.35 24.89 1.37
N SER B 24 -18.34 25.26 0.59
CA SER B 24 -17.84 24.42 -0.48
C SER B 24 -16.33 24.44 -0.40
N VAL B 25 -15.69 23.42 -0.97
CA VAL B 25 -14.23 23.35 -0.99
C VAL B 25 -13.74 23.13 -2.42
N GLY B 26 -12.57 23.67 -2.71
CA GLY B 26 -11.97 23.56 -4.04
C GLY B 26 -11.43 22.18 -4.32
N GLU B 27 -10.97 21.98 -5.54
CA GLU B 27 -10.52 20.66 -5.98
C GLU B 27 -9.32 20.15 -5.20
N GLY B 28 -8.50 21.07 -4.70
CA GLY B 28 -7.29 20.72 -3.98
C GLY B 28 -7.48 20.39 -2.51
N HIS B 29 -8.68 20.58 -1.98
CA HIS B 29 -8.94 20.18 -0.61
C HIS B 29 -8.83 18.66 -0.57
N PRO B 30 -8.09 18.10 0.42
CA PRO B 30 -7.76 16.68 0.42
C PRO B 30 -8.95 15.74 0.26
N ASP B 31 -10.05 16.04 0.95
CA ASP B 31 -11.27 15.25 0.79
C ASP B 31 -11.74 15.26 -0.65
N LYS B 32 -11.72 16.43 -1.29
CA LYS B 32 -12.24 16.54 -2.65
C LYS B 32 -11.24 15.99 -3.67
N ILE B 33 -9.98 15.87 -3.30
CA ILE B 33 -9.03 15.15 -4.13
C ILE B 33 -9.44 13.68 -4.24
N CYS B 34 -9.69 13.05 -3.09
CA CYS B 34 -10.22 11.69 -3.02
C CYS B 34 -11.52 11.49 -3.83
N ASP B 35 -12.46 12.42 -3.71
CA ASP B 35 -13.71 12.32 -4.45
C ASP B 35 -13.47 12.31 -5.96
N GLN B 36 -12.61 13.20 -6.44
CA GLN B 36 -12.32 13.31 -7.87
C GLN B 36 -11.50 12.13 -8.39
N ILE B 37 -10.56 11.65 -7.59
CA ILE B 37 -9.79 10.47 -7.99
C ILE B 37 -10.72 9.26 -8.10
N SER B 38 -11.56 9.04 -7.09
CA SER B 38 -12.50 7.93 -7.11
C SER B 38 -13.42 7.96 -8.34
N ASP B 39 -13.85 9.16 -8.72
CA ASP B 39 -14.70 9.32 -9.89
C ASP B 39 -13.93 9.17 -11.22
N ALA B 40 -12.64 9.50 -11.23
CA ALA B 40 -11.78 9.28 -12.40
C ALA B 40 -11.59 7.78 -12.67
N VAL B 41 -11.37 7.04 -11.58
CA VAL B 41 -11.28 5.58 -11.63
C VAL B 41 -12.58 4.97 -12.15
N LEU B 42 -13.71 5.51 -11.71
CA LEU B 42 -15.01 5.02 -12.16
C LEU B 42 -15.20 5.30 -13.65
N ASP B 43 -14.90 6.53 -14.07
CA ASP B 43 -14.99 6.89 -15.48
C ASP B 43 -14.08 6.02 -16.34
N ALA B 44 -12.83 5.81 -15.89
CA ALA B 44 -11.90 4.96 -16.63
C ALA B 44 -12.50 3.58 -16.90
N HIS B 45 -13.14 3.00 -15.89
CA HIS B 45 -13.79 1.70 -16.05
C HIS B 45 -15.01 1.74 -17.00
N LEU B 46 -15.84 2.76 -16.87
CA LEU B 46 -17.05 2.87 -17.70
C LEU B 46 -16.77 3.16 -19.19
N GLN B 47 -15.59 3.70 -19.49
CA GLN B 47 -15.18 3.93 -20.88
C GLN B 47 -15.07 2.62 -21.67
N GLN B 48 -14.61 1.57 -21.01
CA GLN B 48 -14.43 0.27 -21.63
C GLN B 48 -15.54 -0.73 -21.30
N ASP B 49 -16.03 -0.70 -20.05
CA ASP B 49 -17.06 -1.63 -19.60
C ASP B 49 -18.20 -0.86 -18.95
N PRO B 50 -19.27 -0.58 -19.71
CA PRO B 50 -20.40 0.17 -19.15
C PRO B 50 -21.09 -0.51 -17.97
N ASP B 51 -20.97 -1.84 -17.84
CA ASP B 51 -21.60 -2.56 -16.69
C ASP B 51 -20.63 -2.82 -15.52
N ALA B 52 -19.51 -2.09 -15.49
CA ALA B 52 -18.52 -2.23 -14.42
C ALA B 52 -19.16 -2.04 -13.04
N LYS B 53 -18.79 -2.90 -12.10
CA LYS B 53 -19.20 -2.73 -10.71
C LYS B 53 -18.05 -2.07 -9.96
N VAL B 54 -18.23 -0.80 -9.61
CA VAL B 54 -17.18 0.00 -8.96
C VAL B 54 -17.59 0.51 -7.58
N ALA B 55 -16.68 0.31 -6.63
CA ALA B 55 -16.78 0.85 -5.29
C ALA B 55 -15.38 1.27 -4.88
N CYS B 56 -14.91 2.40 -5.43
CA CYS B 56 -13.54 2.85 -5.22
C CYS B 56 -13.46 3.91 -4.12
N GLU B 57 -12.76 3.60 -3.04
CA GLU B 57 -12.48 4.59 -2.00
C GLU B 57 -11.06 5.06 -2.20
N THR B 58 -10.84 6.36 -2.12
CA THR B 58 -9.53 6.93 -2.22
C THR B 58 -9.14 7.59 -0.90
N VAL B 59 -7.86 7.48 -0.55
CA VAL B 59 -7.30 8.10 0.65
C VAL B 59 -6.11 8.99 0.25
N ALA B 60 -6.13 10.24 0.68
CA ALA B 60 -5.09 11.22 0.35
C ALA B 60 -4.41 11.73 1.62
N LYS B 61 -3.09 11.88 1.54
CA LYS B 61 -2.23 11.98 2.69
C LYS B 61 -0.89 12.51 2.20
N THR B 62 -0.08 13.08 3.08
CA THR B 62 1.27 13.51 2.73
C THR B 62 1.98 12.47 1.86
N GLY B 63 2.25 12.86 0.62
CA GLY B 63 2.96 12.00 -0.34
C GLY B 63 2.26 10.76 -0.83
N MET B 64 0.97 10.59 -0.52
CA MET B 64 0.31 9.31 -0.77
C MET B 64 -1.13 9.42 -1.27
N ILE B 65 -1.43 8.57 -2.26
CA ILE B 65 -2.79 8.29 -2.64
C ILE B 65 -2.95 6.78 -2.53
N LEU B 66 -3.92 6.33 -1.75
CA LEU B 66 -4.23 4.90 -1.63
C LEU B 66 -5.60 4.66 -2.23
N LEU B 67 -5.72 3.62 -3.05
CA LEU B 67 -7.01 3.18 -3.57
C LEU B 67 -7.43 1.91 -2.84
N ALA B 68 -8.58 1.96 -2.19
CA ALA B 68 -9.11 0.79 -1.48
C ALA B 68 -10.57 0.59 -1.84
N GLY B 69 -10.98 -0.65 -2.00
CA GLY B 69 -12.35 -0.94 -2.37
C GLY B 69 -12.47 -2.13 -3.28
N GLU B 70 -13.54 -2.17 -4.07
CA GLU B 70 -13.81 -3.34 -4.89
C GLU B 70 -14.43 -3.03 -6.26
N ILE B 71 -13.90 -3.72 -7.27
CA ILE B 71 -14.21 -3.43 -8.67
C ILE B 71 -14.20 -4.74 -9.42
N THR B 72 -15.34 -5.07 -10.02
CA THR B 72 -15.43 -6.16 -10.98
C THR B 72 -15.73 -5.54 -12.34
N SER B 73 -14.83 -5.74 -13.30
CA SER B 73 -14.92 -5.04 -14.58
C SER B 73 -14.10 -5.74 -15.65
N ARG B 74 -14.49 -5.54 -16.91
CA ARG B 74 -13.74 -6.10 -18.05
C ARG B 74 -12.70 -5.11 -18.57
N ALA B 75 -12.66 -3.92 -18.00
CA ALA B 75 -11.71 -2.89 -18.43
C ALA B 75 -10.29 -3.19 -18.00
N ALA B 76 -9.35 -2.79 -18.83
CA ALA B 76 -7.93 -2.79 -18.47
C ALA B 76 -7.62 -1.37 -18.06
N VAL B 77 -7.41 -1.16 -16.77
CA VAL B 77 -7.21 0.17 -16.23
C VAL B 77 -5.86 0.27 -15.57
N ASP B 78 -5.09 1.28 -15.99
CA ASP B 78 -3.77 1.57 -15.40
C ASP B 78 -3.98 2.55 -14.25
N TYR B 79 -4.09 2.03 -13.03
CA TYR B 79 -4.40 2.86 -11.86
C TYR B 79 -3.36 3.97 -11.61
N GLN B 80 -2.08 3.66 -11.79
CA GLN B 80 -1.02 4.68 -11.60
C GLN B 80 -1.26 5.90 -12.49
N LYS B 81 -1.64 5.67 -13.75
CA LYS B 81 -1.84 6.75 -14.71
C LYS B 81 -3.11 7.55 -14.40
N VAL B 82 -4.22 6.87 -14.16
CA VAL B 82 -5.46 7.57 -13.87
C VAL B 82 -5.32 8.44 -12.61
N VAL B 83 -4.69 7.89 -11.58
CA VAL B 83 -4.52 8.65 -10.33
C VAL B 83 -3.61 9.85 -10.55
N ARG B 84 -2.47 9.64 -11.18
CA ARG B 84 -1.51 10.72 -11.39
C ARG B 84 -2.01 11.79 -12.38
N GLU B 85 -2.74 11.38 -13.40
CA GLU B 85 -3.34 12.35 -14.34
C GLU B 85 -4.38 13.23 -13.65
N ALA B 86 -5.11 12.64 -12.69
CA ALA B 86 -6.11 13.37 -11.93
C ALA B 86 -5.47 14.42 -11.03
N VAL B 87 -4.38 14.04 -10.38
CA VAL B 87 -3.67 14.94 -9.51
C VAL B 87 -3.00 16.04 -10.34
N LYS B 88 -2.62 15.69 -11.57
CA LYS B 88 -2.07 16.66 -12.52
C LYS B 88 -3.10 17.73 -12.86
N HIS B 89 -4.28 17.28 -13.28
CA HIS B 89 -5.37 18.18 -13.64
C HIS B 89 -5.81 19.06 -12.46
N ILE B 90 -5.79 18.51 -11.26
CA ILE B 90 -6.10 19.26 -10.04
C ILE B 90 -5.07 20.37 -9.80
N GLY B 91 -3.82 20.15 -10.20
CA GLY B 91 -2.80 21.21 -10.18
C GLY B 91 -1.60 21.00 -9.28
N TYR B 92 -1.47 19.79 -8.72
CA TYR B 92 -0.34 19.47 -7.83
C TYR B 92 0.81 18.81 -8.61
N ASP B 93 1.84 19.59 -8.93
CA ASP B 93 2.90 19.17 -9.85
C ASP B 93 4.31 19.61 -9.42
N ASP B 94 4.51 19.86 -8.13
CA ASP B 94 5.81 20.33 -7.63
C ASP B 94 5.83 20.27 -6.12
N SER B 95 7.03 20.13 -5.55
CA SER B 95 7.22 20.11 -4.10
C SER B 95 6.76 21.41 -3.47
N SER B 96 6.99 22.52 -4.17
CA SER B 96 6.64 23.85 -3.65
C SER B 96 5.17 23.94 -3.25
N LYS B 97 4.31 23.20 -3.94
CA LYS B 97 2.87 23.20 -3.68
C LYS B 97 2.45 22.17 -2.64
N GLY B 98 3.41 21.36 -2.17
CA GLY B 98 3.17 20.38 -1.13
C GLY B 98 2.84 18.98 -1.66
N PHE B 99 2.73 18.83 -2.98
CA PHE B 99 2.33 17.56 -3.57
C PHE B 99 2.60 17.51 -5.07
N ASP B 100 3.21 16.43 -5.52
CA ASP B 100 3.57 16.26 -6.93
C ASP B 100 3.08 14.94 -7.53
N TYR B 101 2.27 15.02 -8.58
CA TYR B 101 1.74 13.83 -9.26
C TYR B 101 2.86 12.93 -9.82
N LYS B 102 3.95 13.57 -10.26
CA LYS B 102 5.08 12.86 -10.85
C LYS B 102 5.80 11.95 -9.85
N THR B 103 5.80 12.35 -8.57
CA THR B 103 6.62 11.71 -7.56
C THR B 103 5.88 11.25 -6.29
N CYS B 104 4.55 11.39 -6.24
CA CYS B 104 3.77 10.91 -5.09
C CYS B 104 3.69 9.37 -5.05
N ASN B 105 3.53 8.82 -3.85
CA ASN B 105 3.27 7.40 -3.69
C ASN B 105 1.83 7.09 -4.08
N VAL B 106 1.64 6.06 -4.89
CA VAL B 106 0.30 5.57 -5.23
C VAL B 106 0.22 4.08 -4.90
N LEU B 107 -0.58 3.75 -3.90
CA LEU B 107 -0.80 2.37 -3.48
C LEU B 107 -2.17 1.95 -3.96
N VAL B 108 -2.34 0.68 -4.28
CA VAL B 108 -3.63 0.15 -4.75
C VAL B 108 -4.02 -1.09 -3.99
N ALA B 109 -5.19 -1.06 -3.37
CA ALA B 109 -5.71 -2.20 -2.63
C ALA B 109 -7.11 -2.52 -3.11
N LEU B 110 -7.21 -2.94 -4.37
CA LEU B 110 -8.50 -3.17 -5.01
C LEU B 110 -8.72 -4.66 -5.29
N GLU B 111 -9.88 -5.16 -4.92
CA GLU B 111 -10.26 -6.54 -5.21
C GLU B 111 -11.61 -6.59 -5.90
N GLN B 112 -12.04 -7.79 -6.28
CA GLN B 112 -13.34 -7.98 -6.93
C GLN B 112 -14.47 -7.67 -5.96
N GLN B 113 -15.65 -7.43 -6.49
CA GLN B 113 -16.85 -7.31 -5.69
C GLN B 113 -17.18 -8.67 -5.06
N SER B 114 -17.57 -8.65 -3.79
CA SER B 114 -17.98 -9.87 -3.09
C SER B 114 -18.96 -10.66 -3.95
N PRO B 115 -18.68 -11.95 -4.20
CA PRO B 115 -19.70 -12.75 -4.88
C PRO B 115 -21.04 -12.81 -4.15
N ASP B 116 -21.04 -12.65 -2.82
CA ASP B 116 -22.29 -12.67 -2.07
C ASP B 116 -23.15 -11.46 -2.43
N ILE B 117 -22.51 -10.33 -2.69
CA ILE B 117 -23.21 -9.12 -3.11
C ILE B 117 -23.66 -9.26 -4.56
N ALA B 118 -22.81 -9.82 -5.40
CA ALA B 118 -23.14 -10.01 -6.83
C ALA B 118 -24.40 -10.87 -6.98
N GLN B 119 -24.35 -12.11 -6.47
CA GLN B 119 -25.50 -13.03 -6.54
C GLN B 119 -26.78 -12.43 -5.97
N GLY B 120 -26.66 -11.57 -4.96
CA GLY B 120 -27.83 -11.03 -4.27
C GLY B 120 -28.38 -9.75 -4.86
N VAL B 121 -27.66 -9.16 -5.81
CA VAL B 121 -28.03 -7.86 -6.35
C VAL B 121 -28.36 -7.92 -7.84
N HIS B 122 -27.44 -8.43 -8.65
CA HIS B 122 -27.53 -8.23 -10.10
C HIS B 122 -27.31 -9.45 -11.00
N LEU B 123 -26.72 -10.52 -10.47
CA LEU B 123 -26.40 -11.68 -11.31
C LEU B 123 -27.64 -12.38 -11.85
N ASP B 124 -27.63 -12.63 -13.17
CA ASP B 124 -28.69 -13.34 -13.89
C ASP B 124 -30.04 -12.69 -13.69
N ARG B 125 -30.08 -11.38 -13.85
CA ARG B 125 -31.30 -10.60 -13.75
C ARG B 125 -31.44 -9.70 -14.96
N ASN B 126 -32.67 -9.43 -15.36
CA ASN B 126 -32.96 -8.40 -16.35
C ASN B 126 -32.68 -7.04 -15.73
N GLU B 127 -32.21 -6.10 -16.54
CA GLU B 127 -31.73 -4.83 -16.03
C GLU B 127 -32.75 -4.18 -15.09
N GLU B 128 -34.01 -4.11 -15.53
CA GLU B 128 -35.09 -3.54 -14.71
C GLU B 128 -35.36 -4.26 -13.39
N ASP B 129 -34.83 -5.47 -13.22
CA ASP B 129 -35.02 -6.23 -11.99
C ASP B 129 -33.85 -6.22 -11.02
N ILE B 130 -32.74 -5.56 -11.37
CA ILE B 130 -31.57 -5.63 -10.49
C ILE B 130 -31.91 -4.97 -9.17
N GLY B 131 -31.46 -5.59 -8.08
CA GLY B 131 -31.77 -5.09 -6.75
C GLY B 131 -30.93 -3.88 -6.42
N ALA B 132 -31.36 -3.13 -5.41
CA ALA B 132 -30.53 -2.07 -4.87
C ALA B 132 -29.19 -2.67 -4.45
N GLY B 133 -28.09 -2.02 -4.80
CA GLY B 133 -26.77 -2.51 -4.45
C GLY B 133 -26.51 -2.53 -2.95
N ASP B 134 -27.39 -1.88 -2.19
CA ASP B 134 -27.26 -1.80 -0.73
C ASP B 134 -28.62 -1.39 -0.17
N GLN B 135 -28.77 -1.45 1.14
CA GLN B 135 -29.85 -0.73 1.78
C GLN B 135 -29.44 0.73 1.85
N GLY B 136 -30.41 1.60 2.13
CA GLY B 136 -30.09 3.00 2.40
C GLY B 136 -31.30 3.88 2.23
N LEU B 137 -31.13 5.14 2.64
CA LEU B 137 -32.12 6.18 2.46
C LEU B 137 -31.45 7.35 1.74
N MET B 138 -32.20 8.00 0.87
CA MET B 138 -31.68 9.12 0.10
C MET B 138 -32.74 10.19 0.08
N PHE B 139 -32.30 11.45 0.07
CA PHE B 139 -33.18 12.59 0.03
C PHE B 139 -32.94 13.38 -1.24
N GLY B 140 -34.02 13.98 -1.77
CA GLY B 140 -33.94 14.93 -2.87
C GLY B 140 -34.60 16.23 -2.45
N TYR B 141 -34.08 17.36 -2.93
CA TYR B 141 -34.56 18.66 -2.48
C TYR B 141 -34.46 19.72 -3.59
N ALA B 142 -35.46 20.61 -3.64
CA ALA B 142 -35.47 21.73 -4.57
C ALA B 142 -36.12 22.95 -3.92
N THR B 143 -35.67 24.14 -4.31
CA THR B 143 -36.19 25.40 -3.78
C THR B 143 -36.24 26.47 -4.87
N ASP B 144 -37.32 27.25 -4.91
CA ASP B 144 -37.53 28.22 -5.99
C ASP B 144 -36.75 29.52 -5.82
N GLU B 145 -35.89 29.58 -4.81
CA GLU B 145 -35.15 30.81 -4.47
C GLU B 145 -34.06 31.19 -5.47
N THR B 146 -33.61 30.22 -6.27
CA THR B 146 -32.71 30.48 -7.39
C THR B 146 -33.25 29.81 -8.65
N GLU B 147 -32.78 30.29 -9.80
CA GLU B 147 -33.13 29.68 -11.08
C GLU B 147 -32.76 28.20 -11.11
N GLU B 148 -31.60 27.88 -10.54
CA GLU B 148 -31.12 26.50 -10.51
C GLU B 148 -31.85 25.62 -9.47
N CYS B 149 -32.82 26.18 -8.74
CA CYS B 149 -33.62 25.43 -7.78
C CYS B 149 -32.82 24.92 -6.58
N MET B 150 -31.80 25.67 -6.20
CA MET B 150 -30.90 25.29 -5.11
C MET B 150 -30.83 26.40 -4.07
N PRO B 151 -30.36 26.07 -2.85
CA PRO B 151 -30.13 27.13 -1.87
C PRO B 151 -29.05 28.09 -2.35
N LEU B 152 -29.31 29.39 -2.24
CA LEU B 152 -28.36 30.42 -2.65
C LEU B 152 -27.02 30.25 -1.92
N THR B 153 -27.08 29.86 -0.65
CA THR B 153 -25.88 29.67 0.17
C THR B 153 -24.88 28.73 -0.47
N ILE B 154 -25.32 27.54 -0.86
CA ILE B 154 -24.43 26.54 -1.42
C ILE B 154 -24.03 26.89 -2.86
N VAL B 155 -24.94 27.47 -3.62
CA VAL B 155 -24.66 27.88 -5.00
C VAL B 155 -23.55 28.93 -5.03
N LEU B 156 -23.68 29.97 -4.21
CA LEU B 156 -22.63 30.97 -4.11
C LEU B 156 -21.32 30.36 -3.61
N ALA B 157 -21.41 29.44 -2.65
CA ALA B 157 -20.22 28.80 -2.10
C ALA B 157 -19.48 28.01 -3.17
N HIS B 158 -20.23 27.24 -3.97
CA HIS B 158 -19.63 26.48 -5.07
C HIS B 158 -19.00 27.39 -6.12
N LYS B 159 -19.77 28.38 -6.56
CA LYS B 159 -19.37 29.24 -7.67
C LYS B 159 -18.15 30.09 -7.33
N LEU B 160 -17.96 30.43 -6.05
CA LEU B 160 -16.74 31.09 -5.61
C LEU B 160 -15.51 30.21 -5.86
N ASN B 161 -15.59 28.96 -5.41
CA ASN B 161 -14.49 28.01 -5.64
C ASN B 161 -14.22 27.78 -7.13
N ALA B 162 -15.28 27.72 -7.93
CA ALA B 162 -15.15 27.51 -9.37
C ALA B 162 -14.46 28.70 -10.03
N LYS B 163 -14.72 29.89 -9.49
CA LYS B 163 -14.10 31.11 -9.99
C LYS B 163 -12.62 31.12 -9.69
N LEU B 164 -12.27 30.75 -8.46
CA LEU B 164 -10.88 30.66 -8.07
C LEU B 164 -10.12 29.72 -9.00
N ALA B 165 -10.72 28.57 -9.30
CA ALA B 165 -10.09 27.57 -10.18
C ALA B 165 -9.93 28.10 -11.59
N GLU B 166 -10.95 28.81 -12.07
CA GLU B 166 -10.94 29.43 -13.38
C GLU B 166 -9.80 30.45 -13.49
N LEU B 167 -9.76 31.38 -12.56
CA LEU B 167 -8.76 32.43 -12.55
C LEU B 167 -7.34 31.89 -12.33
N ARG B 168 -7.23 30.69 -11.76
CA ARG B 168 -5.95 30.01 -11.60
C ARG B 168 -5.48 29.39 -12.92
N ARG B 169 -6.42 28.78 -13.64
CA ARG B 169 -6.08 27.99 -14.82
C ARG B 169 -5.90 28.79 -16.09
N ASN B 170 -6.49 29.98 -16.15
CA ASN B 170 -6.25 30.89 -17.28
C ASN B 170 -5.17 31.93 -16.97
N GLY B 171 -4.42 31.71 -15.90
CA GLY B 171 -3.23 32.53 -15.59
C GLY B 171 -3.49 33.93 -15.06
N THR B 172 -4.75 34.36 -15.03
CA THR B 172 -5.09 35.71 -14.60
C THR B 172 -4.79 35.97 -13.12
N LEU B 173 -4.78 34.90 -12.31
CA LEU B 173 -4.27 34.97 -10.93
C LEU B 173 -3.29 33.81 -10.70
N PRO B 174 -2.05 33.95 -11.18
CA PRO B 174 -1.12 32.83 -11.21
C PRO B 174 -0.54 32.42 -9.84
N TRP B 175 -0.88 33.17 -8.80
CA TRP B 175 -0.39 32.90 -7.43
C TRP B 175 -1.32 31.95 -6.66
N LEU B 176 -2.49 31.65 -7.22
CA LEU B 176 -3.44 30.71 -6.62
C LEU B 176 -2.97 29.26 -6.73
N ARG B 177 -3.22 28.48 -5.67
CA ARG B 177 -2.97 27.04 -5.67
C ARG B 177 -4.33 26.33 -5.60
N PRO B 178 -4.33 24.98 -5.70
CA PRO B 178 -5.61 24.27 -5.86
C PRO B 178 -6.54 24.18 -4.65
N ASP B 179 -6.01 24.23 -3.43
CA ASP B 179 -6.83 24.05 -2.22
C ASP B 179 -7.56 25.34 -1.85
N SER B 180 -8.85 25.23 -1.55
CA SER B 180 -9.65 26.39 -1.12
C SER B 180 -10.87 25.97 -0.30
N LYS B 181 -11.35 26.92 0.49
CA LYS B 181 -12.53 26.74 1.32
C LYS B 181 -13.30 28.06 1.31
N THR B 182 -14.59 27.99 0.98
CA THR B 182 -15.47 29.16 1.09
C THR B 182 -16.65 28.84 2.00
N GLN B 183 -17.12 29.87 2.70
CA GLN B 183 -18.34 29.78 3.49
C GLN B 183 -19.18 31.02 3.22
N VAL B 184 -20.43 30.82 2.82
CA VAL B 184 -21.35 31.90 2.51
C VAL B 184 -22.50 31.86 3.51
N THR B 185 -22.62 32.93 4.31
CA THR B 185 -23.71 33.07 5.24
C THR B 185 -24.71 34.05 4.64
N VAL B 186 -25.95 33.59 4.43
CA VAL B 186 -27.04 34.41 3.91
C VAL B 186 -28.07 34.65 5.01
N GLN B 187 -28.65 35.85 5.02
CA GLN B 187 -29.75 36.18 5.91
C GLN B 187 -31.06 35.88 5.18
N TYR B 188 -31.90 35.04 5.79
CA TYR B 188 -33.14 34.57 5.17
C TYR B 188 -34.39 35.09 5.89
N MET B 189 -35.52 35.05 5.19
CA MET B 189 -36.83 35.31 5.78
C MET B 189 -37.84 34.26 5.30
N GLN B 190 -38.60 33.72 6.23
CA GLN B 190 -39.60 32.70 5.92
C GLN B 190 -40.79 33.31 5.18
N ASP B 191 -41.33 32.58 4.21
CA ASP B 191 -42.46 33.06 3.41
C ASP B 191 -43.40 31.92 3.06
N ARG B 192 -44.32 31.63 3.98
CA ARG B 192 -45.36 30.62 3.80
C ARG B 192 -44.79 29.28 3.36
N GLY B 193 -43.69 28.88 3.98
CA GLY B 193 -43.05 27.58 3.69
C GLY B 193 -41.87 27.68 2.76
N ALA B 194 -41.83 28.73 1.94
CA ALA B 194 -40.67 29.00 1.10
C ALA B 194 -39.66 29.75 1.97
N VAL B 195 -38.53 30.11 1.36
CA VAL B 195 -37.54 30.95 2.05
C VAL B 195 -37.02 32.02 1.10
N LEU B 196 -37.01 33.26 1.58
CA LEU B 196 -36.54 34.38 0.78
C LEU B 196 -35.15 34.77 1.24
N PRO B 197 -34.14 34.54 0.39
CA PRO B 197 -32.82 35.06 0.74
C PRO B 197 -32.82 36.58 0.62
N ILE B 198 -32.40 37.27 1.68
CA ILE B 198 -32.50 38.72 1.73
C ILE B 198 -31.19 39.39 1.39
N ARG B 199 -30.13 38.97 2.07
CA ARG B 199 -28.81 39.55 1.86
C ARG B 199 -27.72 38.55 2.22
N VAL B 200 -26.53 38.74 1.67
CA VAL B 200 -25.37 37.97 2.07
C VAL B 200 -24.77 38.62 3.30
N HIS B 201 -24.80 37.88 4.41
CA HIS B 201 -24.37 38.36 5.72
C HIS B 201 -22.86 38.36 5.83
N THR B 202 -22.26 37.20 5.58
CA THR B 202 -20.82 37.01 5.69
C THR B 202 -20.31 36.13 4.54
N ILE B 203 -19.07 36.37 4.13
CA ILE B 203 -18.38 35.53 3.15
C ILE B 203 -16.97 35.28 3.65
N VAL B 204 -16.63 34.00 3.88
CA VAL B 204 -15.27 33.63 4.21
C VAL B 204 -14.65 32.95 2.99
N ILE B 205 -13.38 33.28 2.72
CA ILE B 205 -12.61 32.60 1.67
C ILE B 205 -11.18 32.39 2.12
N SER B 206 -10.80 31.14 2.34
CA SER B 206 -9.40 30.75 2.51
C SER B 206 -8.96 30.05 1.24
N VAL B 207 -7.81 30.42 0.72
CA VAL B 207 -7.28 29.80 -0.49
C VAL B 207 -5.75 29.72 -0.46
N GLN B 208 -5.24 28.60 -0.94
CA GLN B 208 -3.81 28.29 -0.91
C GLN B 208 -3.07 29.13 -1.96
N HIS B 209 -1.87 29.57 -1.62
CA HIS B 209 -1.22 30.63 -2.38
C HIS B 209 0.30 30.55 -2.47
N ASP B 210 0.81 31.26 -3.47
CA ASP B 210 2.24 31.50 -3.70
C ASP B 210 2.98 32.03 -2.46
N GLU B 211 4.31 31.93 -2.50
CA GLU B 211 5.18 32.53 -1.48
C GLU B 211 5.32 34.05 -1.70
N GLU B 212 5.28 34.47 -2.97
CA GLU B 212 5.58 35.86 -3.33
C GLU B 212 4.46 36.84 -2.98
N VAL B 213 3.23 36.57 -3.42
CA VAL B 213 2.14 37.54 -3.37
C VAL B 213 1.83 38.02 -1.95
N CYS B 214 1.65 39.33 -1.81
CA CYS B 214 1.40 39.94 -0.50
C CYS B 214 -0.06 39.76 -0.10
N LEU B 215 -0.32 39.88 1.20
CA LEU B 215 -1.64 39.59 1.74
C LEU B 215 -2.74 40.44 1.11
N ASP B 216 -2.58 41.76 1.10
CA ASP B 216 -3.65 42.63 0.62
C ASP B 216 -3.74 42.78 -0.90
N GLU B 217 -2.82 42.17 -1.66
CA GLU B 217 -3.06 42.01 -3.10
C GLU B 217 -4.06 40.89 -3.33
N MET B 218 -3.93 39.83 -2.54
CA MET B 218 -4.85 38.70 -2.59
C MET B 218 -6.25 39.12 -2.18
N ARG B 219 -6.34 39.82 -1.05
CA ARG B 219 -7.62 40.26 -0.51
C ARG B 219 -8.35 41.20 -1.47
N ASP B 220 -7.61 42.13 -2.08
CA ASP B 220 -8.19 42.97 -3.12
C ASP B 220 -8.74 42.10 -4.26
N ALA B 221 -7.96 41.09 -4.66
CA ALA B 221 -8.31 40.23 -5.79
C ALA B 221 -9.54 39.35 -5.50
N LEU B 222 -9.60 38.80 -4.29
CA LEU B 222 -10.74 37.99 -3.86
C LEU B 222 -12.06 38.76 -3.85
N LYS B 223 -12.00 40.05 -3.51
CA LYS B 223 -13.19 40.88 -3.51
C LYS B 223 -13.55 41.33 -4.93
N GLU B 224 -12.58 41.89 -5.63
CA GLU B 224 -12.83 42.54 -6.92
C GLU B 224 -12.95 41.61 -8.11
N LYS B 225 -12.21 40.49 -8.11
CA LYS B 225 -12.22 39.56 -9.26
C LYS B 225 -13.03 38.29 -9.02
N VAL B 226 -13.17 37.89 -7.75
CA VAL B 226 -13.88 36.66 -7.44
C VAL B 226 -15.32 36.91 -6.98
N ILE B 227 -15.49 37.61 -5.86
CA ILE B 227 -16.82 37.87 -5.31
C ILE B 227 -17.67 38.75 -6.23
N LYS B 228 -17.08 39.83 -6.75
CA LYS B 228 -17.82 40.74 -7.65
C LYS B 228 -18.31 40.01 -8.91
N ALA B 229 -17.50 39.08 -9.42
CA ALA B 229 -17.86 38.31 -10.61
C ALA B 229 -18.91 37.22 -10.37
N VAL B 230 -19.20 36.91 -9.10
CA VAL B 230 -20.03 35.75 -8.74
C VAL B 230 -21.35 36.13 -8.05
N VAL B 231 -21.27 36.98 -7.03
CA VAL B 231 -22.45 37.30 -6.21
C VAL B 231 -23.15 38.56 -6.74
N PRO B 232 -24.42 38.43 -7.18
CA PRO B 232 -25.19 39.60 -7.62
C PRO B 232 -25.15 40.75 -6.62
N ALA B 233 -24.98 41.96 -7.12
CA ALA B 233 -24.88 43.14 -6.25
C ALA B 233 -26.12 43.33 -5.38
N LYS B 234 -27.26 42.81 -5.84
CA LYS B 234 -28.52 42.90 -5.10
C LYS B 234 -28.44 42.27 -3.70
N TYR B 235 -27.53 41.32 -3.50
CA TYR B 235 -27.36 40.67 -2.19
C TYR B 235 -26.21 41.24 -1.35
N LEU B 236 -25.47 42.21 -1.89
CA LEU B 236 -24.32 42.80 -1.17
C LEU B 236 -24.63 44.21 -0.71
N ASP B 237 -24.24 44.53 0.51
CA ASP B 237 -24.41 45.88 1.05
C ASP B 237 -23.24 46.27 1.94
N GLU B 238 -23.27 47.49 2.47
CA GLU B 238 -22.16 48.04 3.25
C GLU B 238 -21.89 47.28 4.55
N ASP B 239 -22.87 46.51 5.03
CA ASP B 239 -22.71 45.74 6.27
C ASP B 239 -22.13 44.33 6.07
N THR B 240 -22.16 43.83 4.83
CA THR B 240 -21.68 42.48 4.51
C THR B 240 -20.24 42.28 4.98
N ILE B 241 -20.03 41.26 5.81
CA ILE B 241 -18.71 40.97 6.38
C ILE B 241 -17.89 40.11 5.41
N TYR B 242 -16.64 40.50 5.19
CA TYR B 242 -15.72 39.77 4.31
C TYR B 242 -14.52 39.27 5.12
N HIS B 243 -14.37 37.96 5.22
CA HIS B 243 -13.20 37.36 5.88
C HIS B 243 -12.32 36.69 4.82
N LEU B 244 -11.49 37.49 4.16
CA LEU B 244 -10.62 37.02 3.10
C LEU B 244 -9.23 36.71 3.66
N GLN B 245 -8.84 35.44 3.57
CA GLN B 245 -7.58 34.93 4.13
C GLN B 245 -7.46 35.24 5.63
N PRO B 246 -8.47 34.86 6.43
CA PRO B 246 -8.60 35.28 7.83
C PRO B 246 -7.40 34.98 8.72
N SER B 247 -6.79 33.81 8.59
CA SER B 247 -5.63 33.44 9.41
C SER B 247 -4.37 34.18 8.95
N GLY B 248 -4.15 34.22 7.64
CA GLY B 248 -3.03 34.95 7.05
C GLY B 248 -2.17 34.07 6.16
N ARG B 249 -1.19 33.38 6.77
CA ARG B 249 -0.20 32.60 6.03
C ARG B 249 -0.68 31.16 5.80
N PHE B 250 -1.59 31.00 4.83
CA PHE B 250 -2.10 29.69 4.42
C PHE B 250 -1.38 29.24 3.15
N VAL B 251 -0.07 29.04 3.29
CA VAL B 251 0.78 28.55 2.20
C VAL B 251 0.81 27.01 2.19
N ILE B 252 0.65 26.41 3.37
CA ILE B 252 0.55 24.95 3.52
C ILE B 252 -0.91 24.49 3.36
N GLY B 253 -1.16 23.76 2.28
CA GLY B 253 -2.48 23.22 1.98
C GLY B 253 -2.41 21.94 1.17
N GLY B 254 -3.56 21.44 0.77
CA GLY B 254 -3.64 20.15 0.07
C GLY B 254 -3.32 19.02 1.03
N PRO B 255 -2.93 17.86 0.49
CA PRO B 255 -2.67 16.68 1.32
C PRO B 255 -1.54 16.87 2.34
N GLN B 256 -0.53 17.68 2.01
CA GLN B 256 0.63 17.84 2.90
C GLN B 256 0.21 18.38 4.26
N GLY B 257 0.60 17.64 5.31
CA GLY B 257 0.18 17.94 6.67
C GLY B 257 -1.32 17.80 6.88
N ASP B 258 -1.94 16.87 6.16
CA ASP B 258 -3.41 16.71 6.17
C ASP B 258 -3.79 15.29 5.71
N ALA B 259 -5.02 14.87 6.01
CA ALA B 259 -5.49 13.52 5.67
C ALA B 259 -6.95 13.51 5.23
N GLY B 260 -7.18 13.20 3.95
CA GLY B 260 -8.53 13.23 3.37
C GLY B 260 -9.02 11.89 2.86
N LEU B 261 -10.34 11.74 2.80
CA LEU B 261 -10.98 10.49 2.37
C LEU B 261 -12.16 10.76 1.43
N THR B 262 -12.40 9.83 0.52
CA THR B 262 -13.60 9.85 -0.29
C THR B 262 -14.84 9.90 0.61
N GLY B 263 -15.81 10.72 0.26
CA GLY B 263 -17.10 10.74 0.95
C GLY B 263 -17.10 11.45 2.30
N ARG B 264 -16.22 12.43 2.47
CA ARG B 264 -16.20 13.27 3.67
C ARG B 264 -16.62 14.71 3.38
N LYS B 265 -17.30 14.91 2.25
CA LYS B 265 -17.89 16.22 1.93
C LYS B 265 -19.26 16.01 1.29
N ILE B 266 -20.06 15.14 1.90
CA ILE B 266 -21.36 14.75 1.31
C ILE B 266 -22.37 15.89 1.37
N ILE B 267 -22.20 16.79 2.33
CA ILE B 267 -23.13 17.90 2.51
C ILE B 267 -22.77 18.98 1.51
N VAL B 268 -21.48 19.22 1.33
CA VAL B 268 -21.00 20.09 0.27
C VAL B 268 -21.46 19.60 -1.11
N ASP B 269 -21.37 18.28 -1.30
CA ASP B 269 -21.79 17.65 -2.57
C ASP B 269 -23.27 17.80 -2.89
N THR B 270 -24.09 18.16 -1.91
CA THR B 270 -25.55 18.12 -2.07
C THR B 270 -26.22 19.49 -1.86
N TYR B 271 -26.79 19.73 -0.68
CA TYR B 271 -27.60 20.92 -0.45
C TYR B 271 -27.03 21.90 0.60
N GLY B 272 -25.82 21.64 1.07
CA GLY B 272 -25.15 22.58 1.97
C GLY B 272 -25.85 22.81 3.30
N GLY B 273 -26.49 21.76 3.82
CA GLY B 273 -27.20 21.81 5.10
C GLY B 273 -28.70 21.83 4.97
N TRP B 274 -29.19 22.31 3.82
CA TRP B 274 -30.64 22.37 3.59
C TRP B 274 -31.23 20.99 3.30
N GLY B 275 -32.54 20.90 3.35
CA GLY B 275 -33.24 19.66 3.06
C GLY B 275 -32.88 18.60 4.07
N ALA B 276 -32.28 17.52 3.59
CA ALA B 276 -31.83 16.43 4.44
C ALA B 276 -30.84 15.56 3.68
N HIS B 277 -30.22 14.64 4.39
CA HIS B 277 -29.26 13.72 3.81
C HIS B 277 -29.34 12.37 4.57
N GLY B 278 -29.18 11.28 3.84
CA GLY B 278 -29.29 9.93 4.41
C GLY B 278 -27.94 9.32 4.69
N GLY B 279 -26.90 9.99 4.23
CA GLY B 279 -25.54 9.75 4.68
C GLY B 279 -24.70 8.95 3.70
N GLY B 280 -25.29 8.55 2.59
CA GLY B 280 -24.56 7.83 1.55
C GLY B 280 -23.73 8.77 0.69
N ALA B 281 -22.48 8.40 0.43
CA ALA B 281 -21.59 9.18 -0.43
C ALA B 281 -21.77 8.82 -1.91
N PHE B 282 -21.29 9.70 -2.79
CA PHE B 282 -21.55 9.60 -4.22
C PHE B 282 -20.38 9.01 -5.01
N SER B 283 -19.19 9.57 -4.80
CA SER B 283 -18.08 9.30 -5.69
C SER B 283 -17.52 7.89 -5.55
N GLY B 284 -16.97 7.37 -6.64
CA GLY B 284 -16.42 6.03 -6.71
C GLY B 284 -17.45 4.92 -6.86
N LYS B 285 -18.68 5.28 -7.20
CA LYS B 285 -19.78 4.32 -7.22
C LYS B 285 -20.55 4.32 -8.54
N ASP B 286 -20.65 3.13 -9.14
CA ASP B 286 -21.51 2.92 -10.30
C ASP B 286 -22.98 2.99 -9.90
N TYR B 287 -23.86 2.87 -10.89
CA TYR B 287 -25.30 3.12 -10.73
C TYR B 287 -26.00 2.14 -9.80
N THR B 288 -25.45 0.93 -9.65
CA THR B 288 -26.08 -0.08 -8.80
C THR B 288 -26.07 0.33 -7.33
N LYS B 289 -25.12 1.18 -6.95
CA LYS B 289 -25.13 1.75 -5.63
C LYS B 289 -26.15 2.88 -5.60
N VAL B 290 -27.26 2.63 -4.91
CA VAL B 290 -28.36 3.61 -4.87
C VAL B 290 -28.06 4.89 -4.10
N ASP B 291 -27.01 4.90 -3.26
CA ASP B 291 -26.56 6.16 -2.64
C ASP B 291 -26.43 7.26 -3.70
N ARG B 292 -25.95 6.88 -4.88
CA ARG B 292 -25.79 7.82 -5.99
C ARG B 292 -27.05 7.89 -6.88
N SER B 293 -27.39 6.81 -7.56
CA SER B 293 -28.48 6.83 -8.55
C SER B 293 -29.86 7.26 -8.00
N ALA B 294 -30.20 6.86 -6.78
CA ALA B 294 -31.49 7.23 -6.20
C ALA B 294 -31.49 8.66 -5.67
N ALA B 295 -30.33 9.13 -5.24
CA ALA B 295 -30.17 10.53 -4.83
C ALA B 295 -30.30 11.43 -6.05
N TYR B 296 -29.66 11.02 -7.13
CA TYR B 296 -29.81 11.72 -8.41
C TYR B 296 -31.28 11.68 -8.84
N ALA B 297 -31.89 10.49 -8.78
CA ALA B 297 -33.31 10.36 -9.08
C ALA B 297 -34.20 11.28 -8.24
N ALA B 298 -33.94 11.30 -6.94
CA ALA B 298 -34.73 12.09 -6.01
C ALA B 298 -34.56 13.60 -6.21
N ARG B 299 -33.36 14.03 -6.58
CA ARG B 299 -33.15 15.44 -6.95
C ARG B 299 -34.00 15.77 -8.18
N TRP B 300 -33.93 14.90 -9.18
CA TRP B 300 -34.73 15.04 -10.41
C TRP B 300 -36.22 15.21 -10.10
N VAL B 301 -36.74 14.36 -9.22
CA VAL B 301 -38.15 14.45 -8.80
C VAL B 301 -38.45 15.79 -8.12
N ALA B 302 -37.60 16.18 -7.18
CA ALA B 302 -37.82 17.40 -6.42
C ALA B 302 -37.77 18.63 -7.30
N LYS B 303 -36.84 18.64 -8.25
CA LYS B 303 -36.73 19.75 -9.19
C LYS B 303 -37.91 19.77 -10.15
N SER B 304 -38.34 18.58 -10.60
CA SER B 304 -39.48 18.48 -11.51
C SER B 304 -40.75 19.04 -10.88
N LEU B 305 -40.96 18.78 -9.59
CA LEU B 305 -42.14 19.28 -8.89
C LEU B 305 -42.15 20.80 -8.80
N VAL B 306 -40.99 21.39 -8.51
CA VAL B 306 -40.91 22.84 -8.33
C VAL B 306 -40.96 23.54 -9.69
N LYS B 307 -40.27 23.01 -10.68
CA LYS B 307 -40.31 23.58 -12.02
C LYS B 307 -41.68 23.37 -12.66
N GLY B 308 -42.30 22.23 -12.37
CA GLY B 308 -43.67 21.96 -12.82
C GLY B 308 -44.74 22.77 -12.11
N GLY B 309 -44.34 23.61 -11.15
CA GLY B 309 -45.23 24.57 -10.51
C GLY B 309 -46.06 24.02 -9.36
N LEU B 310 -45.79 22.79 -8.94
CA LEU B 310 -46.63 22.12 -7.94
C LEU B 310 -46.28 22.48 -6.50
N CYS B 311 -45.20 23.25 -6.32
CA CYS B 311 -44.77 23.70 -4.99
C CYS B 311 -43.55 24.60 -5.13
N ARG B 312 -43.29 25.41 -4.11
CA ARG B 312 -42.16 26.34 -4.13
C ARG B 312 -40.89 25.75 -3.50
N ARG B 313 -41.08 24.73 -2.67
CA ARG B 313 -39.99 24.06 -1.99
C ARG B 313 -40.41 22.64 -1.64
N VAL B 314 -39.49 21.68 -1.68
CA VAL B 314 -39.85 20.28 -1.44
C VAL B 314 -38.68 19.38 -1.06
N LEU B 315 -38.98 18.39 -0.24
CA LEU B 315 -38.03 17.37 0.17
C LEU B 315 -38.64 16.01 -0.11
N VAL B 316 -37.85 15.14 -0.72
CA VAL B 316 -38.29 13.83 -1.12
C VAL B 316 -37.42 12.81 -0.41
N GLN B 317 -38.02 11.80 0.22
CA GLN B 317 -37.21 10.69 0.72
C GLN B 317 -37.56 9.40 0.00
N VAL B 318 -36.54 8.59 -0.27
CA VAL B 318 -36.70 7.22 -0.77
C VAL B 318 -35.79 6.28 0.02
N SER B 319 -36.19 5.02 0.15
CA SER B 319 -35.35 4.02 0.81
C SER B 319 -35.38 2.69 0.06
N TYR B 320 -34.34 1.88 0.28
CA TYR B 320 -34.14 0.65 -0.45
C TYR B 320 -33.65 -0.44 0.48
N ALA B 321 -33.89 -1.69 0.11
CA ALA B 321 -33.25 -2.83 0.74
C ALA B 321 -32.37 -3.49 -0.30
N ILE B 322 -31.17 -3.90 0.10
CA ILE B 322 -30.26 -4.61 -0.78
C ILE B 322 -30.92 -5.81 -1.45
N GLY B 323 -30.70 -5.94 -2.75
CA GLY B 323 -31.27 -7.04 -3.54
C GLY B 323 -32.73 -6.92 -3.91
N VAL B 324 -33.36 -5.79 -3.57
CA VAL B 324 -34.77 -5.54 -3.88
C VAL B 324 -34.82 -4.34 -4.81
N SER B 325 -35.65 -4.44 -5.85
CA SER B 325 -35.66 -3.46 -6.93
C SER B 325 -36.49 -2.23 -6.62
N HIS B 326 -37.72 -2.44 -6.13
CA HIS B 326 -38.62 -1.33 -5.81
C HIS B 326 -38.24 -0.65 -4.49
N PRO B 327 -38.36 0.69 -4.43
CA PRO B 327 -38.11 1.40 -3.19
C PRO B 327 -38.99 0.90 -2.05
N LEU B 328 -38.42 0.78 -0.85
CA LEU B 328 -39.18 0.38 0.33
C LEU B 328 -40.20 1.42 0.77
N SER B 329 -39.82 2.69 0.60
CA SER B 329 -40.68 3.80 0.98
C SER B 329 -40.38 5.00 0.11
N ILE B 330 -41.39 5.87 -0.03
CA ILE B 330 -41.24 7.15 -0.72
C ILE B 330 -42.06 8.16 0.06
N SER B 331 -41.51 9.36 0.25
CA SER B 331 -42.22 10.37 1.03
C SER B 331 -41.96 11.76 0.49
N ILE B 332 -42.97 12.61 0.58
CA ILE B 332 -42.91 13.98 0.09
C ILE B 332 -43.30 14.95 1.21
N PHE B 333 -42.47 15.97 1.40
CA PHE B 333 -42.78 17.07 2.30
C PHE B 333 -42.65 18.37 1.51
N HIS B 334 -43.76 19.12 1.38
CA HIS B 334 -43.74 20.37 0.62
C HIS B 334 -43.71 21.61 1.49
N TYR B 335 -43.48 21.44 2.79
CA TYR B 335 -43.38 22.54 3.73
C TYR B 335 -44.58 23.50 3.63
N GLY B 336 -45.77 22.94 3.40
CA GLY B 336 -46.96 23.75 3.07
C GLY B 336 -46.83 24.77 1.94
N THR B 337 -46.02 24.47 0.92
CA THR B 337 -45.87 25.39 -0.23
C THR B 337 -46.67 24.94 -1.49
N SER B 338 -47.65 24.06 -1.29
CA SER B 338 -48.51 23.59 -2.38
C SER B 338 -49.96 23.59 -1.96
N GLN B 339 -50.84 23.93 -2.89
CA GLN B 339 -52.26 23.86 -2.62
C GLN B 339 -52.70 22.41 -2.49
N LYS B 340 -52.02 21.53 -3.23
CA LYS B 340 -52.25 20.09 -3.13
C LYS B 340 -51.65 19.49 -1.86
N SER B 341 -52.21 18.38 -1.42
CA SER B 341 -51.69 17.65 -0.27
C SER B 341 -50.43 16.89 -0.64
N GLU B 342 -49.58 16.67 0.35
CA GLU B 342 -48.39 15.84 0.18
C GLU B 342 -48.75 14.46 -0.39
N ARG B 343 -49.85 13.87 0.08
CA ARG B 343 -50.36 12.62 -0.47
C ARG B 343 -50.67 12.73 -1.97
N GLU B 344 -51.28 13.84 -2.39
CA GLU B 344 -51.55 14.07 -3.81
C GLU B 344 -50.26 14.21 -4.62
N LEU B 345 -49.25 14.88 -4.06
CA LEU B 345 -47.95 14.99 -4.72
C LEU B 345 -47.27 13.64 -4.83
N LEU B 346 -47.42 12.80 -3.80
CA LEU B 346 -46.88 11.44 -3.85
C LEU B 346 -47.54 10.63 -4.97
N GLU B 347 -48.86 10.76 -5.11
CA GLU B 347 -49.61 10.06 -6.17
C GLU B 347 -49.10 10.47 -7.55
N ILE B 348 -48.84 11.76 -7.72
CA ILE B 348 -48.27 12.30 -8.95
C ILE B 348 -46.89 11.72 -9.23
N VAL B 349 -46.07 11.62 -8.19
CA VAL B 349 -44.71 11.07 -8.31
C VAL B 349 -44.73 9.60 -8.68
N LYS B 350 -45.55 8.80 -7.98
CA LYS B 350 -45.72 7.38 -8.27
C LYS B 350 -46.10 7.13 -9.73
N LYS B 351 -46.95 7.99 -10.29
CA LYS B 351 -47.41 7.86 -11.67
C LYS B 351 -46.36 8.23 -12.70
N ASN B 352 -45.48 9.17 -12.36
CA ASN B 352 -44.53 9.71 -13.35
C ASN B 352 -43.11 9.15 -13.27
N PHE B 353 -42.78 8.46 -12.18
CA PHE B 353 -41.41 8.02 -11.96
C PHE B 353 -41.32 6.56 -11.60
N ASP B 354 -40.29 5.90 -12.13
CA ASP B 354 -39.96 4.53 -11.78
C ASP B 354 -38.58 4.56 -11.13
N LEU B 355 -38.54 4.35 -9.82
CA LEU B 355 -37.32 4.62 -9.05
C LEU B 355 -36.49 3.39 -8.72
N ARG B 356 -36.66 2.33 -9.51
CA ARG B 356 -35.76 1.18 -9.44
C ARG B 356 -34.47 1.54 -10.14
N PRO B 357 -33.33 1.06 -9.62
CA PRO B 357 -32.04 1.44 -10.23
C PRO B 357 -31.89 0.98 -11.67
N GLY B 358 -32.50 -0.17 -11.99
CA GLY B 358 -32.49 -0.71 -13.34
C GLY B 358 -33.18 0.16 -14.37
N VAL B 359 -34.05 1.05 -13.91
CA VAL B 359 -34.78 1.99 -14.76
C VAL B 359 -34.15 3.38 -14.70
N ILE B 360 -33.82 3.83 -13.48
CA ILE B 360 -33.14 5.12 -13.30
C ILE B 360 -31.91 5.24 -14.21
N VAL B 361 -31.19 4.14 -14.39
CA VAL B 361 -29.98 4.12 -15.21
C VAL B 361 -30.23 4.47 -16.68
N ARG B 362 -31.41 4.10 -17.19
CA ARG B 362 -31.82 4.43 -18.56
C ARG B 362 -32.24 5.88 -18.65
N ASP B 363 -33.17 6.28 -17.79
CA ASP B 363 -33.70 7.65 -17.77
C ASP B 363 -32.61 8.69 -17.55
N LEU B 364 -31.62 8.38 -16.73
CA LEU B 364 -30.55 9.35 -16.39
C LEU B 364 -29.21 9.04 -17.06
N ASP B 365 -29.16 7.96 -17.85
CA ASP B 365 -28.01 7.67 -18.69
C ASP B 365 -26.74 7.48 -17.85
N LEU B 366 -26.85 6.70 -16.78
CA LEU B 366 -25.82 6.68 -15.72
C LEU B 366 -24.67 5.70 -15.95
N LYS B 367 -24.59 5.09 -17.12
CA LYS B 367 -23.41 4.32 -17.49
C LYS B 367 -22.39 5.18 -18.24
N LYS B 368 -22.77 6.41 -18.58
CA LYS B 368 -21.84 7.33 -19.24
C LYS B 368 -20.73 7.71 -18.26
N PRO B 369 -19.49 7.82 -18.76
CA PRO B 369 -18.36 8.19 -17.91
C PRO B 369 -18.20 9.70 -17.74
N ILE B 370 -19.23 10.33 -17.19
CA ILE B 370 -19.24 11.80 -16.92
C ILE B 370 -19.21 12.15 -15.42
N TYR B 371 -18.75 11.23 -14.58
CA TYR B 371 -18.83 11.42 -13.12
C TYR B 371 -17.76 12.32 -12.52
N GLN B 372 -16.59 12.36 -13.13
CA GLN B 372 -15.51 13.21 -12.61
C GLN B 372 -15.93 14.69 -12.58
N ARG B 373 -16.80 15.08 -13.52
CA ARG B 373 -17.41 16.42 -13.53
C ARG B 373 -18.13 16.75 -12.22
N THR B 374 -18.69 15.74 -11.58
CA THR B 374 -19.55 15.93 -10.40
C THR B 374 -18.80 16.00 -9.08
N ALA B 375 -17.52 15.66 -9.11
CA ALA B 375 -16.74 15.45 -7.91
C ALA B 375 -16.31 16.74 -7.23
N ALA B 376 -16.56 17.88 -7.88
CA ALA B 376 -16.33 19.20 -7.27
C ALA B 376 -17.41 20.16 -7.71
N TYR B 377 -17.62 21.20 -6.92
CA TYR B 377 -18.61 22.24 -7.21
C TYR B 377 -20.05 21.72 -7.10
N GLY B 378 -20.25 20.58 -6.44
CA GLY B 378 -21.57 20.07 -6.14
C GLY B 378 -22.17 19.21 -7.24
N HIS B 379 -22.97 18.22 -6.85
CA HIS B 379 -23.62 17.30 -7.80
C HIS B 379 -24.96 17.84 -8.33
N PHE B 380 -25.45 18.91 -7.73
CA PHE B 380 -26.72 19.50 -8.12
C PHE B 380 -26.58 20.98 -8.46
N GLY B 381 -27.55 21.49 -9.22
CA GLY B 381 -27.60 22.89 -9.63
C GLY B 381 -26.82 23.26 -10.89
N ARG B 382 -26.58 22.29 -11.78
CA ARG B 382 -25.83 22.54 -13.02
C ARG B 382 -26.54 22.11 -14.29
N ASP B 383 -26.21 22.78 -15.39
CA ASP B 383 -26.96 22.67 -16.65
C ASP B 383 -26.97 21.27 -17.25
N SER B 384 -25.78 20.70 -17.40
CA SER B 384 -25.57 19.58 -18.32
C SER B 384 -26.06 18.22 -17.85
N PHE B 385 -26.33 18.08 -16.55
CA PHE B 385 -26.66 16.78 -15.98
C PHE B 385 -28.12 16.41 -16.23
N PRO B 386 -28.37 15.15 -16.63
CA PRO B 386 -29.72 14.66 -16.90
C PRO B 386 -30.72 14.87 -15.75
N TRP B 387 -30.25 14.69 -14.51
CA TRP B 387 -31.11 14.82 -13.32
C TRP B 387 -31.47 16.27 -12.97
N GLU B 388 -30.88 17.25 -13.66
CA GLU B 388 -31.22 18.65 -13.52
C GLU B 388 -32.19 19.16 -14.59
N VAL B 389 -32.61 18.26 -15.49
CA VAL B 389 -33.56 18.58 -16.55
C VAL B 389 -34.94 18.07 -16.14
N PRO B 390 -35.87 18.97 -15.77
CA PRO B 390 -37.13 18.54 -15.17
C PRO B 390 -38.03 17.77 -16.12
N LYS B 391 -38.71 16.78 -15.56
CA LYS B 391 -39.65 15.97 -16.32
C LYS B 391 -41.00 16.68 -16.40
N LYS B 392 -41.60 16.69 -17.59
CA LYS B 392 -42.97 17.17 -17.78
C LYS B 392 -43.87 16.11 -17.16
N LEU B 393 -44.71 16.54 -16.21
CA LEU B 393 -45.52 15.63 -15.42
C LEU B 393 -46.95 15.58 -15.93
N LYS B 394 -47.59 14.41 -15.80
CA LYS B 394 -48.98 14.23 -16.21
C LYS B 394 -49.84 13.89 -15.00
N TYR B 395 -50.83 14.74 -14.73
CA TYR B 395 -51.67 14.59 -13.55
C TYR B 395 -53.00 15.31 -13.76
N GLU C 15 49.30 -13.48 -18.61
CA GLU C 15 50.66 -14.06 -18.35
C GLU C 15 50.52 -15.02 -17.16
N GLY C 16 50.44 -14.44 -15.96
CA GLY C 16 49.81 -15.07 -14.80
C GLY C 16 48.78 -14.08 -14.29
N THR C 17 48.32 -13.21 -15.19
CA THR C 17 47.45 -12.11 -14.87
C THR C 17 45.99 -12.50 -15.03
N PHE C 18 45.13 -11.77 -14.33
CA PHE C 18 43.70 -12.01 -14.39
C PHE C 18 42.96 -10.72 -14.08
N LEU C 19 41.73 -10.62 -14.56
CA LEU C 19 40.86 -9.49 -14.24
C LEU C 19 39.98 -9.82 -13.02
N PHE C 20 39.63 -8.80 -12.26
CA PHE C 20 38.63 -8.93 -11.20
C PHE C 20 37.88 -7.62 -11.04
N THR C 21 36.55 -7.73 -10.86
CA THR C 21 35.65 -6.59 -10.84
C THR C 21 34.92 -6.51 -9.48
N SER C 22 34.74 -5.30 -8.96
CA SER C 22 33.89 -5.06 -7.80
C SER C 22 33.14 -3.77 -8.04
N GLU C 23 32.00 -3.59 -7.35
CA GLU C 23 31.19 -2.38 -7.47
C GLU C 23 30.89 -1.77 -6.11
N SER C 24 30.47 -0.51 -6.13
CA SER C 24 29.90 0.13 -4.98
C SER C 24 28.79 1.05 -5.48
N VAL C 25 28.01 1.60 -4.55
CA VAL C 25 26.91 2.51 -4.88
C VAL C 25 26.93 3.73 -3.96
N GLY C 26 26.30 4.80 -4.41
CA GLY C 26 26.26 6.05 -3.68
C GLY C 26 25.19 6.07 -2.60
N GLU C 27 25.18 7.13 -1.80
CA GLU C 27 24.26 7.26 -0.68
C GLU C 27 22.81 7.32 -1.16
N GLY C 28 22.59 7.92 -2.32
CA GLY C 28 21.25 8.05 -2.89
C GLY C 28 20.76 6.85 -3.68
N HIS C 29 21.49 5.75 -3.61
CA HIS C 29 21.04 4.53 -4.23
C HIS C 29 19.95 3.90 -3.35
N PRO C 30 18.77 3.60 -3.94
CA PRO C 30 17.58 3.21 -3.17
C PRO C 30 17.78 2.11 -2.14
N ASP C 31 18.57 1.10 -2.48
CA ASP C 31 18.92 0.05 -1.53
C ASP C 31 19.79 0.60 -0.40
N LYS C 32 20.68 1.54 -0.72
CA LYS C 32 21.56 2.11 0.29
C LYS C 32 20.81 3.15 1.10
N ILE C 33 19.80 3.77 0.51
CA ILE C 33 18.91 4.62 1.27
C ILE C 33 18.23 3.80 2.37
N CYS C 34 17.77 2.60 2.02
CA CYS C 34 17.11 1.75 3.00
C CYS C 34 18.07 1.28 4.09
N ASP C 35 19.30 0.99 3.68
CA ASP C 35 20.34 0.60 4.63
C ASP C 35 20.61 1.71 5.65
N GLN C 36 20.73 2.95 5.17
CA GLN C 36 21.00 4.10 6.03
C GLN C 36 19.84 4.39 6.98
N ILE C 37 18.63 4.43 6.45
CA ILE C 37 17.44 4.61 7.28
C ILE C 37 17.35 3.52 8.34
N SER C 38 17.55 2.27 7.94
CA SER C 38 17.45 1.17 8.88
C SER C 38 18.47 1.27 10.02
N ASP C 39 19.68 1.75 9.71
CA ASP C 39 20.71 1.96 10.73
C ASP C 39 20.49 3.28 11.50
N ALA C 40 20.06 4.32 10.79
CA ALA C 40 19.65 5.56 11.44
C ALA C 40 18.61 5.28 12.51
N VAL C 41 17.66 4.39 12.19
CA VAL C 41 16.67 3.94 13.17
C VAL C 41 17.35 3.22 14.33
N LEU C 42 18.31 2.35 14.01
CA LEU C 42 19.06 1.61 15.04
C LEU C 42 19.75 2.58 16.02
N ASP C 43 20.44 3.57 15.48
CA ASP C 43 21.13 4.56 16.31
C ASP C 43 20.16 5.27 17.25
N ALA C 44 19.04 5.72 16.70
CA ALA C 44 18.02 6.46 17.47
C ALA C 44 17.62 5.69 18.72
N HIS C 45 17.41 4.40 18.57
CA HIS C 45 17.05 3.55 19.69
C HIS C 45 18.19 3.38 20.69
N LEU C 46 19.40 3.18 20.19
CA LEU C 46 20.55 2.88 21.06
C LEU C 46 20.99 4.11 21.86
N GLN C 47 20.77 5.30 21.30
CA GLN C 47 21.01 6.56 22.02
C GLN C 47 20.26 6.61 23.34
N GLN C 48 19.02 6.13 23.34
CA GLN C 48 18.15 6.13 24.52
C GLN C 48 18.20 4.83 25.31
N ASP C 49 18.46 3.72 24.62
CA ASP C 49 18.44 2.40 25.25
C ASP C 49 19.52 1.50 24.63
N PRO C 50 20.68 1.38 25.30
CA PRO C 50 21.76 0.50 24.85
C PRO C 50 21.38 -0.98 24.66
N ASP C 51 20.36 -1.45 25.37
CA ASP C 51 19.93 -2.85 25.24
C ASP C 51 18.71 -3.04 24.31
N ALA C 52 18.47 -2.06 23.44
CA ALA C 52 17.37 -2.14 22.48
C ALA C 52 17.61 -3.27 21.47
N LYS C 53 16.61 -4.12 21.29
CA LYS C 53 16.65 -5.12 20.24
C LYS C 53 15.92 -4.58 19.02
N VAL C 54 16.59 -4.63 17.86
CA VAL C 54 16.11 -3.99 16.64
C VAL C 54 16.33 -4.88 15.42
N ALA C 55 15.27 -5.03 14.62
CA ALA C 55 15.34 -5.76 13.36
C ALA C 55 14.45 -5.02 12.37
N CYS C 56 15.02 -3.99 11.75
CA CYS C 56 14.24 -3.04 10.99
C CYS C 56 14.55 -3.05 9.48
N GLU C 57 13.55 -3.43 8.69
CA GLU C 57 13.68 -3.40 7.23
C GLU C 57 13.08 -2.10 6.72
N THR C 58 13.69 -1.52 5.70
CA THR C 58 13.18 -0.31 5.07
C THR C 58 12.98 -0.58 3.58
N VAL C 59 11.87 -0.11 3.04
CA VAL C 59 11.56 -0.27 1.64
C VAL C 59 11.29 1.10 1.05
N ALA C 60 11.80 1.35 -0.16
CA ALA C 60 11.71 2.67 -0.78
C ALA C 60 11.25 2.59 -2.24
N LYS C 61 10.27 3.41 -2.58
CA LYS C 61 9.74 3.46 -3.94
C LYS C 61 9.10 4.83 -4.09
N THR C 62 8.87 5.24 -5.33
CA THR C 62 8.26 6.52 -5.65
C THR C 62 7.43 7.07 -4.51
N GLY C 63 7.94 8.13 -3.87
CA GLY C 63 7.26 8.85 -2.80
C GLY C 63 7.00 8.10 -1.51
N MET C 64 7.63 6.94 -1.32
CA MET C 64 7.33 6.10 -0.15
C MET C 64 8.56 5.63 0.61
N ILE C 65 8.46 5.68 1.94
CA ILE C 65 9.38 4.97 2.83
C ILE C 65 8.55 4.13 3.79
N LEU C 66 8.80 2.83 3.83
CA LEU C 66 8.05 1.93 4.69
C LEU C 66 9.00 1.26 5.65
N LEU C 67 8.73 1.38 6.95
CA LEU C 67 9.50 0.67 7.96
C LEU C 67 8.70 -0.53 8.42
N ALA C 68 9.34 -1.70 8.39
CA ALA C 68 8.74 -2.96 8.78
C ALA C 68 9.74 -3.75 9.60
N GLY C 69 9.26 -4.49 10.61
CA GLY C 69 10.16 -5.25 11.49
C GLY C 69 9.77 -5.24 12.96
N GLU C 70 10.49 -6.03 13.76
CA GLU C 70 10.22 -6.14 15.20
C GLU C 70 11.28 -5.41 16.00
N ILE C 71 10.83 -4.51 16.87
CA ILE C 71 11.70 -3.78 17.79
C ILE C 71 11.29 -4.02 19.24
N THR C 72 12.26 -4.20 20.13
CA THR C 72 12.01 -4.25 21.57
C THR C 72 12.91 -3.24 22.26
N SER C 73 12.31 -2.17 22.76
CA SER C 73 13.08 -1.02 23.22
C SER C 73 12.28 -0.16 24.20
N ARG C 74 12.98 0.42 25.18
CA ARG C 74 12.37 1.39 26.10
C ARG C 74 12.26 2.75 25.43
N ALA C 75 13.06 2.95 24.38
CA ALA C 75 13.14 4.23 23.70
C ALA C 75 11.84 4.60 23.00
N ALA C 76 11.52 5.89 23.03
CA ALA C 76 10.42 6.44 22.24
C ALA C 76 11.05 7.24 21.10
N VAL C 77 10.80 6.80 19.88
CA VAL C 77 11.52 7.30 18.71
C VAL C 77 10.57 7.99 17.75
N ASP C 78 11.02 9.10 17.20
CA ASP C 78 10.25 9.87 16.23
C ASP C 78 10.67 9.47 14.82
N TYR C 79 10.01 8.44 14.30
CA TYR C 79 10.38 7.86 13.01
C TYR C 79 10.21 8.82 11.84
N GLN C 80 9.20 9.68 11.89
CA GLN C 80 9.03 10.72 10.88
C GLN C 80 10.31 11.56 10.80
N LYS C 81 10.78 11.99 11.96
CA LYS C 81 11.95 12.85 12.06
C LYS C 81 13.20 12.10 11.59
N VAL C 82 13.34 10.85 12.03
CA VAL C 82 14.50 10.06 11.67
C VAL C 82 14.57 9.76 10.18
N VAL C 83 13.43 9.38 9.59
CA VAL C 83 13.40 9.03 8.17
C VAL C 83 13.65 10.25 7.29
N ARG C 84 12.93 11.34 7.57
CA ARG C 84 13.05 12.56 6.77
C ARG C 84 14.42 13.23 6.87
N GLU C 85 15.03 13.18 8.05
CA GLU C 85 16.38 13.73 8.20
C GLU C 85 17.41 12.88 7.46
N ALA C 86 17.27 11.56 7.51
CA ALA C 86 18.14 10.68 6.72
C ALA C 86 18.09 11.00 5.23
N VAL C 87 16.88 11.23 4.72
CA VAL C 87 16.69 11.50 3.30
C VAL C 87 17.19 12.91 2.95
N LYS C 88 17.15 13.82 3.93
CA LYS C 88 17.67 15.16 3.75
C LYS C 88 19.19 15.14 3.62
N HIS C 89 19.86 14.46 4.54
CA HIS C 89 21.33 14.34 4.51
C HIS C 89 21.80 13.70 3.20
N ILE C 90 21.10 12.67 2.75
CA ILE C 90 21.40 12.03 1.48
C ILE C 90 21.31 13.05 0.33
N GLY C 91 20.36 13.98 0.42
CA GLY C 91 20.26 15.08 -0.53
C GLY C 91 19.04 15.06 -1.46
N TYR C 92 18.01 14.33 -1.07
CA TYR C 92 16.75 14.27 -1.83
C TYR C 92 15.74 15.23 -1.21
N ASP C 93 15.56 16.37 -1.87
CA ASP C 93 14.84 17.50 -1.29
C ASP C 93 13.98 18.28 -2.27
N ASP C 94 13.72 17.73 -3.45
CA ASP C 94 12.84 18.38 -4.40
C ASP C 94 12.27 17.39 -5.42
N SER C 95 11.03 17.63 -5.85
CA SER C 95 10.37 16.73 -6.78
C SER C 95 11.09 16.63 -8.12
N SER C 96 11.85 17.67 -8.47
CA SER C 96 12.67 17.66 -9.69
C SER C 96 13.73 16.56 -9.64
N LYS C 97 14.16 16.22 -8.42
CA LYS C 97 15.13 15.15 -8.22
C LYS C 97 14.50 13.76 -8.03
N GLY C 98 13.17 13.69 -8.00
CA GLY C 98 12.44 12.42 -7.88
C GLY C 98 12.08 12.00 -6.46
N PHE C 99 12.54 12.74 -5.46
CA PHE C 99 12.28 12.38 -4.07
C PHE C 99 12.56 13.58 -3.16
N ASP C 100 11.69 13.77 -2.17
CA ASP C 100 11.76 14.95 -1.33
C ASP C 100 11.39 14.56 0.11
N TYR C 101 12.33 14.72 1.02
CA TYR C 101 12.12 14.38 2.43
C TYR C 101 10.95 15.12 3.05
N LYS C 102 10.58 16.27 2.48
CA LYS C 102 9.54 17.12 3.04
C LYS C 102 8.14 16.61 2.75
N THR C 103 7.99 15.90 1.63
CA THR C 103 6.66 15.53 1.15
C THR C 103 6.44 14.03 1.02
N CYS C 104 7.45 13.20 1.27
CA CYS C 104 7.32 11.77 0.99
C CYS C 104 6.41 11.09 2.01
N ASN C 105 5.78 9.99 1.56
CA ASN C 105 4.93 9.18 2.45
C ASN C 105 5.80 8.33 3.35
N VAL C 106 5.60 8.44 4.65
CA VAL C 106 6.30 7.60 5.60
C VAL C 106 5.27 6.72 6.29
N LEU C 107 5.37 5.40 6.05
CA LEU C 107 4.53 4.41 6.68
C LEU C 107 5.34 3.59 7.65
N VAL C 108 4.74 3.27 8.80
CA VAL C 108 5.44 2.54 9.85
C VAL C 108 4.61 1.32 10.27
N ALA C 109 5.20 0.15 10.10
CA ALA C 109 4.60 -1.10 10.52
C ALA C 109 5.60 -1.85 11.38
N LEU C 110 6.07 -1.19 12.42
CA LEU C 110 6.99 -1.79 13.36
C LEU C 110 6.16 -2.39 14.48
N GLU C 111 6.53 -3.60 14.90
CA GLU C 111 5.88 -4.27 16.02
C GLU C 111 6.79 -4.16 17.23
N GLN C 112 6.57 -3.10 18.00
CA GLN C 112 7.39 -2.76 19.16
C GLN C 112 6.75 -3.26 20.45
N GLN C 113 7.38 -4.25 21.09
CA GLN C 113 6.87 -4.87 22.32
C GLN C 113 7.34 -4.13 23.56
N GLN C 135 23.56 -21.04 15.68
CA GLN C 135 24.68 -21.43 14.83
C GLN C 135 25.15 -20.27 13.95
N GLY C 136 26.22 -20.51 13.20
CA GLY C 136 26.71 -19.51 12.25
C GLY C 136 27.93 -19.94 11.45
N LEU C 137 28.32 -19.07 10.53
CA LEU C 137 29.57 -19.19 9.79
C LEU C 137 29.91 -17.81 9.22
N MET C 138 30.92 -17.16 9.81
CA MET C 138 31.32 -15.82 9.40
C MET C 138 32.72 -15.81 8.82
N PHE C 139 32.89 -14.96 7.82
CA PHE C 139 34.17 -14.82 7.13
C PHE C 139 34.76 -13.45 7.39
N GLY C 140 36.07 -13.42 7.64
CA GLY C 140 36.83 -12.17 7.72
C GLY C 140 37.88 -12.20 6.64
N TYR C 141 38.21 -11.05 6.08
CA TYR C 141 39.18 -11.00 5.00
C TYR C 141 40.02 -9.72 5.02
N ALA C 142 41.26 -9.83 4.57
CA ALA C 142 42.18 -8.69 4.47
C ALA C 142 43.28 -9.00 3.47
N THR C 143 43.71 -7.97 2.76
CA THR C 143 44.75 -8.07 1.74
C THR C 143 45.63 -6.82 1.78
N ASP C 144 46.94 -7.00 1.64
CA ASP C 144 47.91 -5.90 1.78
C ASP C 144 48.05 -5.02 0.52
N GLU C 145 47.29 -5.35 -0.52
CA GLU C 145 47.30 -4.57 -1.76
C GLU C 145 46.88 -3.11 -1.57
N THR C 146 46.27 -2.79 -0.43
CA THR C 146 45.98 -1.39 -0.07
C THR C 146 46.37 -1.08 1.38
N GLU C 147 46.39 0.20 1.72
CA GLU C 147 46.66 0.64 3.10
C GLU C 147 45.53 0.25 4.03
N GLU C 148 44.29 0.44 3.58
CA GLU C 148 43.12 0.08 4.37
C GLU C 148 42.85 -1.42 4.35
N CYS C 149 43.74 -2.16 3.68
CA CYS C 149 43.82 -3.61 3.82
C CYS C 149 42.61 -4.31 3.17
N MET C 150 42.10 -3.71 2.10
CA MET C 150 40.95 -4.22 1.38
C MET C 150 41.32 -4.36 -0.10
N PRO C 151 40.53 -5.16 -0.85
CA PRO C 151 40.73 -5.22 -2.30
C PRO C 151 40.72 -3.82 -2.93
N LEU C 152 41.65 -3.57 -3.83
CA LEU C 152 41.74 -2.27 -4.51
C LEU C 152 40.46 -1.98 -5.29
N THR C 153 39.94 -3.01 -5.95
CA THR C 153 38.71 -2.90 -6.74
C THR C 153 37.60 -2.22 -5.94
N ILE C 154 37.22 -2.81 -4.82
CA ILE C 154 36.11 -2.27 -4.04
C ILE C 154 36.49 -0.96 -3.35
N VAL C 155 37.74 -0.83 -2.92
CA VAL C 155 38.21 0.42 -2.33
C VAL C 155 38.01 1.57 -3.31
N LEU C 156 38.54 1.43 -4.51
CA LEU C 156 38.42 2.46 -5.53
C LEU C 156 36.96 2.77 -5.84
N ALA C 157 36.15 1.72 -5.96
CA ALA C 157 34.71 1.87 -6.20
C ALA C 157 34.03 2.69 -5.12
N HIS C 158 34.32 2.39 -3.86
CA HIS C 158 33.76 3.15 -2.75
C HIS C 158 34.12 4.62 -2.88
N LYS C 159 35.42 4.88 -3.06
CA LYS C 159 35.93 6.26 -3.07
C LYS C 159 35.35 7.07 -4.20
N LEU C 160 35.25 6.48 -5.38
CA LEU C 160 34.62 7.14 -6.53
C LEU C 160 33.25 7.69 -6.17
N ASN C 161 32.44 6.91 -5.46
CA ASN C 161 31.10 7.34 -5.07
C ASN C 161 31.16 8.45 -4.03
N ALA C 162 32.02 8.30 -3.03
CA ALA C 162 32.28 9.37 -2.06
C ALA C 162 32.66 10.67 -2.79
N LYS C 163 33.56 10.57 -3.76
CA LYS C 163 33.98 11.76 -4.51
C LYS C 163 32.81 12.47 -5.18
N LEU C 164 31.88 11.70 -5.75
CA LEU C 164 30.67 12.29 -6.35
C LEU C 164 29.85 13.04 -5.30
N ALA C 165 29.62 12.40 -4.15
CA ALA C 165 28.91 13.05 -3.05
C ALA C 165 29.64 14.33 -2.62
N GLU C 166 30.97 14.23 -2.52
CA GLU C 166 31.80 15.39 -2.14
C GLU C 166 31.60 16.56 -3.09
N LEU C 167 31.74 16.31 -4.40
CA LEU C 167 31.62 17.38 -5.40
C LEU C 167 30.18 17.85 -5.64
N ARG C 168 29.20 17.03 -5.25
CA ARG C 168 27.80 17.43 -5.29
C ARG C 168 27.53 18.37 -4.11
N ARG C 169 27.94 17.94 -2.93
CA ARG C 169 27.67 18.69 -1.70
C ARG C 169 28.38 20.05 -1.65
N ASN C 170 29.63 20.12 -2.10
CA ASN C 170 30.36 21.40 -2.11
C ASN C 170 30.05 22.28 -3.33
N GLY C 171 29.20 21.80 -4.22
CA GLY C 171 28.64 22.64 -5.28
C GLY C 171 29.50 22.83 -6.53
N THR C 172 30.68 22.21 -6.58
CA THR C 172 31.56 22.35 -7.74
C THR C 172 31.03 21.62 -9.00
N LEU C 173 30.23 20.57 -8.79
CA LEU C 173 29.48 19.94 -9.88
C LEU C 173 27.99 19.96 -9.53
N PRO C 174 27.31 21.09 -9.81
CA PRO C 174 25.96 21.30 -9.30
C PRO C 174 24.91 20.37 -9.91
N TRP C 175 25.19 19.85 -11.10
CA TRP C 175 24.26 18.96 -11.81
C TRP C 175 24.16 17.52 -11.23
N LEU C 176 25.03 17.17 -10.29
CA LEU C 176 25.01 15.84 -9.69
C LEU C 176 23.83 15.63 -8.77
N ARG C 177 23.13 14.49 -8.94
CA ARG C 177 22.09 14.03 -8.00
C ARG C 177 22.69 12.91 -7.13
N PRO C 178 21.96 12.50 -6.06
CA PRO C 178 22.55 11.57 -5.09
C PRO C 178 22.72 10.12 -5.54
N ASP C 179 21.86 9.64 -6.44
CA ASP C 179 21.85 8.23 -6.85
C ASP C 179 22.97 7.94 -7.85
N SER C 180 23.88 7.05 -7.47
CA SER C 180 25.05 6.73 -8.30
C SER C 180 25.52 5.30 -8.10
N LYS C 181 26.20 4.78 -9.12
CA LYS C 181 26.84 3.46 -9.05
C LYS C 181 28.21 3.53 -9.73
N THR C 182 29.12 2.68 -9.28
CA THR C 182 30.45 2.57 -9.87
C THR C 182 30.92 1.13 -9.86
N GLN C 183 31.77 0.81 -10.81
CA GLN C 183 32.32 -0.52 -10.96
C GLN C 183 33.76 -0.37 -11.42
N VAL C 184 34.67 -1.13 -10.83
CA VAL C 184 36.08 -1.03 -11.15
C VAL C 184 36.67 -2.40 -11.38
N THR C 185 37.23 -2.60 -12.58
CA THR C 185 37.92 -3.84 -12.92
C THR C 185 39.43 -3.60 -12.83
N VAL C 186 40.14 -4.49 -12.15
CA VAL C 186 41.60 -4.38 -12.01
C VAL C 186 42.30 -5.61 -12.59
N GLN C 187 43.36 -5.35 -13.36
CA GLN C 187 44.23 -6.39 -13.86
C GLN C 187 45.26 -6.73 -12.79
N TYR C 188 45.24 -7.97 -12.32
CA TYR C 188 46.12 -8.43 -11.25
C TYR C 188 47.11 -9.45 -11.80
N MET C 189 48.21 -9.62 -11.07
CA MET C 189 49.06 -10.80 -11.20
C MET C 189 49.12 -11.48 -9.84
N GLN C 190 49.01 -12.80 -9.83
CA GLN C 190 49.11 -13.56 -8.59
C GLN C 190 50.58 -13.90 -8.36
N ASP C 191 51.08 -13.47 -7.20
CA ASP C 191 52.49 -13.58 -6.86
C ASP C 191 52.64 -14.20 -5.47
N ARG C 192 53.01 -15.48 -5.45
CA ARG C 192 53.24 -16.23 -4.22
C ARG C 192 52.09 -16.06 -3.24
N GLY C 193 50.88 -16.35 -3.71
CA GLY C 193 49.68 -16.36 -2.87
C GLY C 193 48.95 -15.03 -2.79
N ALA C 194 49.70 -13.94 -2.82
CA ALA C 194 49.12 -12.60 -2.79
C ALA C 194 48.63 -12.19 -4.17
N VAL C 195 48.01 -11.02 -4.23
CA VAL C 195 47.57 -10.43 -5.51
C VAL C 195 48.13 -9.01 -5.64
N LEU C 196 48.79 -8.75 -6.76
CA LEU C 196 49.40 -7.45 -7.02
C LEU C 196 48.58 -6.72 -8.09
N PRO C 197 47.98 -5.59 -7.72
CA PRO C 197 47.29 -4.81 -8.73
C PRO C 197 48.30 -4.24 -9.72
N ILE C 198 48.10 -4.49 -11.01
CA ILE C 198 48.99 -3.99 -12.04
C ILE C 198 48.46 -2.67 -12.58
N ARG C 199 47.19 -2.67 -12.97
CA ARG C 199 46.56 -1.50 -13.58
C ARG C 199 45.03 -1.57 -13.48
N VAL C 200 44.37 -0.43 -13.56
CA VAL C 200 42.92 -0.38 -13.63
C VAL C 200 42.49 -0.60 -15.09
N HIS C 201 41.81 -1.71 -15.31
CA HIS C 201 41.43 -2.17 -16.65
C HIS C 201 40.25 -1.40 -17.19
N THR C 202 39.21 -1.28 -16.36
CA THR C 202 37.95 -0.70 -16.78
C THR C 202 37.25 -0.03 -15.60
N ILE C 203 36.66 1.13 -15.85
CA ILE C 203 35.90 1.87 -14.84
C ILE C 203 34.51 2.22 -15.38
N VAL C 204 33.48 1.88 -14.61
CA VAL C 204 32.12 2.30 -14.91
C VAL C 204 31.66 3.30 -13.86
N ILE C 205 31.04 4.38 -14.33
CA ILE C 205 30.30 5.29 -13.47
C ILE C 205 28.98 5.69 -14.14
N SER C 206 27.88 5.43 -13.44
CA SER C 206 26.59 5.99 -13.77
C SER C 206 26.13 6.79 -12.56
N VAL C 207 25.68 8.02 -12.78
CA VAL C 207 25.18 8.87 -11.71
C VAL C 207 24.02 9.72 -12.22
N GLN C 208 22.99 9.84 -11.38
CA GLN C 208 21.81 10.65 -11.68
C GLN C 208 22.20 12.12 -11.83
N HIS C 209 21.47 12.86 -12.67
CA HIS C 209 21.83 14.24 -13.00
C HIS C 209 20.61 15.05 -13.45
N ASP C 210 20.77 16.36 -13.54
CA ASP C 210 19.69 17.24 -14.02
C ASP C 210 19.57 17.13 -15.54
N GLU C 211 18.74 17.98 -16.16
CA GLU C 211 18.54 17.92 -17.61
C GLU C 211 19.02 19.17 -18.33
N GLU C 212 19.93 19.91 -17.69
CA GLU C 212 20.61 21.05 -18.30
C GLU C 212 21.99 20.63 -18.79
N VAL C 213 22.75 19.95 -17.94
CA VAL C 213 24.11 19.51 -18.28
C VAL C 213 24.11 18.53 -19.45
N CYS C 214 25.05 18.72 -20.38
CA CYS C 214 25.14 17.88 -21.58
C CYS C 214 25.98 16.64 -21.32
N LEU C 215 25.78 15.64 -22.16
CA LEU C 215 26.40 14.33 -21.96
C LEU C 215 27.92 14.40 -22.01
N ASP C 216 28.45 15.14 -22.99
CA ASP C 216 29.90 15.34 -23.14
C ASP C 216 30.53 16.02 -21.92
N GLU C 217 29.82 16.96 -21.31
CA GLU C 217 30.32 17.63 -20.11
C GLU C 217 30.41 16.66 -18.93
N MET C 218 29.41 15.79 -18.79
CA MET C 218 29.39 14.82 -17.69
C MET C 218 30.55 13.83 -17.81
N ARG C 219 30.70 13.24 -18.99
CA ARG C 219 31.78 12.28 -19.24
C ARG C 219 33.16 12.92 -19.05
N ASP C 220 33.29 14.18 -19.44
CA ASP C 220 34.51 14.95 -19.22
C ASP C 220 34.79 15.09 -17.73
N ALA C 221 33.79 15.58 -16.99
CA ALA C 221 33.96 15.88 -15.57
C ALA C 221 34.24 14.62 -14.75
N LEU C 222 33.54 13.53 -15.08
CA LEU C 222 33.70 12.28 -14.35
C LEU C 222 35.11 11.70 -14.49
N LYS C 223 35.72 11.88 -15.64
CA LYS C 223 37.09 11.43 -15.87
C LYS C 223 38.11 12.33 -15.16
N GLU C 224 38.02 13.64 -15.42
CA GLU C 224 39.02 14.60 -14.95
C GLU C 224 38.87 14.97 -13.47
N LYS C 225 37.65 15.28 -13.05
CA LYS C 225 37.39 15.77 -11.70
C LYS C 225 37.23 14.64 -10.67
N VAL C 226 36.78 13.47 -11.12
CA VAL C 226 36.41 12.38 -10.19
C VAL C 226 37.40 11.23 -10.21
N ILE C 227 37.58 10.60 -11.37
CA ILE C 227 38.46 9.44 -11.49
C ILE C 227 39.92 9.82 -11.19
N LYS C 228 40.43 10.84 -11.88
CA LYS C 228 41.81 11.28 -11.65
C LYS C 228 42.03 11.77 -10.22
N ALA C 229 40.98 12.31 -9.60
CA ALA C 229 41.06 12.77 -8.22
C ALA C 229 41.10 11.64 -7.20
N VAL C 230 40.72 10.43 -7.62
CA VAL C 230 40.57 9.29 -6.70
C VAL C 230 41.54 8.14 -6.99
N VAL C 231 41.72 7.82 -8.28
CA VAL C 231 42.54 6.68 -8.68
C VAL C 231 43.97 7.14 -8.94
N PRO C 232 44.94 6.50 -8.27
CA PRO C 232 46.35 6.83 -8.48
C PRO C 232 46.77 6.75 -9.95
N ALA C 233 47.53 7.75 -10.40
CA ALA C 233 47.90 7.87 -11.82
C ALA C 233 48.69 6.67 -12.33
N LYS C 234 49.45 6.04 -11.43
CA LYS C 234 50.22 4.83 -11.77
C LYS C 234 49.37 3.63 -12.19
N TYR C 235 48.05 3.68 -11.94
CA TYR C 235 47.16 2.59 -12.34
C TYR C 235 46.39 2.89 -13.64
N LEU C 236 46.44 4.14 -14.10
CA LEU C 236 45.72 4.54 -15.31
C LEU C 236 46.65 4.67 -16.51
N ASP C 237 46.18 4.25 -17.68
CA ASP C 237 46.94 4.39 -18.92
C ASP C 237 45.99 4.50 -20.12
N GLU C 238 46.57 4.64 -21.30
CA GLU C 238 45.80 4.89 -22.53
C GLU C 238 44.82 3.77 -22.87
N ASP C 239 45.13 2.55 -22.47
CA ASP C 239 44.29 1.39 -22.80
C ASP C 239 43.11 1.22 -21.84
N THR C 240 43.21 1.81 -20.65
CA THR C 240 42.14 1.77 -19.66
C THR C 240 40.81 2.15 -20.30
N ILE C 241 39.78 1.34 -20.06
CA ILE C 241 38.47 1.54 -20.71
C ILE C 241 37.52 2.30 -19.78
N TYR C 242 36.87 3.33 -20.31
CA TYR C 242 35.96 4.18 -19.55
C TYR C 242 34.52 4.04 -20.04
N HIS C 243 33.64 3.53 -19.16
CA HIS C 243 32.19 3.56 -19.38
C HIS C 243 31.57 4.57 -18.42
N LEU C 244 31.34 5.77 -18.93
CA LEU C 244 30.84 6.87 -18.11
C LEU C 244 29.48 7.28 -18.62
N GLN C 245 28.48 7.22 -17.73
CA GLN C 245 27.09 7.43 -18.10
C GLN C 245 26.69 6.58 -19.31
N PRO C 246 27.03 5.29 -19.29
CA PRO C 246 26.84 4.42 -20.46
C PRO C 246 25.38 4.24 -20.90
N SER C 247 24.42 4.53 -20.02
CA SER C 247 23.00 4.51 -20.39
C SER C 247 22.62 5.69 -21.29
N GLY C 248 23.36 6.79 -21.19
CA GLY C 248 23.14 7.97 -22.03
C GLY C 248 22.16 8.97 -21.46
N ARG C 249 21.39 8.55 -20.45
CA ARG C 249 20.49 9.43 -19.73
C ARG C 249 20.10 8.81 -18.39
N PHE C 250 20.18 9.60 -17.33
CA PHE C 250 19.95 9.16 -15.96
C PHE C 250 19.38 10.37 -15.22
N VAL C 251 18.22 10.84 -15.69
CA VAL C 251 17.54 11.94 -15.04
C VAL C 251 16.66 11.39 -13.91
N ILE C 252 15.83 10.41 -14.26
CA ILE C 252 15.03 9.68 -13.28
C ILE C 252 15.93 8.74 -12.48
N GLY C 253 15.78 8.79 -11.16
CA GLY C 253 16.64 8.02 -10.28
C GLY C 253 16.06 7.88 -8.89
N GLY C 254 16.89 7.44 -7.94
CA GLY C 254 16.41 7.13 -6.60
C GLY C 254 15.29 6.10 -6.63
N PRO C 255 14.48 6.04 -5.56
CA PRO C 255 13.34 5.14 -5.49
C PRO C 255 12.36 5.22 -6.65
N GLN C 256 12.29 6.36 -7.33
CA GLN C 256 11.39 6.51 -8.48
C GLN C 256 11.78 5.58 -9.64
N GLY C 257 13.09 5.42 -9.88
CA GLY C 257 13.57 4.58 -10.96
C GLY C 257 13.72 3.10 -10.62
N ASP C 258 13.93 2.82 -9.33
CA ASP C 258 14.23 1.47 -8.87
C ASP C 258 13.83 1.31 -7.39
N ALA C 259 12.98 0.32 -7.10
CA ALA C 259 12.61 0.03 -5.73
C ALA C 259 13.84 -0.31 -4.90
N GLY C 260 13.87 0.19 -3.66
CA GLY C 260 14.97 -0.11 -2.74
C GLY C 260 14.52 -0.94 -1.55
N LEU C 261 15.38 -1.86 -1.12
CA LEU C 261 15.16 -2.65 0.08
C LEU C 261 16.42 -2.68 0.92
N THR C 262 16.25 -2.95 2.22
CA THR C 262 17.36 -3.07 3.15
C THR C 262 18.02 -4.41 2.93
N GLY C 263 19.35 -4.44 2.91
CA GLY C 263 20.09 -5.69 2.82
C GLY C 263 20.26 -6.29 1.43
N ARG C 264 20.11 -5.47 0.40
CA ARG C 264 20.29 -5.91 -0.99
C ARG C 264 21.59 -5.38 -1.59
N LYS C 265 22.55 -5.06 -0.73
CA LYS C 265 23.90 -4.63 -1.16
C LYS C 265 24.98 -5.23 -0.26
N ILE C 266 24.87 -6.53 0.02
CA ILE C 266 25.73 -7.18 1.02
C ILE C 266 27.17 -7.46 0.55
N ILE C 267 27.37 -7.44 -0.77
CA ILE C 267 28.70 -7.64 -1.34
C ILE C 267 29.43 -6.31 -1.42
N VAL C 268 28.68 -5.24 -1.71
CA VAL C 268 29.17 -3.87 -1.59
C VAL C 268 29.57 -3.56 -0.13
N ASP C 269 28.73 -3.99 0.80
CA ASP C 269 28.96 -3.76 2.24
C ASP C 269 30.23 -4.42 2.76
N THR C 270 30.64 -5.53 2.13
CA THR C 270 31.74 -6.36 2.63
C THR C 270 32.96 -6.31 1.71
N TYR C 271 33.24 -7.38 0.96
CA TYR C 271 34.51 -7.55 0.25
C TYR C 271 34.42 -7.55 -1.29
N GLY C 272 33.27 -7.19 -1.84
CA GLY C 272 33.13 -6.96 -3.29
C GLY C 272 33.46 -8.13 -4.18
N GLY C 273 33.13 -9.35 -3.75
CA GLY C 273 33.39 -10.54 -4.53
C GLY C 273 34.67 -11.26 -4.15
N TRP C 274 35.47 -10.63 -3.28
CA TRP C 274 36.63 -11.29 -2.69
C TRP C 274 36.20 -11.93 -1.39
N GLY C 275 37.10 -12.67 -0.77
CA GLY C 275 36.81 -13.32 0.50
C GLY C 275 35.63 -14.25 0.35
N ALA C 276 34.72 -14.20 1.32
CA ALA C 276 33.52 -15.05 1.30
C ALA C 276 32.41 -14.41 2.11
N HIS C 277 31.21 -14.99 2.01
CA HIS C 277 30.03 -14.42 2.64
C HIS C 277 28.99 -15.50 2.90
N GLY C 278 28.57 -15.60 4.16
CA GLY C 278 27.61 -16.63 4.58
C GLY C 278 26.17 -16.31 4.26
N GLY C 279 25.79 -15.03 4.30
CA GLY C 279 24.52 -14.59 3.75
C GLY C 279 23.73 -13.54 4.51
N GLY C 280 24.15 -13.24 5.74
CA GLY C 280 23.45 -12.25 6.55
C GLY C 280 23.74 -10.81 6.16
N ALA C 281 22.68 -10.00 6.08
CA ALA C 281 22.81 -8.56 5.90
C ALA C 281 23.10 -7.89 7.24
N PHE C 282 23.58 -6.66 7.23
CA PHE C 282 24.00 -5.94 8.44
C PHE C 282 22.99 -4.91 8.94
N SER C 283 22.61 -4.00 8.06
CA SER C 283 21.87 -2.81 8.47
C SER C 283 20.49 -3.14 9.03
N GLY C 284 20.10 -2.39 10.06
CA GLY C 284 18.82 -2.60 10.73
C GLY C 284 18.84 -3.63 11.84
N LYS C 285 19.99 -4.28 12.03
CA LYS C 285 20.17 -5.28 13.08
C LYS C 285 21.08 -4.73 14.19
N ASP C 286 20.65 -4.90 15.43
CA ASP C 286 21.45 -4.51 16.60
C ASP C 286 22.59 -5.51 16.82
N TYR C 287 23.40 -5.25 17.84
CA TYR C 287 24.63 -6.01 18.08
C TYR C 287 24.43 -7.46 18.55
N THR C 288 23.25 -7.79 19.07
CA THR C 288 22.98 -9.17 19.49
C THR C 288 22.88 -10.15 18.31
N LYS C 289 22.68 -9.63 17.10
CA LYS C 289 22.72 -10.45 15.90
C LYS C 289 24.17 -10.75 15.57
N VAL C 290 24.54 -12.03 15.65
CA VAL C 290 25.93 -12.43 15.43
C VAL C 290 26.35 -12.24 13.97
N ASP C 291 25.39 -12.37 13.07
CA ASP C 291 25.54 -11.97 11.68
C ASP C 291 26.30 -10.67 11.51
N ARG C 292 26.11 -9.72 12.41
CA ARG C 292 26.75 -8.41 12.30
C ARG C 292 28.03 -8.34 13.13
N SER C 293 27.91 -8.66 14.41
CA SER C 293 29.02 -8.46 15.36
C SER C 293 30.19 -9.41 15.11
N ALA C 294 29.87 -10.68 14.87
CA ALA C 294 30.89 -11.69 14.64
C ALA C 294 31.59 -11.53 13.28
N ALA C 295 30.91 -10.90 12.34
CA ALA C 295 31.52 -10.61 11.04
C ALA C 295 32.49 -9.43 11.18
N TYR C 296 32.09 -8.44 11.98
CA TYR C 296 32.98 -7.32 12.31
C TYR C 296 34.24 -7.82 13.02
N ALA C 297 34.05 -8.75 13.95
CA ALA C 297 35.16 -9.37 14.68
C ALA C 297 36.09 -10.12 13.75
N ALA C 298 35.51 -10.87 12.80
CA ALA C 298 36.28 -11.68 11.87
C ALA C 298 37.17 -10.82 11.00
N ARG C 299 36.63 -9.70 10.52
CA ARG C 299 37.44 -8.68 9.83
C ARG C 299 38.57 -8.13 10.73
N TRP C 300 38.25 -7.84 11.98
CA TRP C 300 39.21 -7.29 12.95
C TRP C 300 40.42 -8.22 13.11
N VAL C 301 40.13 -9.52 13.23
CA VAL C 301 41.18 -10.52 13.29
C VAL C 301 41.99 -10.50 12.00
N ALA C 302 41.32 -10.69 10.87
CA ALA C 302 41.98 -10.70 9.56
C ALA C 302 42.91 -9.52 9.38
N LYS C 303 42.41 -8.32 9.65
CA LYS C 303 43.20 -7.11 9.48
C LYS C 303 44.36 -7.08 10.47
N SER C 304 44.15 -7.63 11.66
CA SER C 304 45.20 -7.72 12.66
C SER C 304 46.32 -8.64 12.19
N LEU C 305 45.97 -9.75 11.55
CA LEU C 305 46.97 -10.69 11.04
C LEU C 305 47.78 -10.13 9.88
N VAL C 306 47.20 -9.24 9.09
CA VAL C 306 47.89 -8.67 7.93
C VAL C 306 48.72 -7.45 8.31
N LYS C 307 48.13 -6.53 9.07
CA LYS C 307 48.86 -5.37 9.59
C LYS C 307 49.99 -5.80 10.53
N GLY C 308 49.78 -6.90 11.23
CA GLY C 308 50.81 -7.48 12.10
C GLY C 308 51.95 -8.18 11.37
N GLY C 309 51.89 -8.20 10.04
CA GLY C 309 52.97 -8.78 9.22
C GLY C 309 53.00 -10.29 9.13
N LEU C 310 51.99 -10.96 9.68
CA LEU C 310 51.93 -12.42 9.68
C LEU C 310 51.48 -13.02 8.35
N CYS C 311 50.85 -12.23 7.50
CA CYS C 311 50.56 -12.65 6.14
C CYS C 311 50.18 -11.48 5.25
N ARG C 312 50.27 -11.69 3.94
CA ARG C 312 49.95 -10.68 2.94
C ARG C 312 48.45 -10.69 2.58
N ARG C 313 47.78 -11.81 2.85
CA ARG C 313 46.39 -12.01 2.43
C ARG C 313 45.82 -13.16 3.25
N VAL C 314 44.64 -12.97 3.83
CA VAL C 314 44.02 -14.03 4.63
C VAL C 314 42.48 -14.02 4.59
N LEU C 315 41.90 -15.21 4.74
CA LEU C 315 40.48 -15.38 4.98
C LEU C 315 40.32 -16.15 6.27
N VAL C 316 39.50 -15.65 7.18
CA VAL C 316 39.26 -16.30 8.47
C VAL C 316 37.83 -16.80 8.47
N GLN C 317 37.65 -18.09 8.75
CA GLN C 317 36.35 -18.73 8.68
C GLN C 317 35.92 -19.20 10.07
N VAL C 318 35.08 -18.41 10.73
CA VAL C 318 34.66 -18.69 12.11
C VAL C 318 33.32 -19.41 12.16
N SER C 319 33.34 -20.67 12.58
CA SER C 319 32.12 -21.47 12.75
C SER C 319 31.59 -21.39 14.20
N TYR C 320 30.38 -20.87 14.37
CA TYR C 320 29.70 -20.89 15.68
C TYR C 320 28.69 -22.04 15.71
N ALA C 321 28.45 -22.57 16.92
CA ALA C 321 27.57 -23.72 17.09
C ALA C 321 26.63 -23.55 18.28
N ILE C 322 25.52 -24.29 18.25
CA ILE C 322 24.51 -24.29 19.31
C ILE C 322 25.07 -24.93 20.57
N GLY C 323 25.12 -24.16 21.66
CA GLY C 323 25.57 -24.65 22.96
C GLY C 323 26.92 -24.07 23.37
N VAL C 324 27.88 -24.13 22.46
CA VAL C 324 29.24 -23.65 22.72
C VAL C 324 29.27 -22.14 22.51
N SER C 325 29.71 -21.40 23.53
CA SER C 325 29.79 -19.94 23.46
C SER C 325 30.97 -19.52 22.59
N HIS C 326 32.12 -20.16 22.80
CA HIS C 326 33.29 -19.98 21.93
C HIS C 326 33.00 -20.53 20.53
N PRO C 327 33.72 -20.03 19.50
CA PRO C 327 33.63 -20.64 18.18
C PRO C 327 33.98 -22.12 18.19
N LEU C 328 33.10 -22.94 17.63
CA LEU C 328 33.33 -24.37 17.51
C LEU C 328 34.63 -24.65 16.75
N SER C 329 34.85 -23.91 15.66
CA SER C 329 36.02 -24.11 14.82
C SER C 329 36.47 -22.83 14.12
N ILE C 330 37.77 -22.68 13.95
CA ILE C 330 38.34 -21.59 13.18
C ILE C 330 39.28 -22.15 12.15
N SER C 331 38.96 -21.92 10.87
CA SER C 331 39.89 -22.21 9.79
C SER C 331 40.49 -20.88 9.33
N ILE C 332 41.76 -20.91 8.95
CA ILE C 332 42.47 -19.73 8.50
C ILE C 332 43.18 -20.05 7.18
N PHE C 333 42.83 -19.33 6.13
CA PHE C 333 43.42 -19.57 4.81
C PHE C 333 44.33 -18.42 4.45
N HIS C 334 45.64 -18.63 4.64
CA HIS C 334 46.62 -17.58 4.40
C HIS C 334 47.17 -17.59 2.97
N TYR C 335 46.64 -18.49 2.13
CA TYR C 335 47.02 -18.60 0.71
C TYR C 335 48.52 -18.90 0.49
N GLY C 336 49.20 -19.37 1.54
CA GLY C 336 50.63 -19.60 1.50
C GLY C 336 51.47 -18.33 1.56
N THR C 337 50.87 -17.23 2.02
CA THR C 337 51.55 -15.94 2.09
C THR C 337 52.20 -15.71 3.46
N SER C 338 52.26 -16.77 4.27
CA SER C 338 52.84 -16.71 5.59
C SER C 338 53.96 -17.75 5.69
N GLN C 339 54.98 -17.44 6.48
CA GLN C 339 56.04 -18.41 6.77
C GLN C 339 55.63 -19.34 7.90
N LYS C 340 54.51 -19.04 8.56
CA LYS C 340 53.96 -19.88 9.62
C LYS C 340 52.74 -20.64 9.13
N SER C 341 52.51 -21.80 9.73
CA SER C 341 51.38 -22.67 9.38
C SER C 341 50.05 -22.07 9.81
N GLU C 342 48.97 -22.66 9.31
CA GLU C 342 47.63 -22.31 9.77
C GLU C 342 47.53 -22.61 11.25
N ARG C 343 48.01 -23.82 11.61
CA ARG C 343 47.99 -24.30 12.99
C ARG C 343 48.60 -23.29 13.96
N GLU C 344 49.72 -22.70 13.55
CA GLU C 344 50.41 -21.70 14.35
C GLU C 344 49.64 -20.39 14.42
N LEU C 345 49.05 -19.98 13.30
CA LEU C 345 48.24 -18.76 13.24
C LEU C 345 47.00 -18.88 14.11
N LEU C 346 46.45 -20.09 14.19
CA LEU C 346 45.28 -20.35 15.02
C LEU C 346 45.62 -20.05 16.49
N GLU C 347 46.74 -20.60 16.95
CA GLU C 347 47.20 -20.39 18.33
C GLU C 347 47.40 -18.91 18.65
N ILE C 348 48.07 -18.19 17.75
CA ILE C 348 48.24 -16.75 17.91
C ILE C 348 46.90 -16.05 18.12
N VAL C 349 45.92 -16.39 17.28
CA VAL C 349 44.59 -15.81 17.32
C VAL C 349 43.85 -16.20 18.61
N LYS C 350 43.92 -17.48 18.98
CA LYS C 350 43.31 -17.94 20.23
C LYS C 350 43.90 -17.27 21.47
N LYS C 351 45.14 -16.78 21.37
CA LYS C 351 45.81 -16.05 22.46
C LYS C 351 45.36 -14.58 22.51
N ASN C 352 45.29 -13.94 21.36
CA ASN C 352 45.06 -12.49 21.28
C ASN C 352 43.61 -12.04 21.16
N PHE C 353 42.68 -12.97 20.98
CA PHE C 353 41.28 -12.62 20.73
C PHE C 353 40.32 -13.51 21.52
N ASP C 354 39.25 -12.91 22.01
CA ASP C 354 38.14 -13.63 22.62
C ASP C 354 36.91 -13.41 21.74
N LEU C 355 36.59 -14.41 20.93
CA LEU C 355 35.55 -14.28 19.89
C LEU C 355 34.21 -14.84 20.32
N ARG C 356 33.85 -14.61 21.58
CA ARG C 356 32.51 -14.90 22.07
C ARG C 356 31.66 -13.66 21.85
N PRO C 357 30.42 -13.82 21.36
CA PRO C 357 29.59 -12.67 21.00
C PRO C 357 29.59 -11.58 22.07
N GLY C 358 29.27 -11.96 23.30
CA GLY C 358 29.21 -11.01 24.42
C GLY C 358 30.49 -10.21 24.63
N VAL C 359 31.63 -10.86 24.46
CA VAL C 359 32.94 -10.22 24.64
C VAL C 359 33.27 -9.32 23.46
N ILE C 360 32.85 -9.75 22.27
CA ILE C 360 33.06 -8.97 21.04
C ILE C 360 32.42 -7.59 21.15
N VAL C 361 31.19 -7.52 21.67
CA VAL C 361 30.47 -6.24 21.75
C VAL C 361 31.16 -5.31 22.76
N ARG C 362 31.64 -5.89 23.85
CA ARG C 362 32.36 -5.13 24.87
C ARG C 362 33.66 -4.59 24.29
N ASP C 363 34.44 -5.46 23.65
CA ASP C 363 35.76 -5.09 23.11
C ASP C 363 35.68 -4.10 21.94
N LEU C 364 34.70 -4.29 21.05
CA LEU C 364 34.52 -3.38 19.92
C LEU C 364 33.62 -2.19 20.28
N ASP C 365 32.93 -2.29 21.42
CA ASP C 365 32.12 -1.20 21.95
C ASP C 365 30.87 -1.00 21.07
N LEU C 366 30.17 -2.09 20.81
CA LEU C 366 29.10 -2.13 19.80
C LEU C 366 27.73 -1.65 20.26
N LYS C 367 27.60 -1.19 21.51
CA LYS C 367 26.33 -0.65 22.01
C LYS C 367 26.16 0.83 21.72
N LYS C 368 27.19 1.46 21.15
CA LYS C 368 27.13 2.89 20.82
C LYS C 368 26.48 3.11 19.46
N PRO C 369 25.82 4.27 19.28
CA PRO C 369 25.09 4.55 18.05
C PRO C 369 25.98 5.08 16.92
N ILE C 370 26.79 4.18 16.35
CA ILE C 370 27.71 4.53 15.26
C ILE C 370 27.40 3.81 13.94
N TYR C 371 26.18 3.26 13.82
CA TYR C 371 25.86 2.34 12.73
C TYR C 371 25.43 2.98 11.41
N GLN C 372 24.80 4.15 11.45
CA GLN C 372 24.42 4.84 10.20
C GLN C 372 25.63 5.16 9.32
N ARG C 373 26.79 5.33 9.94
CA ARG C 373 28.04 5.59 9.23
C ARG C 373 28.53 4.40 8.41
N THR C 374 28.13 3.19 8.81
CA THR C 374 28.49 1.96 8.12
C THR C 374 27.60 1.67 6.92
N ALA C 375 26.47 2.36 6.84
CA ALA C 375 25.41 2.03 5.89
C ALA C 375 25.73 2.48 4.46
N ALA C 376 26.87 3.10 4.24
CA ALA C 376 27.31 3.47 2.89
C ALA C 376 28.84 3.62 2.80
N TYR C 377 29.39 3.24 1.64
CA TYR C 377 30.84 3.21 1.37
C TYR C 377 31.56 1.99 1.95
N GLY C 378 30.79 1.01 2.43
CA GLY C 378 31.33 -0.27 2.88
C GLY C 378 31.53 -0.29 4.37
N HIS C 379 31.32 -1.46 4.98
CA HIS C 379 31.45 -1.64 6.42
C HIS C 379 32.91 -1.89 6.79
N PHE C 380 33.69 -2.30 5.80
CA PHE C 380 35.10 -2.61 5.99
C PHE C 380 35.98 -1.67 5.15
N GLY C 381 37.14 -1.32 5.69
CA GLY C 381 38.13 -0.50 4.99
C GLY C 381 38.27 0.94 5.46
N ARG C 382 37.56 1.33 6.51
CA ARG C 382 37.63 2.70 7.02
C ARG C 382 38.23 2.74 8.42
N ASP C 383 39.27 3.55 8.58
CA ASP C 383 40.02 3.68 9.85
C ASP C 383 39.14 4.08 11.06
N SER C 384 37.99 4.69 10.79
CA SER C 384 37.12 5.24 11.83
C SER C 384 36.49 4.20 12.78
N PHE C 385 36.34 2.96 12.34
CA PHE C 385 35.59 1.95 13.11
C PHE C 385 36.52 1.10 13.95
N PRO C 386 36.07 0.68 15.15
CA PRO C 386 36.93 -0.08 16.07
C PRO C 386 37.44 -1.42 15.55
N TRP C 387 36.67 -2.07 14.66
CA TRP C 387 37.10 -3.34 14.06
C TRP C 387 38.08 -3.13 12.90
N GLU C 388 38.30 -1.87 12.54
CA GLU C 388 39.30 -1.52 11.55
C GLU C 388 40.64 -1.08 12.15
N VAL C 389 40.70 -0.84 13.47
CA VAL C 389 41.98 -0.59 14.14
C VAL C 389 42.55 -1.93 14.64
N PRO C 390 43.71 -2.33 14.10
CA PRO C 390 44.19 -3.68 14.38
C PRO C 390 44.78 -3.83 15.79
N LYS C 391 44.63 -5.02 16.35
CA LYS C 391 45.21 -5.36 17.64
C LYS C 391 46.66 -5.77 17.45
N LYS C 392 47.54 -5.33 18.36
CA LYS C 392 48.94 -5.74 18.36
C LYS C 392 49.00 -7.12 18.99
N LEU C 393 49.76 -8.03 18.38
CA LEU C 393 49.73 -9.43 18.77
C LEU C 393 50.94 -9.82 19.62
N LYS C 394 50.70 -10.10 20.90
CA LYS C 394 51.67 -10.73 21.78
C LYS C 394 51.71 -12.22 21.44
N TYR C 395 52.77 -12.65 20.73
CA TYR C 395 52.96 -14.06 20.41
C TYR C 395 54.42 -14.46 20.60
N GLU D 14 44.21 -34.92 12.24
CA GLU D 14 43.66 -34.39 10.95
C GLU D 14 44.67 -33.51 10.21
N GLU D 15 44.53 -33.45 8.88
CA GLU D 15 45.57 -32.91 8.00
C GLU D 15 44.94 -32.13 6.83
N GLY D 16 44.91 -30.81 6.93
CA GLY D 16 44.31 -29.97 5.89
C GLY D 16 42.78 -29.99 5.83
N THR D 17 42.15 -30.54 6.86
CA THR D 17 40.69 -30.65 6.91
C THR D 17 40.07 -29.37 7.46
N PHE D 18 38.79 -29.19 7.20
CA PHE D 18 38.05 -28.04 7.71
C PHE D 18 36.55 -28.35 7.77
N LEU D 19 35.82 -27.53 8.51
CA LEU D 19 34.36 -27.63 8.54
C LEU D 19 33.76 -26.57 7.63
N PHE D 20 32.66 -26.92 6.96
CA PHE D 20 31.90 -25.94 6.20
C PHE D 20 30.43 -26.12 6.40
N THR D 21 29.71 -25.01 6.46
CA THR D 21 28.28 -25.02 6.70
C THR D 21 27.51 -24.18 5.67
N SER D 22 26.44 -24.76 5.15
CA SER D 22 25.47 -24.02 4.34
C SER D 22 24.09 -24.17 4.99
N GLU D 23 23.26 -23.15 4.83
CA GLU D 23 21.87 -23.26 5.27
C GLU D 23 20.90 -23.25 4.10
N SER D 24 19.66 -23.62 4.39
CA SER D 24 18.57 -23.48 3.45
C SER D 24 17.27 -23.25 4.21
N VAL D 25 16.34 -22.53 3.58
CA VAL D 25 15.06 -22.22 4.22
C VAL D 25 13.88 -22.71 3.37
N GLY D 26 12.79 -23.04 4.05
CA GLY D 26 11.61 -23.56 3.39
C GLY D 26 10.80 -22.48 2.73
N GLU D 27 9.75 -22.90 2.03
CA GLU D 27 8.90 -21.97 1.28
C GLU D 27 8.20 -20.98 2.21
N GLY D 28 8.01 -21.36 3.46
CA GLY D 28 7.35 -20.52 4.44
C GLY D 28 8.22 -19.45 5.09
N HIS D 29 9.53 -19.55 4.95
CA HIS D 29 10.39 -18.48 5.42
C HIS D 29 9.95 -17.20 4.69
N PRO D 30 9.71 -16.12 5.42
CA PRO D 30 9.12 -14.95 4.80
C PRO D 30 9.95 -14.29 3.70
N ASP D 31 11.28 -14.37 3.78
CA ASP D 31 12.14 -14.02 2.65
C ASP D 31 11.82 -14.92 1.43
N LYS D 32 11.68 -16.22 1.63
CA LYS D 32 11.43 -17.13 0.50
C LYS D 32 10.03 -16.95 -0.09
N ILE D 33 9.07 -16.68 0.79
CA ILE D 33 7.74 -16.25 0.38
C ILE D 33 7.84 -15.10 -0.63
N CYS D 34 8.65 -14.10 -0.30
CA CYS D 34 8.82 -12.95 -1.16
C CYS D 34 9.45 -13.31 -2.50
N ASP D 35 10.43 -14.20 -2.49
CA ASP D 35 11.06 -14.65 -3.74
C ASP D 35 10.08 -15.42 -4.64
N GLN D 36 9.24 -16.26 -4.03
CA GLN D 36 8.30 -17.07 -4.80
C GLN D 36 7.17 -16.23 -5.36
N ILE D 37 6.70 -15.25 -4.60
CA ILE D 37 5.64 -14.35 -5.10
C ILE D 37 6.17 -13.46 -6.23
N SER D 38 7.31 -12.81 -5.99
CA SER D 38 8.01 -12.06 -7.02
C SER D 38 8.10 -12.87 -8.31
N ASP D 39 8.57 -14.11 -8.23
CA ASP D 39 8.71 -14.96 -9.42
C ASP D 39 7.38 -15.48 -10.00
N ALA D 40 6.35 -15.58 -9.18
CA ALA D 40 5.02 -15.91 -9.70
C ALA D 40 4.47 -14.75 -10.52
N VAL D 41 4.76 -13.53 -10.08
CA VAL D 41 4.37 -12.33 -10.84
C VAL D 41 5.11 -12.29 -12.19
N LEU D 42 6.40 -12.58 -12.17
CA LEU D 42 7.18 -12.65 -13.39
C LEU D 42 6.60 -13.66 -14.38
N ASP D 43 6.27 -14.84 -13.89
CA ASP D 43 5.70 -15.89 -14.74
C ASP D 43 4.37 -15.48 -15.33
N ALA D 44 3.55 -14.79 -14.54
CA ALA D 44 2.24 -14.36 -15.02
C ALA D 44 2.39 -13.41 -16.20
N HIS D 45 3.32 -12.47 -16.08
CA HIS D 45 3.61 -11.56 -17.16
C HIS D 45 4.17 -12.30 -18.37
N LEU D 46 5.14 -13.18 -18.15
CA LEU D 46 5.79 -13.89 -19.26
C LEU D 46 4.85 -14.83 -20.02
N GLN D 47 3.80 -15.33 -19.35
CA GLN D 47 2.80 -16.18 -20.01
C GLN D 47 2.11 -15.45 -21.16
N GLN D 48 1.81 -14.18 -20.96
CA GLN D 48 1.13 -13.38 -21.97
C GLN D 48 2.08 -12.56 -22.84
N ASP D 49 3.11 -11.99 -22.23
CA ASP D 49 4.08 -11.14 -22.92
C ASP D 49 5.49 -11.64 -22.61
N PRO D 50 6.04 -12.50 -23.49
CA PRO D 50 7.39 -13.05 -23.31
C PRO D 50 8.48 -11.98 -23.24
N ASP D 51 8.19 -10.77 -23.71
CA ASP D 51 9.14 -9.68 -23.66
C ASP D 51 8.88 -8.69 -22.52
N ALA D 52 8.02 -9.05 -21.56
CA ALA D 52 7.75 -8.19 -20.40
C ALA D 52 9.03 -7.79 -19.67
N LYS D 53 9.13 -6.52 -19.29
CA LYS D 53 10.23 -6.05 -18.45
C LYS D 53 9.73 -6.01 -17.03
N VAL D 54 10.33 -6.83 -16.17
CA VAL D 54 9.84 -7.04 -14.80
C VAL D 54 10.94 -6.86 -13.75
N ALA D 55 10.65 -6.06 -12.73
CA ALA D 55 11.56 -5.86 -11.61
C ALA D 55 10.68 -5.72 -10.39
N CYS D 56 10.22 -6.85 -9.86
CA CYS D 56 9.20 -6.88 -8.82
C CYS D 56 9.81 -7.26 -7.47
N GLU D 57 9.75 -6.35 -6.50
CA GLU D 57 10.21 -6.63 -5.14
C GLU D 57 8.99 -6.88 -4.27
N THR D 58 9.07 -7.91 -3.45
CA THR D 58 7.93 -8.28 -2.61
C THR D 58 8.32 -8.10 -1.16
N VAL D 59 7.39 -7.59 -0.37
CA VAL D 59 7.57 -7.45 1.06
C VAL D 59 6.49 -8.30 1.75
N ALA D 60 6.88 -9.01 2.80
CA ALA D 60 5.96 -9.85 3.54
C ALA D 60 6.10 -9.63 5.04
N LYS D 61 4.98 -9.38 5.71
CA LYS D 61 4.97 -9.30 7.17
C LYS D 61 3.58 -9.66 7.69
N THR D 62 3.36 -9.53 9.00
CA THR D 62 2.07 -9.79 9.60
C THR D 62 0.95 -9.22 8.72
N GLY D 63 0.10 -10.12 8.22
CA GLY D 63 -1.08 -9.72 7.47
C GLY D 63 -0.89 -9.02 6.13
N MET D 64 0.33 -8.88 5.64
CA MET D 64 0.56 -8.07 4.44
C MET D 64 1.49 -8.69 3.42
N ILE D 65 1.13 -8.50 2.16
CA ILE D 65 2.05 -8.69 1.03
C ILE D 65 2.03 -7.39 0.25
N LEU D 66 3.18 -6.73 0.12
CA LEU D 66 3.31 -5.53 -0.69
C LEU D 66 4.16 -5.84 -1.92
N LEU D 67 3.66 -5.46 -3.10
CA LEU D 67 4.44 -5.53 -4.34
C LEU D 67 4.94 -4.12 -4.65
N ALA D 68 6.24 -3.99 -4.86
CA ALA D 68 6.84 -2.69 -5.16
C ALA D 68 7.89 -2.89 -6.24
N GLY D 69 7.90 -2.01 -7.23
CA GLY D 69 8.86 -2.16 -8.32
C GLY D 69 8.34 -1.66 -9.65
N GLU D 70 8.86 -2.24 -10.73
CA GLU D 70 8.70 -1.68 -12.06
C GLU D 70 8.41 -2.74 -13.08
N ILE D 71 7.31 -2.57 -13.81
CA ILE D 71 6.89 -3.53 -14.82
C ILE D 71 6.34 -2.82 -16.03
N THR D 72 6.92 -3.12 -17.19
CA THR D 72 6.39 -2.63 -18.47
C THR D 72 6.05 -3.88 -19.28
N SER D 73 4.75 -4.10 -19.49
CA SER D 73 4.28 -5.35 -20.04
C SER D 73 2.99 -5.12 -20.82
N ARG D 74 2.74 -5.96 -21.83
CA ARG D 74 1.45 -5.94 -22.54
C ARG D 74 0.44 -6.89 -21.86
N ALA D 75 0.87 -7.55 -20.80
CA ALA D 75 0.06 -8.58 -20.13
C ALA D 75 -0.97 -7.95 -19.21
N ALA D 76 -2.10 -8.63 -19.03
CA ALA D 76 -3.12 -8.23 -18.08
C ALA D 76 -3.05 -9.15 -16.86
N VAL D 77 -2.43 -8.66 -15.79
CA VAL D 77 -2.21 -9.49 -14.61
C VAL D 77 -3.08 -9.04 -13.45
N ASP D 78 -3.86 -9.97 -12.91
CA ASP D 78 -4.63 -9.74 -11.68
C ASP D 78 -3.71 -10.04 -10.50
N TYR D 79 -3.08 -9.00 -9.95
CA TYR D 79 -2.08 -9.18 -8.88
C TYR D 79 -2.68 -9.78 -7.62
N GLN D 80 -3.92 -9.45 -7.31
CA GLN D 80 -4.58 -10.05 -6.15
C GLN D 80 -4.63 -11.58 -6.20
N LYS D 81 -5.09 -12.13 -7.34
CA LYS D 81 -5.18 -13.58 -7.49
C LYS D 81 -3.79 -14.22 -7.52
N VAL D 82 -2.88 -13.60 -8.26
CA VAL D 82 -1.53 -14.15 -8.42
C VAL D 82 -0.84 -14.25 -7.06
N VAL D 83 -0.92 -13.21 -6.25
CA VAL D 83 -0.30 -13.22 -4.92
C VAL D 83 -0.99 -14.24 -4.01
N ARG D 84 -2.32 -14.22 -3.99
CA ARG D 84 -3.06 -15.10 -3.08
C ARG D 84 -2.85 -16.56 -3.44
N GLU D 85 -2.85 -16.86 -4.73
CA GLU D 85 -2.61 -18.23 -5.21
C GLU D 85 -1.25 -18.76 -4.76
N ALA D 86 -0.23 -17.92 -4.85
CA ALA D 86 1.12 -18.31 -4.44
C ALA D 86 1.18 -18.56 -2.93
N VAL D 87 0.45 -17.77 -2.16
CA VAL D 87 0.42 -17.97 -0.70
C VAL D 87 -0.36 -19.24 -0.40
N LYS D 88 -1.47 -19.45 -1.10
CA LYS D 88 -2.21 -20.72 -0.99
C LYS D 88 -1.31 -21.92 -1.26
N HIS D 89 -0.50 -21.82 -2.30
CA HIS D 89 0.38 -22.92 -2.70
C HIS D 89 1.50 -23.16 -1.68
N ILE D 90 1.99 -22.10 -1.06
CA ILE D 90 2.97 -22.23 0.02
C ILE D 90 2.31 -22.97 1.19
N GLY D 91 1.05 -22.65 1.48
CA GLY D 91 0.27 -23.38 2.49
C GLY D 91 -0.29 -22.56 3.64
N TYR D 92 -0.31 -21.24 3.49
CA TYR D 92 -0.83 -20.35 4.53
C TYR D 92 -2.28 -20.00 4.23
N ASP D 93 -3.19 -20.74 4.88
CA ASP D 93 -4.62 -20.67 4.60
C ASP D 93 -5.49 -20.58 5.86
N ASP D 94 -4.91 -20.20 7.00
CA ASP D 94 -5.67 -20.04 8.23
C ASP D 94 -4.95 -19.21 9.28
N SER D 95 -5.72 -18.49 10.08
CA SER D 95 -5.22 -17.75 11.24
C SER D 95 -4.36 -18.61 12.16
N SER D 96 -4.69 -19.90 12.26
CA SER D 96 -3.95 -20.85 13.11
C SER D 96 -2.53 -21.14 12.62
N LYS D 97 -2.22 -20.72 11.39
CA LYS D 97 -0.86 -20.84 10.86
C LYS D 97 -0.11 -19.51 10.89
N GLY D 98 -0.79 -18.45 11.32
CA GLY D 98 -0.19 -17.11 11.43
C GLY D 98 -0.39 -16.22 10.21
N PHE D 99 -1.08 -16.74 9.19
CA PHE D 99 -1.24 -16.05 7.90
C PHE D 99 -2.24 -16.80 7.00
N ASP D 100 -3.13 -16.06 6.36
CA ASP D 100 -4.15 -16.64 5.49
C ASP D 100 -4.21 -15.94 4.13
N TYR D 101 -4.10 -16.72 3.06
CA TYR D 101 -4.12 -16.16 1.70
C TYR D 101 -5.44 -15.49 1.38
N LYS D 102 -6.53 -16.03 1.94
CA LYS D 102 -7.87 -15.52 1.66
C LYS D 102 -8.14 -14.15 2.24
N THR D 103 -7.47 -13.83 3.34
CA THR D 103 -7.84 -12.69 4.15
C THR D 103 -6.68 -11.73 4.44
N CYS D 104 -5.51 -11.97 3.85
CA CYS D 104 -4.37 -11.10 4.10
C CYS D 104 -4.53 -9.81 3.32
N ASN D 105 -3.80 -8.79 3.74
CA ASN D 105 -3.74 -7.54 2.99
C ASN D 105 -2.80 -7.72 1.81
N VAL D 106 -3.18 -7.21 0.65
CA VAL D 106 -2.24 -7.16 -0.49
C VAL D 106 -2.22 -5.75 -1.05
N LEU D 107 -1.03 -5.20 -1.16
CA LEU D 107 -0.86 -3.82 -1.59
C LEU D 107 0.05 -3.82 -2.79
N VAL D 108 -0.26 -2.99 -3.77
CA VAL D 108 0.45 -3.03 -5.03
C VAL D 108 0.94 -1.62 -5.35
N ALA D 109 2.25 -1.51 -5.56
CA ALA D 109 2.88 -0.23 -5.85
C ALA D 109 3.83 -0.41 -7.04
N LEU D 110 3.26 -0.86 -8.16
CA LEU D 110 4.06 -1.15 -9.35
C LEU D 110 3.88 -0.06 -10.38
N GLU D 111 4.99 0.48 -10.88
CA GLU D 111 4.96 1.48 -11.94
C GLU D 111 5.67 0.97 -13.18
N GLN D 112 5.62 1.75 -14.26
CA GLN D 112 6.34 1.38 -15.47
C GLN D 112 7.83 1.48 -15.28
N GLN D 113 8.57 0.66 -16.04
CA GLN D 113 10.02 0.77 -16.07
C GLN D 113 10.38 2.17 -16.50
N SER D 114 11.43 2.72 -15.90
CA SER D 114 11.89 4.05 -16.24
C SER D 114 12.13 4.16 -17.73
N PRO D 115 11.58 5.20 -18.39
CA PRO D 115 11.91 5.41 -19.80
C PRO D 115 13.39 5.68 -20.04
N ASP D 116 14.10 6.19 -19.05
CA ASP D 116 15.54 6.42 -19.18
C ASP D 116 16.31 5.10 -19.26
N ILE D 117 15.90 4.14 -18.44
CA ILE D 117 16.47 2.80 -18.51
C ILE D 117 16.16 2.14 -19.85
N ALA D 118 14.89 2.20 -20.26
CA ALA D 118 14.45 1.52 -21.48
C ALA D 118 15.24 1.94 -22.71
N GLN D 119 15.47 3.25 -22.86
CA GLN D 119 16.19 3.78 -24.01
C GLN D 119 17.69 3.46 -23.98
N GLY D 120 18.27 3.42 -22.79
CA GLY D 120 19.68 3.09 -22.63
C GLY D 120 19.99 1.61 -22.83
N VAL D 121 18.97 0.76 -22.73
CA VAL D 121 19.16 -0.70 -22.70
C VAL D 121 18.64 -1.43 -23.94
N HIS D 122 17.35 -1.32 -24.23
CA HIS D 122 16.70 -2.23 -25.20
C HIS D 122 15.88 -1.59 -26.33
N LEU D 123 15.44 -0.34 -26.19
CA LEU D 123 14.66 0.31 -27.25
C LEU D 123 15.50 0.50 -28.51
N ASP D 124 14.88 0.27 -29.68
CA ASP D 124 15.51 0.49 -30.99
C ASP D 124 16.69 -0.43 -31.31
N ARG D 125 16.83 -1.56 -30.61
CA ARG D 125 17.92 -2.50 -30.88
C ARG D 125 17.37 -3.87 -31.23
N ASN D 126 18.11 -4.60 -32.05
CA ASN D 126 17.88 -6.02 -32.24
C ASN D 126 18.11 -6.70 -30.90
N GLU D 127 17.28 -7.69 -30.58
CA GLU D 127 17.36 -8.40 -29.31
C GLU D 127 18.78 -8.84 -29.00
N GLU D 128 19.49 -9.34 -30.00
CA GLU D 128 20.87 -9.79 -29.80
C GLU D 128 21.84 -8.67 -29.35
N ASP D 129 21.55 -7.42 -29.68
CA ASP D 129 22.39 -6.28 -29.28
C ASP D 129 21.82 -5.55 -28.04
N ILE D 130 20.85 -6.15 -27.37
CA ILE D 130 20.28 -5.54 -26.16
C ILE D 130 21.40 -5.31 -25.16
N GLY D 131 21.42 -4.13 -24.55
CA GLY D 131 22.42 -3.84 -23.52
C GLY D 131 22.11 -4.55 -22.21
N ALA D 132 23.11 -4.65 -21.34
CA ALA D 132 22.88 -5.16 -19.98
C ALA D 132 21.86 -4.27 -19.28
N GLY D 133 20.91 -4.89 -18.60
CA GLY D 133 19.88 -4.13 -17.88
C GLY D 133 20.46 -3.25 -16.77
N ASP D 134 21.67 -3.56 -16.33
CA ASP D 134 22.34 -2.79 -15.30
C ASP D 134 23.83 -3.08 -15.39
N GLN D 135 24.63 -2.34 -14.63
CA GLN D 135 25.98 -2.79 -14.31
C GLN D 135 25.87 -3.94 -13.33
N GLY D 136 26.96 -4.67 -13.12
CA GLY D 136 27.00 -5.68 -12.08
C GLY D 136 28.05 -6.74 -12.32
N LEU D 137 28.32 -7.50 -11.29
CA LEU D 137 29.23 -8.64 -11.38
C LEU D 137 28.48 -9.86 -10.87
N MET D 138 28.88 -11.00 -11.39
CA MET D 138 28.18 -12.25 -11.18
C MET D 138 29.22 -13.36 -11.27
N PHE D 139 29.05 -14.37 -10.43
CA PHE D 139 29.93 -15.52 -10.41
C PHE D 139 29.18 -16.79 -10.75
N GLY D 140 29.90 -17.78 -11.25
CA GLY D 140 29.38 -19.14 -11.41
C GLY D 140 30.41 -20.07 -10.79
N TYR D 141 29.96 -21.22 -10.29
CA TYR D 141 30.83 -22.16 -9.58
C TYR D 141 30.37 -23.59 -9.78
N ALA D 142 31.32 -24.51 -9.83
CA ALA D 142 31.00 -25.94 -9.90
C ALA D 142 32.06 -26.74 -9.19
N THR D 143 31.68 -27.93 -8.75
CA THR D 143 32.58 -28.81 -8.01
C THR D 143 32.21 -30.26 -8.32
N ASP D 144 33.21 -31.12 -8.48
CA ASP D 144 32.96 -32.52 -8.82
C ASP D 144 32.55 -33.39 -7.63
N GLU D 145 32.29 -32.78 -6.47
CA GLU D 145 32.06 -33.53 -5.24
C GLU D 145 30.69 -34.23 -5.18
N THR D 146 29.71 -33.70 -5.91
CA THR D 146 28.43 -34.38 -6.11
C THR D 146 28.15 -34.50 -7.61
N GLU D 147 27.21 -35.37 -7.96
CA GLU D 147 26.88 -35.62 -9.36
C GLU D 147 26.27 -34.39 -10.01
N GLU D 148 25.53 -33.61 -9.23
CA GLU D 148 24.91 -32.37 -9.73
C GLU D 148 25.88 -31.17 -9.75
N CYS D 149 27.15 -31.43 -9.44
CA CYS D 149 28.21 -30.44 -9.49
C CYS D 149 28.12 -29.32 -8.45
N MET D 150 27.48 -29.59 -7.31
CA MET D 150 27.29 -28.59 -6.27
C MET D 150 27.95 -28.98 -4.96
N PRO D 151 28.19 -28.00 -4.07
CA PRO D 151 28.71 -28.33 -2.74
C PRO D 151 27.72 -29.20 -1.99
N LEU D 152 28.23 -30.23 -1.31
CA LEU D 152 27.36 -31.15 -0.59
C LEU D 152 26.60 -30.45 0.54
N THR D 153 27.21 -29.42 1.13
CA THR D 153 26.55 -28.69 2.21
C THR D 153 25.21 -28.13 1.75
N ILE D 154 25.23 -27.40 0.64
CA ILE D 154 24.04 -26.71 0.17
C ILE D 154 23.01 -27.68 -0.46
N VAL D 155 23.48 -28.71 -1.13
CA VAL D 155 22.57 -29.70 -1.74
C VAL D 155 21.74 -30.41 -0.66
N LEU D 156 22.40 -30.89 0.39
CA LEU D 156 21.71 -31.54 1.49
C LEU D 156 20.77 -30.58 2.20
N ALA D 157 21.23 -29.35 2.42
CA ALA D 157 20.39 -28.32 3.05
C ALA D 157 19.07 -28.10 2.32
N HIS D 158 19.12 -28.06 0.99
CA HIS D 158 17.93 -27.85 0.15
C HIS D 158 17.01 -29.06 0.14
N LYS D 159 17.61 -30.23 -0.01
CA LYS D 159 16.84 -31.47 -0.12
C LYS D 159 16.08 -31.80 1.17
N LEU D 160 16.63 -31.39 2.31
CA LEU D 160 15.96 -31.58 3.59
C LEU D 160 14.69 -30.73 3.66
N ASN D 161 14.78 -29.47 3.23
CA ASN D 161 13.59 -28.60 3.17
C ASN D 161 12.58 -29.05 2.11
N ALA D 162 13.05 -29.65 1.03
CA ALA D 162 12.15 -30.20 0.01
C ALA D 162 11.39 -31.37 0.59
N LYS D 163 12.12 -32.26 1.26
CA LYS D 163 11.55 -33.46 1.86
C LYS D 163 10.43 -33.12 2.85
N LEU D 164 10.66 -32.11 3.69
CA LEU D 164 9.62 -31.64 4.59
C LEU D 164 8.38 -31.16 3.83
N ALA D 165 8.58 -30.35 2.79
CA ALA D 165 7.46 -29.86 1.97
C ALA D 165 6.67 -31.02 1.37
N GLU D 166 7.39 -32.03 0.87
CA GLU D 166 6.80 -33.20 0.26
C GLU D 166 5.96 -33.96 1.29
N LEU D 167 6.56 -34.28 2.42
CA LEU D 167 5.88 -35.00 3.48
C LEU D 167 4.74 -34.17 4.08
N ARG D 168 4.91 -32.85 4.13
CA ARG D 168 3.83 -31.97 4.55
C ARG D 168 2.68 -32.02 3.56
N ARG D 169 2.99 -31.90 2.27
CA ARG D 169 1.95 -31.82 1.24
C ARG D 169 1.19 -33.12 1.00
N ASN D 170 1.88 -34.26 1.13
CA ASN D 170 1.24 -35.57 0.87
C ASN D 170 0.53 -36.16 2.10
N GLY D 171 0.66 -35.49 3.24
CA GLY D 171 -0.11 -35.81 4.43
C GLY D 171 0.50 -36.87 5.33
N THR D 172 1.71 -37.33 5.01
CA THR D 172 2.39 -38.29 5.89
C THR D 172 2.71 -37.63 7.23
N LEU D 173 3.07 -36.35 7.20
CA LEU D 173 3.27 -35.56 8.43
C LEU D 173 2.40 -34.30 8.42
N PRO D 174 1.09 -34.46 8.69
CA PRO D 174 0.12 -33.37 8.56
C PRO D 174 0.25 -32.25 9.60
N TRP D 175 1.20 -32.39 10.53
CA TRP D 175 1.44 -31.41 11.59
C TRP D 175 2.50 -30.38 11.20
N LEU D 176 3.21 -30.64 10.10
CA LEU D 176 4.18 -29.69 9.58
C LEU D 176 3.48 -28.43 9.08
N ARG D 177 4.24 -27.33 9.07
CA ARG D 177 3.78 -26.09 8.47
C ARG D 177 4.87 -25.53 7.55
N PRO D 178 4.52 -24.53 6.72
CA PRO D 178 5.41 -24.13 5.62
C PRO D 178 6.80 -23.60 5.98
N ASP D 179 6.95 -22.88 7.09
CA ASP D 179 8.24 -22.26 7.44
C ASP D 179 9.22 -23.28 8.03
N SER D 180 10.39 -23.42 7.40
CA SER D 180 11.45 -24.28 7.93
C SER D 180 12.86 -23.70 7.69
N LYS D 181 13.82 -24.19 8.45
CA LYS D 181 15.23 -23.81 8.27
C LYS D 181 16.13 -24.98 8.56
N THR D 182 17.09 -25.23 7.67
CA THR D 182 18.05 -26.31 7.84
C THR D 182 19.48 -25.77 7.77
N GLN D 183 20.38 -26.45 8.46
CA GLN D 183 21.80 -26.11 8.39
C GLN D 183 22.59 -27.41 8.38
N VAL D 184 23.44 -27.59 7.37
CA VAL D 184 24.25 -28.80 7.26
C VAL D 184 25.72 -28.43 7.34
N THR D 185 26.40 -29.03 8.31
CA THR D 185 27.83 -28.80 8.51
C THR D 185 28.59 -30.07 8.13
N VAL D 186 29.50 -29.94 7.17
CA VAL D 186 30.24 -31.07 6.64
C VAL D 186 31.73 -30.89 6.90
N GLN D 187 32.38 -31.98 7.30
CA GLN D 187 33.82 -32.07 7.46
C GLN D 187 34.48 -32.39 6.13
N TYR D 188 35.30 -31.47 5.64
CA TYR D 188 35.94 -31.62 4.33
C TYR D 188 37.44 -31.88 4.44
N MET D 189 38.02 -32.34 3.33
CA MET D 189 39.46 -32.41 3.17
C MET D 189 39.81 -31.76 1.84
N GLN D 190 40.96 -31.09 1.78
CA GLN D 190 41.46 -30.54 0.52
C GLN D 190 42.21 -31.61 -0.26
N ASP D 191 41.96 -31.68 -1.55
CA ASP D 191 42.65 -32.64 -2.42
C ASP D 191 43.12 -31.96 -3.70
N ARG D 192 44.37 -31.49 -3.68
CA ARG D 192 45.01 -30.89 -4.86
C ARG D 192 44.11 -29.86 -5.51
N GLY D 193 43.60 -28.94 -4.71
CA GLY D 193 42.68 -27.91 -5.20
C GLY D 193 41.21 -28.27 -5.09
N ALA D 194 40.88 -29.55 -5.17
CA ALA D 194 39.49 -29.98 -5.04
C ALA D 194 39.15 -30.14 -3.55
N VAL D 195 37.89 -30.46 -3.27
CA VAL D 195 37.45 -30.64 -1.89
C VAL D 195 36.73 -31.98 -1.75
N LEU D 196 37.07 -32.73 -0.71
CA LEU D 196 36.48 -34.05 -0.47
C LEU D 196 35.57 -33.97 0.75
N PRO D 197 34.25 -34.07 0.54
CA PRO D 197 33.38 -34.17 1.70
C PRO D 197 33.54 -35.54 2.35
N ILE D 198 33.78 -35.56 3.65
CA ILE D 198 34.11 -36.80 4.37
C ILE D 198 32.91 -37.31 5.16
N ARG D 199 32.37 -36.44 6.01
CA ARG D 199 31.21 -36.81 6.82
C ARG D 199 30.37 -35.60 7.14
N VAL D 200 29.11 -35.85 7.51
CA VAL D 200 28.24 -34.81 8.06
C VAL D 200 28.58 -34.65 9.54
N HIS D 201 28.90 -33.42 9.94
CA HIS D 201 29.33 -33.11 11.29
C HIS D 201 28.12 -32.77 12.15
N THR D 202 27.31 -31.85 11.66
CA THR D 202 26.09 -31.41 12.35
C THR D 202 24.96 -31.17 11.36
N ILE D 203 23.76 -31.59 11.72
CA ILE D 203 22.53 -31.19 11.03
C ILE D 203 21.63 -30.45 12.02
N VAL D 204 21.21 -29.25 11.65
CA VAL D 204 20.20 -28.50 12.38
C VAL D 204 18.94 -28.36 11.52
N ILE D 205 17.78 -28.63 12.12
CA ILE D 205 16.49 -28.46 11.44
C ILE D 205 15.45 -27.88 12.40
N SER D 206 14.92 -26.71 12.05
CA SER D 206 13.78 -26.12 12.75
C SER D 206 12.64 -26.05 11.74
N VAL D 207 11.47 -26.53 12.12
CA VAL D 207 10.32 -26.47 11.23
C VAL D 207 9.07 -26.05 11.99
N GLN D 208 8.27 -25.20 11.36
CA GLN D 208 6.99 -24.75 11.92
C GLN D 208 6.01 -25.92 12.01
N HIS D 209 5.26 -25.99 13.11
CA HIS D 209 4.43 -27.16 13.42
C HIS D 209 3.13 -26.79 14.15
N ASP D 210 2.14 -27.67 14.08
CA ASP D 210 0.88 -27.44 14.79
C ASP D 210 1.01 -27.67 16.31
N GLU D 211 -0.09 -27.52 17.03
CA GLU D 211 -0.07 -27.47 18.50
C GLU D 211 -0.37 -28.83 19.14
N GLU D 212 -0.60 -29.85 18.33
CA GLU D 212 -1.02 -31.17 18.81
C GLU D 212 0.11 -32.19 18.91
N VAL D 213 1.12 -32.11 18.04
CA VAL D 213 2.26 -33.06 18.11
C VAL D 213 3.22 -32.74 19.24
N CYS D 214 3.80 -33.80 19.82
CA CYS D 214 4.79 -33.66 20.88
C CYS D 214 6.20 -33.62 20.29
N LEU D 215 7.11 -33.05 21.07
CA LEU D 215 8.49 -32.80 20.64
C LEU D 215 9.25 -34.08 20.27
N ASP D 216 9.02 -35.16 21.01
CA ASP D 216 9.69 -36.45 20.74
C ASP D 216 9.25 -37.04 19.40
N GLU D 217 7.98 -36.86 19.04
CA GLU D 217 7.45 -37.39 17.79
C GLU D 217 7.97 -36.61 16.59
N MET D 218 8.21 -35.31 16.78
CA MET D 218 8.75 -34.48 15.71
C MET D 218 10.21 -34.86 15.46
N ARG D 219 10.99 -34.90 16.53
CA ARG D 219 12.41 -35.24 16.48
C ARG D 219 12.67 -36.62 15.88
N ASP D 220 11.77 -37.57 16.13
CA ASP D 220 11.93 -38.90 15.57
C ASP D 220 11.70 -38.88 14.06
N ALA D 221 10.59 -38.27 13.63
CA ALA D 221 10.26 -38.17 12.21
C ALA D 221 11.34 -37.42 11.44
N LEU D 222 11.85 -36.34 12.03
CA LEU D 222 12.92 -35.54 11.43
C LEU D 222 14.16 -36.39 11.20
N LYS D 223 14.45 -37.30 12.12
CA LYS D 223 15.58 -38.22 11.95
C LYS D 223 15.26 -39.35 10.97
N GLU D 224 14.12 -40.02 11.16
CA GLU D 224 13.84 -41.28 10.46
C GLU D 224 13.14 -41.12 9.11
N LYS D 225 12.25 -40.14 8.99
CA LYS D 225 11.49 -39.96 7.74
C LYS D 225 12.03 -38.86 6.81
N VAL D 226 12.83 -37.95 7.36
CA VAL D 226 13.42 -36.85 6.57
C VAL D 226 14.91 -37.06 6.33
N ILE D 227 15.71 -37.00 7.40
CA ILE D 227 17.16 -37.14 7.27
C ILE D 227 17.59 -38.47 6.65
N LYS D 228 17.13 -39.60 7.18
CA LYS D 228 17.52 -40.91 6.63
C LYS D 228 17.02 -41.12 5.20
N ALA D 229 16.03 -40.34 4.77
CA ALA D 229 15.55 -40.38 3.40
C ALA D 229 16.37 -39.50 2.44
N VAL D 230 17.21 -38.61 2.98
CA VAL D 230 17.87 -37.57 2.18
C VAL D 230 19.39 -37.66 2.22
N VAL D 231 19.95 -37.82 3.42
CA VAL D 231 21.39 -37.84 3.61
C VAL D 231 21.93 -39.27 3.49
N PRO D 232 22.78 -39.54 2.48
CA PRO D 232 23.34 -40.88 2.32
C PRO D 232 24.05 -41.39 3.57
N ALA D 233 23.77 -42.65 3.93
CA ALA D 233 24.33 -43.30 5.11
C ALA D 233 25.84 -43.21 5.22
N LYS D 234 26.54 -43.23 4.08
CA LYS D 234 28.01 -43.18 4.06
C LYS D 234 28.57 -41.91 4.68
N TYR D 235 27.78 -40.84 4.68
CA TYR D 235 28.16 -39.57 5.30
C TYR D 235 27.75 -39.46 6.76
N LEU D 236 26.92 -40.39 7.23
CA LEU D 236 26.42 -40.38 8.60
C LEU D 236 27.12 -41.45 9.45
N ASP D 237 27.45 -41.09 10.69
CA ASP D 237 28.08 -42.02 11.62
C ASP D 237 27.73 -41.72 13.08
N GLU D 238 28.27 -42.54 13.99
CA GLU D 238 28.00 -42.44 15.44
C GLU D 238 28.17 -41.03 16.04
N ASP D 239 29.11 -40.26 15.50
CA ASP D 239 29.48 -38.97 16.09
C ASP D 239 28.67 -37.78 15.58
N THR D 240 27.81 -38.00 14.59
CA THR D 240 27.10 -36.90 13.94
C THR D 240 26.09 -36.23 14.88
N ILE D 241 26.18 -34.91 14.98
CA ILE D 241 25.30 -34.15 15.87
C ILE D 241 23.99 -33.80 15.16
N TYR D 242 22.88 -34.10 15.83
CA TYR D 242 21.55 -33.78 15.33
C TYR D 242 20.85 -32.81 16.28
N HIS D 243 20.76 -31.54 15.88
CA HIS D 243 19.96 -30.54 16.62
C HIS D 243 18.60 -30.38 15.95
N LEU D 244 17.65 -31.22 16.33
CA LEU D 244 16.30 -31.19 15.74
C LEU D 244 15.31 -30.44 16.64
N GLN D 245 14.64 -29.43 16.08
CA GLN D 245 13.85 -28.46 16.84
C GLN D 245 14.65 -27.98 18.06
N PRO D 246 15.83 -27.38 17.81
CA PRO D 246 16.80 -27.09 18.86
C PRO D 246 16.31 -26.22 20.02
N SER D 247 15.71 -25.08 19.73
CA SER D 247 15.40 -24.10 20.79
C SER D 247 14.15 -24.50 21.60
N GLY D 248 13.11 -24.94 20.91
CA GLY D 248 11.91 -25.41 21.60
C GLY D 248 10.72 -25.62 20.67
N ARG D 249 9.77 -24.70 20.71
CA ARG D 249 8.54 -24.82 19.92
C ARG D 249 8.44 -23.73 18.84
N PHE D 250 8.54 -24.16 17.59
CA PHE D 250 8.32 -23.29 16.42
C PHE D 250 6.82 -23.25 16.11
N VAL D 251 6.03 -22.71 17.04
CA VAL D 251 4.58 -22.59 16.87
C VAL D 251 4.29 -21.42 15.92
N ILE D 252 4.86 -20.26 16.27
CA ILE D 252 4.77 -19.06 15.47
C ILE D 252 5.86 -19.07 14.39
N GLY D 253 5.42 -18.93 13.13
CA GLY D 253 6.34 -18.89 12.00
C GLY D 253 5.71 -18.25 10.79
N GLY D 254 6.50 -18.06 9.75
CA GLY D 254 6.03 -17.37 8.55
C GLY D 254 6.09 -15.86 8.76
N PRO D 255 5.31 -15.10 7.96
CA PRO D 255 5.35 -13.65 7.99
C PRO D 255 5.13 -13.02 9.36
N GLN D 256 4.23 -13.59 10.16
CA GLN D 256 3.87 -13.04 11.48
C GLN D 256 4.97 -13.25 12.54
N GLY D 257 5.75 -12.21 12.89
CA GLY D 257 5.71 -10.87 12.31
C GLY D 257 7.06 -10.44 11.79
N ASP D 258 7.87 -11.43 11.39
CA ASP D 258 9.25 -11.23 10.92
C ASP D 258 9.54 -9.94 10.16
N ALA D 259 8.96 -9.84 8.96
CA ALA D 259 9.38 -8.94 7.88
C ALA D 259 10.31 -9.76 6.97
N GLY D 260 9.85 -10.03 5.76
CA GLY D 260 10.65 -10.71 4.75
C GLY D 260 10.69 -9.90 3.48
N LEU D 261 11.74 -10.07 2.68
CA LEU D 261 11.89 -9.32 1.44
C LEU D 261 12.51 -10.15 0.33
N THR D 262 12.19 -9.81 -0.92
CA THR D 262 12.79 -10.46 -2.08
C THR D 262 14.30 -10.24 -2.08
N GLY D 263 15.05 -11.29 -2.38
CA GLY D 263 16.51 -11.19 -2.55
C GLY D 263 17.31 -11.05 -1.27
N ARG D 264 16.77 -11.57 -0.17
CA ARG D 264 17.49 -11.59 1.10
C ARG D 264 18.00 -13.00 1.45
N LYS D 265 17.98 -13.90 0.47
CA LYS D 265 18.52 -15.26 0.62
C LYS D 265 19.38 -15.62 -0.60
N ILE D 266 20.19 -14.68 -1.06
CA ILE D 266 20.93 -14.86 -2.32
C ILE D 266 22.00 -15.94 -2.24
N ILE D 267 22.51 -16.19 -1.03
CA ILE D 267 23.53 -17.22 -0.81
C ILE D 267 22.88 -18.61 -0.78
N VAL D 268 21.76 -18.71 -0.08
CA VAL D 268 20.89 -19.89 -0.14
C VAL D 268 20.49 -20.22 -1.58
N ASP D 269 20.16 -19.17 -2.32
CA ASP D 269 19.79 -19.30 -3.73
C ASP D 269 20.89 -19.86 -4.63
N THR D 270 22.14 -19.75 -4.20
CA THR D 270 23.27 -20.05 -5.07
C THR D 270 24.12 -21.22 -4.55
N TYR D 271 25.24 -20.94 -3.87
CA TYR D 271 26.22 -21.98 -3.57
C TYR D 271 26.43 -22.25 -2.07
N GLY D 272 25.57 -21.70 -1.22
CA GLY D 272 25.62 -22.00 0.21
C GLY D 272 26.88 -21.49 0.91
N GLY D 273 27.47 -20.43 0.37
CA GLY D 273 28.71 -19.85 0.90
C GLY D 273 29.96 -20.20 0.11
N TRP D 274 29.90 -21.26 -0.70
CA TRP D 274 31.03 -21.62 -1.55
C TRP D 274 31.16 -20.68 -2.73
N GLY D 275 32.27 -20.76 -3.42
CA GLY D 275 32.48 -19.98 -4.64
C GLY D 275 32.62 -18.49 -4.35
N ALA D 276 31.70 -17.72 -4.90
CA ALA D 276 31.64 -16.28 -4.68
C ALA D 276 30.28 -15.76 -5.14
N HIS D 277 29.97 -14.53 -4.76
CA HIS D 277 28.69 -13.90 -5.14
C HIS D 277 28.89 -12.42 -5.42
N GLY D 278 28.16 -11.90 -6.40
CA GLY D 278 28.29 -10.51 -6.81
C GLY D 278 27.26 -9.55 -6.25
N GLY D 279 26.35 -10.04 -5.42
CA GLY D 279 25.31 -9.21 -4.81
C GLY D 279 23.93 -9.27 -5.42
N GLY D 280 23.84 -9.60 -6.71
CA GLY D 280 22.56 -9.60 -7.41
C GLY D 280 21.58 -10.64 -6.90
N ALA D 281 20.37 -10.22 -6.56
CA ALA D 281 19.27 -11.16 -6.31
C ALA D 281 18.64 -11.59 -7.65
N PHE D 282 17.89 -12.69 -7.63
CA PHE D 282 17.34 -13.27 -8.85
C PHE D 282 15.86 -13.01 -9.04
N SER D 283 15.06 -13.30 -8.01
CA SER D 283 13.63 -13.41 -8.19
C SER D 283 12.98 -12.09 -8.60
N GLY D 284 11.93 -12.19 -9.41
CA GLY D 284 11.17 -11.03 -9.83
C GLY D 284 11.78 -10.27 -10.98
N LYS D 285 12.78 -10.84 -11.63
CA LYS D 285 13.54 -10.15 -12.69
C LYS D 285 13.52 -10.92 -14.00
N ASP D 286 13.23 -10.23 -15.09
CA ASP D 286 13.33 -10.82 -16.43
C ASP D 286 14.79 -10.96 -16.84
N TYR D 287 15.02 -11.59 -17.99
CA TYR D 287 16.37 -11.95 -18.45
C TYR D 287 17.28 -10.77 -18.77
N THR D 288 16.71 -9.60 -19.03
CA THR D 288 17.53 -8.44 -19.32
C THR D 288 18.24 -7.96 -18.06
N LYS D 289 17.78 -8.38 -16.88
CA LYS D 289 18.51 -8.16 -15.65
C LYS D 289 19.61 -9.20 -15.57
N VAL D 290 20.84 -8.79 -15.81
CA VAL D 290 21.99 -9.71 -15.84
C VAL D 290 22.34 -10.30 -14.49
N ASP D 291 21.80 -9.75 -13.41
CA ASP D 291 21.87 -10.45 -12.11
C ASP D 291 21.38 -11.89 -12.21
N ARG D 292 20.33 -12.11 -12.99
CA ARG D 292 19.79 -13.46 -13.14
C ARG D 292 20.38 -14.21 -14.33
N SER D 293 20.26 -13.65 -15.53
CA SER D 293 20.65 -14.37 -16.76
C SER D 293 22.13 -14.71 -16.82
N ALA D 294 22.97 -13.77 -16.39
CA ALA D 294 24.42 -13.96 -16.50
C ALA D 294 24.92 -14.89 -15.40
N ALA D 295 24.28 -14.85 -14.24
CA ALA D 295 24.57 -15.81 -13.17
C ALA D 295 24.17 -17.23 -13.59
N TYR D 296 23.02 -17.36 -14.26
CA TYR D 296 22.61 -18.65 -14.82
C TYR D 296 23.59 -19.13 -15.90
N ALA D 297 24.00 -18.22 -16.79
CA ALA D 297 25.03 -18.56 -17.78
C ALA D 297 26.37 -18.89 -17.13
N ALA D 298 26.78 -18.09 -16.15
CA ALA D 298 28.06 -18.34 -15.47
C ALA D 298 28.08 -19.71 -14.79
N ARG D 299 26.97 -20.09 -14.18
CA ARG D 299 26.81 -21.47 -13.67
C ARG D 299 26.97 -22.47 -14.80
N TRP D 300 26.23 -22.26 -15.88
CA TRP D 300 26.31 -23.10 -17.08
C TRP D 300 27.74 -23.29 -17.57
N VAL D 301 28.50 -22.20 -17.63
CA VAL D 301 29.90 -22.28 -18.05
C VAL D 301 30.69 -23.17 -17.08
N ALA D 302 30.66 -22.84 -15.79
CA ALA D 302 31.37 -23.59 -14.75
C ALA D 302 31.06 -25.08 -14.78
N LYS D 303 29.78 -25.42 -14.92
CA LYS D 303 29.38 -26.82 -14.94
C LYS D 303 29.86 -27.52 -16.22
N SER D 304 29.77 -26.84 -17.36
CA SER D 304 30.30 -27.39 -18.60
C SER D 304 31.79 -27.73 -18.48
N LEU D 305 32.54 -26.85 -17.83
CA LEU D 305 33.99 -27.08 -17.63
C LEU D 305 34.26 -28.30 -16.77
N VAL D 306 33.58 -28.41 -15.63
CA VAL D 306 33.80 -29.55 -14.75
C VAL D 306 33.31 -30.84 -15.40
N LYS D 307 32.08 -30.82 -15.92
CA LYS D 307 31.52 -32.01 -16.58
C LYS D 307 32.29 -32.40 -17.83
N GLY D 308 32.88 -31.41 -18.50
CA GLY D 308 33.71 -31.64 -19.69
C GLY D 308 35.08 -32.25 -19.44
N GLY D 309 35.46 -32.39 -18.17
CA GLY D 309 36.73 -33.02 -17.81
C GLY D 309 37.88 -32.04 -17.71
N LEU D 310 37.59 -30.75 -17.87
CA LEU D 310 38.64 -29.74 -17.91
C LEU D 310 39.11 -29.29 -16.53
N CYS D 311 38.36 -29.60 -15.48
CA CYS D 311 38.80 -29.34 -14.10
C CYS D 311 37.85 -30.00 -13.10
N ARG D 312 38.24 -30.02 -11.84
CA ARG D 312 37.44 -30.67 -10.80
C ARG D 312 36.57 -29.68 -10.01
N ARG D 313 37.07 -28.46 -9.83
CA ARG D 313 36.21 -27.34 -9.44
C ARG D 313 36.74 -26.03 -10.00
N VAL D 314 35.85 -25.05 -10.16
CA VAL D 314 36.16 -23.84 -10.88
C VAL D 314 35.24 -22.70 -10.44
N LEU D 315 35.75 -21.47 -10.55
CA LEU D 315 34.95 -20.28 -10.32
C LEU D 315 35.01 -19.43 -11.58
N VAL D 316 33.88 -18.81 -11.93
CA VAL D 316 33.79 -17.93 -13.08
C VAL D 316 33.27 -16.59 -12.61
N GLN D 317 33.86 -15.51 -13.09
CA GLN D 317 33.31 -14.17 -12.88
C GLN D 317 33.12 -13.50 -14.23
N VAL D 318 31.98 -12.83 -14.36
CA VAL D 318 31.75 -11.91 -15.47
C VAL D 318 31.19 -10.61 -14.90
N SER D 319 31.22 -9.55 -15.70
CA SER D 319 30.65 -8.28 -15.26
C SER D 319 30.22 -7.47 -16.46
N TYR D 320 29.18 -6.64 -16.25
CA TYR D 320 28.57 -5.85 -17.30
C TYR D 320 28.46 -4.39 -16.92
N ALA D 321 28.11 -3.56 -17.90
CA ALA D 321 27.72 -2.18 -17.69
C ALA D 321 26.38 -1.95 -18.39
N ILE D 322 25.51 -1.17 -17.76
CA ILE D 322 24.21 -0.88 -18.36
C ILE D 322 24.38 -0.27 -19.76
N GLY D 323 23.65 -0.81 -20.72
CA GLY D 323 23.65 -0.28 -22.09
C GLY D 323 24.62 -0.98 -23.02
N VAL D 324 25.46 -1.85 -22.46
CA VAL D 324 26.52 -2.53 -23.18
C VAL D 324 26.24 -4.02 -23.15
N SER D 325 26.25 -4.66 -24.31
CA SER D 325 25.82 -6.07 -24.40
C SER D 325 26.93 -7.05 -24.03
N HIS D 326 28.16 -6.77 -24.46
CA HIS D 326 29.31 -7.62 -24.16
C HIS D 326 29.77 -7.40 -22.71
N PRO D 327 30.14 -8.47 -21.99
CA PRO D 327 30.67 -8.28 -20.65
C PRO D 327 31.94 -7.46 -20.62
N LEU D 328 32.15 -6.70 -19.54
CA LEU D 328 33.36 -5.91 -19.38
C LEU D 328 34.56 -6.78 -19.07
N SER D 329 34.32 -7.89 -18.38
CA SER D 329 35.38 -8.79 -17.97
C SER D 329 34.84 -10.22 -17.85
N ILE D 330 35.68 -11.20 -18.16
CA ILE D 330 35.43 -12.59 -17.85
C ILE D 330 36.67 -13.10 -17.13
N SER D 331 36.48 -13.96 -16.13
CA SER D 331 37.61 -14.46 -15.36
C SER D 331 37.36 -15.89 -14.92
N ILE D 332 38.42 -16.71 -14.96
CA ILE D 332 38.34 -18.11 -14.56
C ILE D 332 39.33 -18.38 -13.44
N PHE D 333 38.86 -19.08 -12.41
CA PHE D 333 39.73 -19.58 -11.37
C PHE D 333 39.46 -21.07 -11.20
N HIS D 334 40.45 -21.90 -11.49
CA HIS D 334 40.27 -23.35 -11.40
C HIS D 334 40.90 -23.98 -10.14
N TYR D 335 41.31 -23.15 -9.19
CA TYR D 335 41.88 -23.61 -7.91
C TYR D 335 43.01 -24.63 -8.09
N GLY D 336 43.77 -24.49 -9.17
CA GLY D 336 44.78 -25.49 -9.53
C GLY D 336 44.27 -26.88 -9.90
N THR D 337 42.97 -27.02 -10.19
CA THR D 337 42.42 -28.35 -10.49
C THR D 337 42.35 -28.67 -11.98
N SER D 338 43.04 -27.89 -12.82
CA SER D 338 43.17 -28.20 -14.25
C SER D 338 44.62 -28.19 -14.69
N GLN D 339 44.95 -29.10 -15.61
CA GLN D 339 46.26 -29.16 -16.22
C GLN D 339 46.47 -27.94 -17.13
N LYS D 340 45.42 -27.51 -17.80
CA LYS D 340 45.46 -26.30 -18.59
C LYS D 340 45.52 -25.09 -17.67
N SER D 341 46.04 -23.99 -18.21
CA SER D 341 46.12 -22.74 -17.47
C SER D 341 44.76 -22.06 -17.43
N GLU D 342 44.63 -21.12 -16.50
CA GLU D 342 43.44 -20.30 -16.41
C GLU D 342 43.19 -19.51 -17.71
N ARG D 343 44.26 -18.97 -18.32
CA ARG D 343 44.15 -18.33 -19.63
C ARG D 343 43.57 -19.27 -20.68
N GLU D 344 44.04 -20.52 -20.67
CA GLU D 344 43.63 -21.48 -21.67
C GLU D 344 42.15 -21.79 -21.53
N LEU D 345 41.69 -21.96 -20.30
CA LEU D 345 40.27 -22.20 -20.05
C LEU D 345 39.42 -21.01 -20.49
N LEU D 346 39.89 -19.80 -20.15
CA LEU D 346 39.22 -18.58 -20.58
C LEU D 346 39.02 -18.57 -22.10
N GLU D 347 40.07 -18.91 -22.84
CA GLU D 347 39.99 -18.96 -24.30
C GLU D 347 38.98 -19.99 -24.77
N ILE D 348 38.91 -21.12 -24.07
CA ILE D 348 37.90 -22.12 -24.35
C ILE D 348 36.50 -21.56 -24.12
N VAL D 349 36.31 -20.85 -23.02
CA VAL D 349 35.00 -20.25 -22.72
C VAL D 349 34.59 -19.24 -23.79
N LYS D 350 35.52 -18.34 -24.16
CA LYS D 350 35.25 -17.36 -25.23
C LYS D 350 34.90 -17.99 -26.58
N LYS D 351 35.53 -19.11 -26.92
CA LYS D 351 35.24 -19.80 -28.19
C LYS D 351 33.90 -20.54 -28.18
N ASN D 352 33.40 -20.88 -26.99
CA ASN D 352 32.20 -21.70 -26.88
C ASN D 352 30.97 -20.95 -26.40
N PHE D 353 31.16 -19.79 -25.81
CA PHE D 353 30.05 -19.06 -25.20
C PHE D 353 30.00 -17.60 -25.62
N ASP D 354 28.77 -17.13 -25.82
CA ASP D 354 28.48 -15.72 -26.09
C ASP D 354 27.67 -15.24 -24.89
N LEU D 355 28.29 -14.44 -24.04
CA LEU D 355 27.68 -14.04 -22.78
C LEU D 355 26.94 -12.69 -22.82
N ARG D 356 26.52 -12.28 -24.02
CA ARG D 356 25.58 -11.17 -24.16
C ARG D 356 24.21 -11.66 -23.71
N PRO D 357 23.44 -10.82 -23.01
CA PRO D 357 22.12 -11.27 -22.54
C PRO D 357 21.13 -11.53 -23.70
N GLY D 358 21.26 -10.79 -24.78
CA GLY D 358 20.48 -11.03 -25.98
C GLY D 358 20.75 -12.37 -26.64
N VAL D 359 21.88 -13.00 -26.28
CA VAL D 359 22.22 -14.32 -26.77
C VAL D 359 21.93 -15.38 -25.71
N ILE D 360 22.30 -15.10 -24.47
CA ILE D 360 22.03 -16.02 -23.37
C ILE D 360 20.55 -16.41 -23.37
N VAL D 361 19.68 -15.44 -23.59
CA VAL D 361 18.23 -15.67 -23.56
C VAL D 361 17.77 -16.77 -24.51
N ARG D 362 18.44 -16.89 -25.66
CA ARG D 362 18.13 -17.92 -26.65
CA ARG D 362 18.12 -17.91 -26.65
C ARG D 362 18.66 -19.26 -26.20
N ASP D 363 19.94 -19.26 -25.79
CA ASP D 363 20.62 -20.49 -25.35
C ASP D 363 20.02 -21.09 -24.09
N LEU D 364 19.34 -20.28 -23.27
CA LEU D 364 18.77 -20.78 -22.00
C LEU D 364 17.25 -20.64 -21.89
N ASP D 365 16.61 -20.17 -22.95
CA ASP D 365 15.15 -20.17 -23.03
C ASP D 365 14.51 -19.32 -21.92
N LEU D 366 15.12 -18.18 -21.63
CA LEU D 366 14.85 -17.43 -20.41
C LEU D 366 13.57 -16.58 -20.47
N LYS D 367 12.82 -16.69 -21.56
CA LYS D 367 11.49 -16.08 -21.63
C LYS D 367 10.38 -17.04 -21.23
N LYS D 368 10.71 -18.30 -20.93
CA LYS D 368 9.68 -19.23 -20.48
C LYS D 368 9.29 -18.93 -19.06
N PRO D 369 7.99 -19.06 -18.74
CA PRO D 369 7.51 -18.79 -17.39
C PRO D 369 7.69 -19.97 -16.45
N ILE D 370 8.94 -20.29 -16.12
CA ILE D 370 9.25 -21.38 -15.19
C ILE D 370 10.17 -20.92 -14.05
N TYR D 371 10.05 -19.67 -13.64
CA TYR D 371 10.91 -19.09 -12.60
C TYR D 371 10.42 -19.36 -11.18
N GLN D 372 9.11 -19.43 -10.98
CA GLN D 372 8.59 -19.77 -9.65
C GLN D 372 9.19 -21.06 -9.10
N ARG D 373 9.49 -22.01 -9.99
CA ARG D 373 10.22 -23.23 -9.62
C ARG D 373 11.57 -22.93 -8.95
N THR D 374 12.28 -21.94 -9.47
CA THR D 374 13.64 -21.63 -9.02
C THR D 374 13.67 -20.89 -7.67
N ALA D 375 12.52 -20.39 -7.23
CA ALA D 375 12.46 -19.48 -6.09
C ALA D 375 12.63 -20.15 -4.72
N ALA D 376 12.68 -21.47 -4.67
CA ALA D 376 13.00 -22.20 -3.44
C ALA D 376 13.76 -23.47 -3.76
N TYR D 377 14.57 -23.93 -2.81
CA TYR D 377 15.41 -25.13 -2.98
C TYR D 377 16.62 -24.91 -3.89
N GLY D 378 16.96 -23.65 -4.17
CA GLY D 378 18.18 -23.30 -4.89
C GLY D 378 18.01 -23.23 -6.40
N HIS D 379 18.73 -22.29 -7.02
CA HIS D 379 18.60 -22.06 -8.46
C HIS D 379 19.51 -22.97 -9.26
N PHE D 380 20.44 -23.65 -8.59
CA PHE D 380 21.41 -24.51 -9.25
C PHE D 380 21.42 -25.92 -8.65
N GLY D 381 21.93 -26.88 -9.42
CA GLY D 381 22.02 -28.26 -8.99
C GLY D 381 20.79 -29.10 -9.23
N ARG D 382 19.85 -28.57 -10.01
CA ARG D 382 18.52 -29.17 -10.13
C ARG D 382 18.20 -29.64 -11.56
N ASP D 383 17.44 -30.73 -11.67
CA ASP D 383 17.11 -31.28 -12.98
C ASP D 383 16.07 -30.42 -13.71
N SER D 384 16.20 -30.38 -15.04
CA SER D 384 15.21 -29.77 -15.92
C SER D 384 15.41 -28.27 -16.16
N PHE D 385 16.51 -27.70 -15.66
CA PHE D 385 16.84 -26.31 -15.97
C PHE D 385 17.89 -26.28 -17.06
N PRO D 386 17.71 -25.42 -18.07
CA PRO D 386 18.66 -25.34 -19.20
C PRO D 386 20.14 -25.10 -18.84
N TRP D 387 20.38 -24.36 -17.76
CA TRP D 387 21.75 -24.03 -17.32
C TRP D 387 22.42 -25.17 -16.58
N GLU D 388 21.65 -26.22 -16.29
CA GLU D 388 22.18 -27.43 -15.67
C GLU D 388 22.51 -28.54 -16.68
N VAL D 389 22.22 -28.29 -17.97
CA VAL D 389 22.62 -29.22 -19.03
C VAL D 389 23.95 -28.73 -19.61
N PRO D 390 25.05 -29.47 -19.39
CA PRO D 390 26.34 -28.97 -19.84
C PRO D 390 26.49 -28.93 -21.38
N LYS D 391 27.18 -27.91 -21.86
CA LYS D 391 27.49 -27.77 -23.27
C LYS D 391 28.69 -28.63 -23.62
N LYS D 392 28.57 -29.42 -24.68
CA LYS D 392 29.72 -30.13 -25.24
C LYS D 392 30.66 -29.09 -25.82
N LEU D 393 31.87 -29.01 -25.28
CA LEU D 393 32.80 -27.95 -25.63
C LEU D 393 33.77 -28.32 -26.76
N LYS D 394 34.18 -27.31 -27.53
CA LYS D 394 35.10 -27.46 -28.67
C LYS D 394 36.45 -26.81 -28.38
N TYR D 395 37.51 -27.61 -28.40
CA TYR D 395 38.87 -27.11 -28.21
C TYR D 395 39.88 -28.08 -28.83
N ILE E 15 23.13 -53.03 -11.65
CA ILE E 15 24.16 -53.72 -10.81
C ILE E 15 24.65 -54.99 -11.53
N PRO E 16 25.88 -54.95 -12.09
CA PRO E 16 26.46 -56.13 -12.76
C PRO E 16 26.56 -57.37 -11.86
N ASN E 17 26.55 -58.54 -12.49
CA ASN E 17 26.59 -59.81 -11.78
C ASN E 17 27.98 -60.17 -11.25
N ARG E 18 29.01 -59.74 -11.99
CA ARG E 18 30.40 -59.94 -11.56
C ARG E 18 30.70 -59.09 -10.33
N ARG E 19 31.24 -59.70 -9.28
CA ARG E 19 31.61 -58.97 -8.06
C ARG E 19 33.10 -59.10 -7.76
N VAL E 20 33.71 -57.98 -7.35
CA VAL E 20 35.11 -57.96 -6.96
C VAL E 20 35.31 -57.12 -5.69
N LEU E 21 36.01 -57.68 -4.71
CA LEU E 21 36.41 -56.92 -3.51
C LEU E 21 37.87 -56.55 -3.61
N VAL E 22 38.18 -55.29 -3.34
CA VAL E 22 39.53 -54.77 -3.45
C VAL E 22 39.98 -54.24 -2.09
N THR E 23 41.02 -54.85 -1.52
CA THR E 23 41.58 -54.35 -0.27
C THR E 23 42.66 -53.33 -0.59
N GLY E 24 42.97 -52.48 0.39
CA GLY E 24 43.93 -51.40 0.19
C GLY E 24 43.42 -50.40 -0.83
N ALA E 25 42.11 -50.22 -0.87
CA ALA E 25 41.46 -49.34 -1.84
C ALA E 25 41.74 -47.86 -1.58
N THR E 26 42.20 -47.54 -0.39
CA THR E 26 42.64 -46.18 -0.06
C THR E 26 43.98 -45.84 -0.71
N GLY E 27 44.82 -46.85 -0.90
CA GLY E 27 46.17 -46.65 -1.39
C GLY E 27 46.24 -46.47 -2.89
N LEU E 28 47.40 -46.02 -3.36
CA LEU E 28 47.61 -45.71 -4.77
C LEU E 28 47.16 -46.84 -5.71
N LEU E 29 47.57 -48.06 -5.40
CA LEU E 29 47.27 -49.19 -6.27
C LEU E 29 45.79 -49.57 -6.22
N GLY E 30 45.26 -49.72 -5.01
CA GLY E 30 43.86 -50.13 -4.83
C GLY E 30 42.87 -49.19 -5.50
N ARG E 31 43.14 -47.89 -5.43
CA ARG E 31 42.27 -46.89 -6.05
C ARG E 31 42.18 -47.13 -7.53
N ALA E 32 43.33 -47.36 -8.17
CA ALA E 32 43.38 -47.65 -9.60
C ALA E 32 42.70 -48.96 -9.95
N VAL E 33 42.86 -49.98 -9.10
CA VAL E 33 42.29 -51.31 -9.36
C VAL E 33 40.76 -51.26 -9.22
N HIS E 34 40.28 -50.71 -8.12
CA HIS E 34 38.84 -50.49 -7.94
C HIS E 34 38.23 -49.75 -9.13
N LYS E 35 38.86 -48.65 -9.52
CA LYS E 35 38.41 -47.84 -10.65
C LYS E 35 38.32 -48.65 -11.95
N GLU E 36 39.35 -49.45 -12.23
CA GLU E 36 39.41 -50.22 -13.47
C GLU E 36 38.25 -51.21 -13.57
N PHE E 37 37.99 -51.93 -12.49
CA PHE E 37 36.89 -52.88 -12.45
C PHE E 37 35.54 -52.15 -12.56
N GLN E 38 35.37 -51.08 -11.78
CA GLN E 38 34.10 -50.35 -11.72
C GLN E 38 33.72 -49.75 -13.07
N GLN E 39 34.71 -49.17 -13.76
CA GLN E 39 34.50 -48.55 -15.07
C GLN E 39 34.32 -49.57 -16.18
N ASN E 40 34.47 -50.86 -15.87
CA ASN E 40 34.37 -51.92 -16.87
C ASN E 40 33.43 -53.04 -16.45
N ASN E 41 32.20 -52.67 -16.08
CA ASN E 41 31.12 -53.64 -15.93
C ASN E 41 31.36 -54.68 -14.82
N TRP E 42 31.88 -54.22 -13.68
CA TRP E 42 31.99 -55.05 -12.49
C TRP E 42 31.32 -54.36 -11.31
N HIS E 43 30.73 -55.14 -10.42
CA HIS E 43 30.23 -54.62 -9.16
C HIS E 43 31.39 -54.64 -8.17
N ALA E 44 31.97 -53.45 -7.92
CA ALA E 44 33.26 -53.34 -7.24
C ALA E 44 33.11 -52.68 -5.88
N VAL E 45 33.74 -53.27 -4.87
CA VAL E 45 33.75 -52.69 -3.54
C VAL E 45 35.19 -52.59 -3.04
N GLY E 46 35.51 -51.47 -2.41
CA GLY E 46 36.82 -51.26 -1.83
C GLY E 46 36.76 -51.23 -0.32
N CYS E 47 37.85 -51.63 0.33
CA CYS E 47 37.97 -51.46 1.77
C CYS E 47 39.39 -51.03 2.14
N GLY E 48 39.49 -50.37 3.29
CA GLY E 48 40.75 -49.87 3.80
C GLY E 48 40.63 -49.62 5.29
N PHE E 49 41.71 -49.16 5.90
CA PHE E 49 41.77 -49.01 7.36
C PHE E 49 41.74 -47.54 7.78
N ARG E 50 42.62 -46.73 7.22
CA ARG E 50 42.82 -45.36 7.69
C ARG E 50 41.69 -44.42 7.23
N ARG E 51 41.71 -44.02 5.96
CA ARG E 51 40.79 -42.99 5.47
C ARG E 51 39.80 -43.58 4.48
N ALA E 52 39.13 -44.65 4.90
CA ALA E 52 38.27 -45.43 4.01
C ALA E 52 36.93 -44.75 3.71
N ARG E 53 36.23 -44.34 4.77
CA ARG E 53 34.92 -43.71 4.64
C ARG E 53 35.07 -42.32 4.05
N PRO E 54 34.12 -41.88 3.20
CA PRO E 54 32.84 -42.50 2.84
C PRO E 54 32.85 -43.37 1.57
N LYS E 55 33.89 -43.25 0.74
CA LYS E 55 33.92 -43.94 -0.55
C LYS E 55 34.10 -45.46 -0.44
N PHE E 56 34.70 -45.92 0.67
CA PHE E 56 35.02 -47.34 0.84
C PHE E 56 34.60 -47.86 2.22
N GLU E 57 34.48 -49.18 2.34
CA GLU E 57 34.16 -49.84 3.61
C GLU E 57 35.36 -49.83 4.54
N GLN E 58 35.16 -49.52 5.81
CA GLN E 58 36.26 -49.49 6.77
C GLN E 58 36.48 -50.89 7.35
N VAL E 59 37.65 -51.47 7.07
CA VAL E 59 37.96 -52.84 7.53
C VAL E 59 39.42 -52.97 7.93
N ASN E 60 39.64 -53.47 9.15
CA ASN E 60 40.97 -53.86 9.62
C ASN E 60 41.21 -55.35 9.30
N LEU E 61 42.12 -55.61 8.36
CA LEU E 61 42.36 -56.99 7.88
C LEU E 61 42.92 -57.96 8.95
N LEU E 62 43.33 -57.42 10.10
CA LEU E 62 43.77 -58.24 11.23
C LEU E 62 42.61 -58.62 12.15
N ASP E 63 41.41 -58.09 11.88
CA ASP E 63 40.20 -58.49 12.57
C ASP E 63 39.46 -59.50 11.69
N SER E 64 39.48 -60.77 12.11
CA SER E 64 38.91 -61.87 11.34
C SER E 64 37.40 -61.75 11.16
N ASN E 65 36.71 -61.34 12.23
CA ASN E 65 35.27 -61.13 12.18
C ASN E 65 34.90 -60.20 11.05
N ALA E 66 35.51 -59.01 11.07
CA ALA E 66 35.23 -57.97 10.09
C ALA E 66 35.53 -58.43 8.66
N VAL E 67 36.55 -59.27 8.50
CA VAL E 67 36.94 -59.77 7.18
C VAL E 67 36.00 -60.90 6.73
N HIS E 68 35.59 -61.78 7.65
CA HIS E 68 34.61 -62.81 7.31
C HIS E 68 33.28 -62.18 6.96
N HIS E 69 32.84 -61.23 7.79
CA HIS E 69 31.58 -60.54 7.59
C HIS E 69 31.47 -59.98 6.17
N ILE E 70 32.37 -59.07 5.81
CA ILE E 70 32.31 -58.38 4.51
C ILE E 70 32.32 -59.33 3.31
N ILE E 71 33.14 -60.38 3.36
CA ILE E 71 33.28 -61.31 2.25
C ILE E 71 32.07 -62.24 2.15
N HIS E 72 31.61 -62.74 3.29
CA HIS E 72 30.46 -63.66 3.33
C HIS E 72 29.20 -62.98 2.84
N ASP E 73 29.01 -61.72 3.23
CA ASP E 73 27.87 -60.93 2.77
C ASP E 73 27.96 -60.60 1.30
N PHE E 74 29.15 -60.16 0.87
CA PHE E 74 29.36 -59.65 -0.49
C PHE E 74 29.49 -60.76 -1.55
N GLN E 75 29.90 -61.95 -1.12
CA GLN E 75 30.03 -63.11 -2.00
C GLN E 75 30.77 -62.78 -3.31
N PRO E 76 32.02 -62.28 -3.20
CA PRO E 76 32.76 -61.86 -4.38
C PRO E 76 33.26 -63.02 -5.24
N HIS E 77 33.26 -62.83 -6.55
CA HIS E 77 33.87 -63.79 -7.47
C HIS E 77 35.38 -63.59 -7.56
N VAL E 78 35.84 -62.36 -7.32
CA VAL E 78 37.26 -62.05 -7.34
C VAL E 78 37.62 -61.19 -6.14
N ILE E 79 38.82 -61.42 -5.57
CA ILE E 79 39.39 -60.51 -4.57
C ILE E 79 40.78 -60.07 -5.03
N VAL E 80 41.04 -58.76 -5.03
CA VAL E 80 42.38 -58.25 -5.33
C VAL E 80 42.98 -57.63 -4.08
N HIS E 81 43.97 -58.31 -3.52
CA HIS E 81 44.56 -57.91 -2.25
C HIS E 81 45.77 -56.97 -2.44
N CYS E 82 45.55 -55.67 -2.23
CA CYS E 82 46.59 -54.65 -2.40
C CYS E 82 47.06 -54.04 -1.07
N ALA E 83 46.31 -54.28 0.01
CA ALA E 83 46.67 -53.74 1.33
C ALA E 83 47.96 -54.38 1.84
N ALA E 84 48.96 -53.56 2.10
CA ALA E 84 50.24 -54.04 2.61
C ALA E 84 51.09 -52.89 3.17
N GLU E 85 52.01 -53.24 4.05
CA GLU E 85 53.05 -52.31 4.47
C GLU E 85 54.14 -52.36 3.39
N ARG E 86 54.13 -51.36 2.50
CA ARG E 86 54.95 -51.38 1.28
C ARG E 86 56.09 -50.35 1.28
N ARG E 87 56.56 -49.97 2.46
CA ARG E 87 57.73 -49.11 2.62
C ARG E 87 58.81 -49.91 3.35
N PRO E 88 59.91 -50.28 2.65
CA PRO E 88 60.86 -51.25 3.19
C PRO E 88 61.44 -50.92 4.57
N ASP E 89 61.91 -49.70 4.75
CA ASP E 89 62.51 -49.30 6.03
C ASP E 89 61.49 -49.17 7.17
N VAL E 90 60.21 -49.00 6.84
CA VAL E 90 59.14 -48.98 7.86
C VAL E 90 58.84 -50.40 8.37
N VAL E 91 59.11 -51.41 7.55
CA VAL E 91 58.99 -52.80 7.97
C VAL E 91 60.09 -53.13 8.97
N GLU E 92 61.32 -52.73 8.64
CA GLU E 92 62.46 -52.93 9.52
C GLU E 92 62.40 -52.05 10.79
N ASN E 93 61.54 -51.04 10.77
CA ASN E 93 61.27 -50.23 11.96
C ASN E 93 60.39 -50.97 12.95
N GLN E 94 59.28 -51.52 12.43
CA GLN E 94 58.28 -52.17 13.27
C GLN E 94 57.76 -53.46 12.61
N PRO E 95 58.54 -54.55 12.73
CA PRO E 95 58.26 -55.78 12.00
C PRO E 95 57.04 -56.57 12.48
N ASP E 96 56.73 -56.49 13.78
CA ASP E 96 55.56 -57.19 14.34
C ASP E 96 54.35 -57.02 13.44
N ALA E 97 53.97 -55.77 13.24
CA ALA E 97 52.77 -55.42 12.47
C ALA E 97 52.94 -55.67 10.98
N ALA E 98 54.14 -55.39 10.45
CA ALA E 98 54.43 -55.55 9.03
C ALA E 98 54.13 -56.97 8.55
N SER E 99 54.68 -57.96 9.24
CA SER E 99 54.50 -59.37 8.87
C SER E 99 53.07 -59.85 9.17
N GLN E 100 52.47 -59.34 10.23
CA GLN E 100 51.09 -59.67 10.56
C GLN E 100 50.15 -59.27 9.42
N LEU E 101 50.36 -58.06 8.89
CA LEU E 101 49.56 -57.52 7.80
C LEU E 101 49.91 -58.14 6.45
N ASN E 102 51.21 -58.17 6.13
CA ASN E 102 51.67 -58.71 4.85
C ASN E 102 51.52 -60.24 4.75
N VAL E 103 51.66 -60.95 5.88
CA VAL E 103 51.66 -62.42 5.89
C VAL E 103 50.38 -63.00 6.52
N ASP E 104 50.24 -62.87 7.83
CA ASP E 104 49.15 -63.53 8.57
C ASP E 104 47.75 -63.09 8.10
N ALA E 105 47.63 -61.82 7.75
CA ALA E 105 46.38 -61.30 7.22
C ALA E 105 46.12 -61.83 5.82
N SER E 106 47.19 -61.91 5.01
CA SER E 106 47.05 -62.41 3.63
C SER E 106 46.68 -63.89 3.61
N GLY E 107 47.27 -64.67 4.51
CA GLY E 107 46.93 -66.07 4.65
C GLY E 107 45.48 -66.24 5.07
N ASN E 108 45.07 -65.48 6.08
CA ASN E 108 43.68 -65.49 6.55
C ASN E 108 42.70 -65.12 5.44
N LEU E 109 43.10 -64.16 4.62
CA LEU E 109 42.29 -63.69 3.50
C LEU E 109 42.17 -64.78 2.44
N ALA E 110 43.22 -65.59 2.32
CA ALA E 110 43.20 -66.74 1.41
C ALA E 110 42.26 -67.83 1.90
N LYS E 111 42.20 -68.03 3.21
CA LYS E 111 41.25 -68.97 3.81
C LYS E 111 39.83 -68.56 3.45
N GLU E 112 39.55 -67.27 3.61
CA GLU E 112 38.20 -66.74 3.47
C GLU E 112 37.76 -66.77 2.00
N ALA E 113 38.68 -66.50 1.09
CA ALA E 113 38.41 -66.62 -0.35
C ALA E 113 38.10 -68.06 -0.74
N ALA E 114 38.87 -68.99 -0.20
CA ALA E 114 38.68 -70.41 -0.49
C ALA E 114 37.30 -70.90 -0.06
N ALA E 115 36.78 -70.34 1.03
CA ALA E 115 35.44 -70.69 1.52
C ALA E 115 34.35 -70.29 0.51
N VAL E 116 34.34 -69.02 0.11
CA VAL E 116 33.34 -68.50 -0.81
C VAL E 116 33.61 -68.89 -2.27
N GLY E 117 34.84 -69.33 -2.56
CA GLY E 117 35.22 -69.70 -3.92
C GLY E 117 35.55 -68.50 -4.78
N ALA E 118 36.15 -67.48 -4.17
CA ALA E 118 36.59 -66.29 -4.89
C ALA E 118 38.00 -66.51 -5.45
N PHE E 119 38.22 -66.01 -6.66
CA PHE E 119 39.56 -66.03 -7.25
C PHE E 119 40.37 -64.88 -6.65
N LEU E 120 41.45 -65.22 -5.94
CA LEU E 120 42.22 -64.23 -5.20
C LEU E 120 43.50 -63.84 -5.94
N ILE E 121 43.72 -62.54 -6.07
CA ILE E 121 45.00 -62.01 -6.54
C ILE E 121 45.75 -61.32 -5.40
N TYR E 122 46.88 -61.91 -5.02
CA TYR E 122 47.78 -61.33 -4.05
C TYR E 122 48.85 -60.54 -4.79
N ILE E 123 49.01 -59.27 -4.40
CA ILE E 123 50.01 -58.40 -5.03
C ILE E 123 51.34 -58.53 -4.31
N SER E 124 52.38 -58.91 -5.06
CA SER E 124 53.72 -59.11 -4.51
C SER E 124 54.73 -58.23 -5.23
N SER E 125 56.02 -58.45 -4.92
CA SER E 125 57.08 -57.53 -5.32
C SER E 125 58.25 -58.22 -6.01
N ASP E 126 59.00 -57.43 -6.78
CA ASP E 126 60.27 -57.87 -7.34
C ASP E 126 61.35 -57.98 -6.25
N TYR E 127 61.07 -57.40 -5.08
CA TYR E 127 61.96 -57.49 -3.93
C TYR E 127 62.00 -58.89 -3.27
N VAL E 128 61.35 -59.88 -3.87
CA VAL E 128 61.56 -61.27 -3.46
C VAL E 128 62.83 -61.86 -4.05
N PHE E 129 63.41 -61.19 -5.06
CA PHE E 129 64.66 -61.61 -5.69
C PHE E 129 65.82 -60.73 -5.24
N ASP E 130 67.04 -61.30 -5.26
CA ASP E 130 68.25 -60.57 -4.87
C ASP E 130 68.80 -59.65 -5.95
N GLY E 131 68.26 -59.77 -7.17
CA GLY E 131 68.56 -58.83 -8.23
C GLY E 131 69.97 -58.88 -8.77
N THR E 132 70.57 -60.07 -8.73
CA THR E 132 71.92 -60.27 -9.26
C THR E 132 71.93 -61.00 -10.59
N ASN E 133 70.81 -61.60 -10.97
CA ASN E 133 70.73 -62.40 -12.20
C ASN E 133 69.44 -62.15 -13.00
N PRO E 134 69.23 -60.91 -13.46
CA PRO E 134 68.06 -60.59 -14.26
C PRO E 134 68.19 -61.14 -15.68
N PRO E 135 67.05 -61.35 -16.38
CA PRO E 135 65.69 -61.12 -15.92
C PRO E 135 65.16 -62.33 -15.14
N TYR E 136 64.19 -62.09 -14.26
CA TYR E 136 63.68 -63.14 -13.38
C TYR E 136 62.35 -63.70 -13.89
N ARG E 137 62.32 -65.01 -14.15
CA ARG E 137 61.10 -65.71 -14.54
C ARG E 137 60.32 -66.12 -13.29
N GLU E 138 59.07 -66.55 -13.49
CA GLU E 138 58.19 -66.87 -12.36
C GLU E 138 58.71 -68.02 -11.50
N GLU E 139 59.40 -68.98 -12.13
CA GLU E 139 59.87 -70.17 -11.44
C GLU E 139 61.26 -70.02 -10.81
N ASP E 140 61.92 -68.89 -11.02
CA ASP E 140 63.26 -68.65 -10.47
C ASP E 140 63.20 -68.52 -8.95
N ILE E 141 64.31 -68.87 -8.30
CA ILE E 141 64.32 -69.06 -6.86
C ILE E 141 64.38 -67.70 -6.18
N PRO E 142 63.42 -67.42 -5.28
CA PRO E 142 63.51 -66.18 -4.51
C PRO E 142 64.60 -66.22 -3.46
N ALA E 143 65.25 -65.09 -3.24
CA ALA E 143 66.26 -64.92 -2.20
C ALA E 143 66.27 -63.45 -1.78
N PRO E 144 65.28 -63.04 -0.98
CA PRO E 144 65.16 -61.61 -0.62
C PRO E 144 66.36 -61.07 0.17
N LEU E 145 66.65 -59.78 -0.02
CA LEU E 145 67.79 -59.13 0.64
C LEU E 145 67.36 -58.24 1.81
N ASN E 146 66.06 -57.99 1.93
CA ASN E 146 65.53 -57.12 2.96
C ASN E 146 64.34 -57.80 3.62
N LEU E 147 63.91 -57.23 4.74
CA LEU E 147 62.80 -57.77 5.49
C LEU E 147 61.49 -57.60 4.72
N TYR E 148 61.36 -56.51 3.98
CA TYR E 148 60.16 -56.26 3.17
C TYR E 148 59.95 -57.40 2.17
N GLY E 149 60.99 -57.72 1.43
CA GLY E 149 60.97 -58.86 0.52
C GLY E 149 60.54 -60.13 1.22
N LYS E 150 61.09 -60.39 2.39
CA LYS E 150 60.77 -61.61 3.11
C LYS E 150 59.27 -61.71 3.38
N THR E 151 58.70 -60.64 3.93
CA THR E 151 57.28 -60.62 4.23
C THR E 151 56.43 -60.86 2.98
N LYS E 152 56.77 -60.16 1.90
CA LYS E 152 56.09 -60.40 0.62
C LYS E 152 56.16 -61.87 0.25
N LEU E 153 57.38 -62.42 0.30
CA LEU E 153 57.58 -63.85 0.03
C LEU E 153 56.75 -64.73 0.97
N ASP E 154 56.86 -64.46 2.27
CA ASP E 154 56.11 -65.23 3.28
C ASP E 154 54.61 -65.10 3.03
N GLY E 155 54.19 -63.96 2.50
CA GLY E 155 52.82 -63.73 2.10
C GLY E 155 52.37 -64.59 0.95
N GLU E 156 53.26 -64.80 -0.03
CA GLU E 156 52.96 -65.66 -1.17
C GLU E 156 52.69 -67.11 -0.74
N LYS E 157 53.45 -67.57 0.25
CA LYS E 157 53.42 -68.97 0.69
C LYS E 157 52.17 -69.19 1.52
N ALA E 158 51.87 -68.23 2.40
CA ALA E 158 50.67 -68.29 3.22
C ALA E 158 49.41 -68.24 2.35
N VAL E 159 49.45 -67.43 1.30
CA VAL E 159 48.33 -67.34 0.36
C VAL E 159 48.16 -68.65 -0.41
N LEU E 160 49.21 -69.07 -1.12
CA LEU E 160 49.13 -70.24 -2.00
C LEU E 160 48.85 -71.57 -1.27
N GLU E 161 49.22 -71.65 0.01
CA GLU E 161 48.94 -72.84 0.83
C GLU E 161 47.46 -72.93 1.20
N ASN E 162 46.93 -71.83 1.72
CA ASN E 162 45.52 -71.76 2.12
C ASN E 162 44.55 -71.49 0.97
N ASN E 163 45.02 -71.65 -0.25
CA ASN E 163 44.16 -71.51 -1.43
C ASN E 163 44.81 -72.15 -2.66
N LEU E 164 44.22 -73.25 -3.13
CA LEU E 164 44.73 -73.98 -4.29
C LEU E 164 44.58 -73.23 -5.61
N GLY E 165 43.66 -72.26 -5.66
CA GLY E 165 43.34 -71.56 -6.91
C GLY E 165 43.78 -70.11 -7.00
N ALA E 166 44.44 -69.61 -5.96
CA ALA E 166 44.85 -68.21 -5.89
C ALA E 166 45.96 -67.89 -6.87
N ALA E 167 46.12 -66.60 -7.14
CA ALA E 167 47.21 -66.12 -8.01
C ALA E 167 48.09 -65.11 -7.26
N VAL E 168 49.37 -65.14 -7.56
CA VAL E 168 50.32 -64.19 -7.02
C VAL E 168 50.82 -63.32 -8.18
N LEU E 169 50.57 -62.02 -8.10
CA LEU E 169 51.03 -61.09 -9.14
C LEU E 169 52.18 -60.23 -8.60
N ARG E 170 53.40 -60.50 -9.08
CA ARG E 170 54.58 -59.76 -8.66
C ARG E 170 54.74 -58.48 -9.45
N ILE E 171 54.97 -57.37 -8.75
CA ILE E 171 54.96 -56.06 -9.35
C ILE E 171 56.17 -55.22 -8.91
N PRO E 172 56.72 -54.39 -9.80
CA PRO E 172 57.92 -53.60 -9.49
C PRO E 172 57.59 -52.26 -8.81
N ILE E 173 58.49 -51.27 -8.89
CA ILE E 173 58.26 -49.96 -8.28
C ILE E 173 57.08 -49.23 -8.96
N LEU E 174 56.15 -48.75 -8.14
CA LEU E 174 54.90 -48.22 -8.65
C LEU E 174 54.87 -46.68 -8.66
N TYR E 175 54.20 -46.11 -9.66
CA TYR E 175 53.81 -44.71 -9.65
C TYR E 175 52.39 -44.58 -10.20
N GLY E 176 51.81 -43.39 -10.08
CA GLY E 176 50.48 -43.11 -10.61
C GLY E 176 49.97 -41.74 -10.18
N GLU E 177 48.65 -41.55 -10.27
CA GLU E 177 48.01 -40.28 -9.91
C GLU E 177 47.88 -40.13 -8.40
N VAL E 178 48.97 -39.73 -7.76
CA VAL E 178 49.03 -39.65 -6.31
C VAL E 178 48.29 -38.45 -5.73
N GLU E 179 47.75 -38.63 -4.53
CA GLU E 179 47.16 -37.53 -3.77
C GLU E 179 48.23 -36.78 -2.99
N LYS E 180 49.36 -37.45 -2.77
CA LYS E 180 50.53 -36.84 -2.14
C LYS E 180 51.78 -37.38 -2.80
N LEU E 181 52.81 -36.55 -2.88
CA LEU E 181 54.07 -36.95 -3.49
C LEU E 181 54.65 -38.17 -2.77
N GLU E 182 54.34 -38.32 -1.48
CA GLU E 182 54.85 -39.42 -0.66
C GLU E 182 54.26 -40.79 -0.98
N GLU E 183 53.13 -40.84 -1.69
CA GLU E 183 52.47 -42.12 -2.01
C GLU E 183 53.27 -43.02 -2.96
N SER E 184 54.30 -42.47 -3.61
CA SER E 184 55.15 -43.25 -4.52
C SER E 184 56.61 -42.82 -4.40
N ALA E 185 57.49 -43.81 -4.47
CA ALA E 185 58.93 -43.58 -4.41
C ALA E 185 59.46 -42.92 -5.69
N VAL E 186 58.62 -42.88 -6.72
CA VAL E 186 58.91 -42.17 -7.96
C VAL E 186 58.53 -40.71 -7.81
N THR E 187 57.33 -40.49 -7.27
CA THR E 187 56.75 -39.15 -7.17
C THR E 187 57.39 -38.25 -6.11
N VAL E 188 58.00 -38.81 -5.05
CA VAL E 188 58.69 -37.98 -4.03
C VAL E 188 59.79 -37.08 -4.60
N MET E 189 60.37 -37.49 -5.72
CA MET E 189 61.46 -36.74 -6.33
C MET E 189 61.02 -35.44 -6.99
N PHE E 190 59.72 -35.19 -7.12
CA PHE E 190 59.28 -34.11 -8.00
C PHE E 190 59.74 -32.72 -7.58
N ASP E 191 59.74 -32.44 -6.28
CA ASP E 191 60.23 -31.14 -5.79
C ASP E 191 61.72 -30.93 -6.03
N LYS E 192 62.51 -32.00 -5.90
CA LYS E 192 63.94 -31.93 -6.21
C LYS E 192 64.14 -31.64 -7.68
N VAL E 193 63.33 -32.27 -8.51
CA VAL E 193 63.36 -32.02 -9.95
C VAL E 193 62.96 -30.60 -10.23
N GLN E 194 61.94 -30.11 -9.52
CA GLN E 194 61.40 -28.77 -9.77
C GLN E 194 62.30 -27.62 -9.33
N PHE E 195 62.95 -27.76 -8.17
CA PHE E 195 63.81 -26.69 -7.65
C PHE E 195 65.18 -26.68 -8.34
N SER E 196 65.23 -26.08 -9.54
CA SER E 196 66.47 -25.99 -10.34
C SER E 196 67.62 -25.32 -9.59
N ASN E 197 67.30 -24.23 -8.90
CA ASN E 197 68.29 -23.44 -8.14
C ASN E 197 69.03 -24.16 -7.00
N LYS E 198 68.66 -25.41 -6.71
CA LYS E 198 69.37 -26.24 -5.73
C LYS E 198 69.61 -27.63 -6.31
N SER E 199 70.86 -28.10 -6.21
CA SER E 199 71.24 -29.39 -6.77
C SER E 199 70.89 -30.52 -5.81
N ALA E 200 70.61 -31.70 -6.37
CA ALA E 200 70.20 -32.84 -5.56
C ALA E 200 70.75 -34.13 -6.15
N ASN E 201 71.26 -34.98 -5.26
CA ASN E 201 71.86 -36.24 -5.67
C ASN E 201 70.79 -37.30 -5.89
N MET E 202 70.92 -38.05 -6.99
CA MET E 202 69.94 -39.05 -7.35
C MET E 202 70.65 -40.38 -7.60
N ASP E 203 70.07 -41.47 -7.07
CA ASP E 203 70.65 -42.80 -7.20
C ASP E 203 70.74 -43.20 -8.67
N HIS E 204 71.96 -43.48 -9.13
CA HIS E 204 72.20 -43.92 -10.52
C HIS E 204 72.88 -45.28 -10.46
N TRP E 205 72.33 -46.15 -9.63
CA TRP E 205 72.88 -47.49 -9.41
C TRP E 205 71.79 -48.53 -9.57
N GLN E 206 70.78 -48.48 -8.70
CA GLN E 206 69.72 -49.49 -8.69
C GLN E 206 68.86 -49.41 -9.95
N GLN E 207 68.79 -50.51 -10.68
CA GLN E 207 68.08 -50.57 -11.95
C GLN E 207 66.61 -50.91 -11.70
N ARG E 208 65.72 -50.02 -12.13
CA ARG E 208 64.29 -50.12 -11.84
C ARG E 208 63.44 -50.17 -13.09
N PHE E 209 62.21 -50.65 -12.93
CA PHE E 209 61.19 -50.57 -13.98
C PHE E 209 59.91 -49.93 -13.43
N PRO E 210 59.85 -48.58 -13.45
CA PRO E 210 58.65 -47.87 -13.02
C PRO E 210 57.40 -48.37 -13.73
N THR E 211 56.35 -48.62 -12.96
CA THR E 211 55.12 -49.19 -13.48
C THR E 211 53.92 -48.40 -12.99
N HIS E 212 53.10 -47.92 -13.94
CA HIS E 212 51.85 -47.22 -13.64
C HIS E 212 50.86 -48.21 -13.02
N VAL E 213 50.21 -47.82 -11.93
CA VAL E 213 49.20 -48.68 -11.28
C VAL E 213 47.95 -48.94 -12.13
N LYS E 214 47.61 -48.03 -13.04
CA LYS E 214 46.49 -48.24 -13.95
C LYS E 214 46.83 -49.35 -14.94
N ASP E 215 48.11 -49.52 -15.22
CA ASP E 215 48.57 -50.66 -16.00
C ASP E 215 48.41 -51.95 -15.20
N VAL E 216 48.82 -51.93 -13.93
CA VAL E 216 48.67 -53.11 -13.07
C VAL E 216 47.18 -53.43 -12.91
N ALA E 217 46.35 -52.39 -12.85
CA ALA E 217 44.91 -52.53 -12.69
C ALA E 217 44.29 -53.26 -13.87
N THR E 218 44.55 -52.75 -15.08
CA THR E 218 44.10 -53.39 -16.30
C THR E 218 44.52 -54.86 -16.30
N VAL E 219 45.79 -55.09 -16.01
CA VAL E 219 46.35 -56.46 -15.92
C VAL E 219 45.56 -57.35 -14.96
N CYS E 220 45.26 -56.84 -13.76
CA CYS E 220 44.50 -57.62 -12.79
C CYS E 220 43.14 -58.02 -13.35
N ARG E 221 42.48 -57.09 -14.01
CA ARG E 221 41.16 -57.33 -14.57
C ARG E 221 41.23 -58.36 -15.70
N GLN E 222 42.19 -58.21 -16.59
CA GLN E 222 42.32 -59.13 -17.71
C GLN E 222 42.58 -60.55 -17.21
N LEU E 223 43.32 -60.67 -16.11
CA LEU E 223 43.59 -61.96 -15.49
C LEU E 223 42.32 -62.50 -14.85
N ALA E 224 41.65 -61.65 -14.09
CA ALA E 224 40.39 -61.99 -13.45
C ALA E 224 39.37 -62.48 -14.46
N GLU E 225 39.21 -61.73 -15.55
CA GLU E 225 38.24 -62.07 -16.59
C GLU E 225 38.59 -63.37 -17.31
N LYS E 226 39.87 -63.64 -17.48
CA LYS E 226 40.30 -64.92 -18.06
C LYS E 226 40.03 -66.10 -17.13
N ARG E 227 40.20 -65.89 -15.83
CA ARG E 227 39.92 -66.95 -14.85
C ARG E 227 38.46 -67.39 -14.85
N MET E 228 37.55 -66.44 -15.12
CA MET E 228 36.12 -66.73 -15.12
C MET E 228 35.74 -67.73 -16.23
N LEU E 229 36.55 -67.80 -17.28
CA LEU E 229 36.33 -68.75 -18.38
C LEU E 229 37.36 -69.87 -18.46
N ASP E 230 38.26 -69.96 -17.47
CA ASP E 230 39.31 -70.98 -17.48
C ASP E 230 39.93 -71.16 -16.08
N PRO E 231 39.63 -72.30 -15.41
CA PRO E 231 40.17 -72.51 -14.05
C PRO E 231 41.66 -72.83 -14.00
N SER E 232 42.29 -73.05 -15.17
CA SER E 232 43.74 -73.22 -15.26
C SER E 232 44.53 -71.99 -14.78
N ILE E 233 43.91 -70.81 -14.85
CA ILE E 233 44.59 -69.56 -14.49
C ILE E 233 44.80 -69.45 -12.98
N LYS E 234 45.99 -69.86 -12.54
CA LYS E 234 46.38 -69.75 -11.13
C LYS E 234 47.90 -69.82 -11.00
N GLY E 235 48.39 -69.54 -9.81
CA GLY E 235 49.82 -69.52 -9.55
C GLY E 235 50.45 -68.15 -9.72
N THR E 236 51.74 -68.13 -10.05
CA THR E 236 52.55 -66.93 -9.96
C THR E 236 52.72 -66.25 -11.32
N PHE E 237 52.59 -64.92 -11.34
CA PHE E 237 52.73 -64.12 -12.56
C PHE E 237 53.57 -62.87 -12.31
N HIS E 238 54.28 -62.42 -13.34
CA HIS E 238 55.03 -61.16 -13.30
C HIS E 238 54.45 -60.14 -14.26
N TRP E 239 54.35 -58.89 -13.80
CA TRP E 239 54.10 -57.75 -14.70
C TRP E 239 54.99 -56.55 -14.38
N SER E 240 55.35 -55.80 -15.41
CA SER E 240 56.27 -54.66 -15.27
C SER E 240 56.24 -53.76 -16.50
N GLY E 241 56.57 -52.50 -16.32
CA GLY E 241 56.86 -51.61 -17.45
C GLY E 241 58.12 -52.11 -18.13
N ASN E 242 58.31 -51.77 -19.40
CA ASN E 242 59.48 -52.22 -20.13
C ASN E 242 60.58 -51.15 -20.26
N GLU E 243 60.48 -50.09 -19.48
CA GLU E 243 61.46 -49.00 -19.51
C GLU E 243 62.39 -49.06 -18.30
N GLN E 244 63.60 -49.55 -18.52
CA GLN E 244 64.60 -49.63 -17.45
C GLN E 244 65.10 -48.24 -17.11
N MET E 245 65.02 -47.87 -15.84
CA MET E 245 65.51 -46.57 -15.37
C MET E 245 66.06 -46.66 -13.94
N THR E 246 67.11 -45.88 -13.68
CA THR E 246 67.52 -45.58 -12.32
C THR E 246 66.68 -44.40 -11.84
N LYS E 247 66.83 -44.02 -10.57
CA LYS E 247 66.13 -42.85 -10.05
C LYS E 247 66.62 -41.55 -10.69
N TYR E 248 67.92 -41.46 -10.97
CA TYR E 248 68.46 -40.31 -11.70
C TYR E 248 67.82 -40.22 -13.09
N GLU E 249 67.65 -41.37 -13.76
CA GLU E 249 67.08 -41.39 -15.12
C GLU E 249 65.59 -41.01 -15.07
N MET E 250 64.89 -41.54 -14.08
CA MET E 250 63.50 -41.13 -13.79
C MET E 250 63.40 -39.63 -13.57
N ALA E 251 64.28 -39.09 -12.72
CA ALA E 251 64.27 -37.66 -12.43
C ALA E 251 64.50 -36.82 -13.69
N CYS E 252 65.40 -37.24 -14.56
CA CYS E 252 65.66 -36.52 -15.81
C CYS E 252 64.51 -36.70 -16.80
N ALA E 253 63.89 -37.88 -16.81
CA ALA E 253 62.73 -38.15 -17.66
C ALA E 253 61.50 -37.39 -17.19
N ILE E 254 61.43 -37.13 -15.89
CA ILE E 254 60.36 -36.30 -15.34
C ILE E 254 60.55 -34.86 -15.81
N ALA E 255 61.78 -34.37 -15.71
CA ALA E 255 62.11 -33.00 -16.10
C ALA E 255 61.74 -32.73 -17.55
N ASP E 256 62.09 -33.65 -18.44
CA ASP E 256 61.82 -33.47 -19.88
C ASP E 256 60.33 -33.51 -20.18
N ALA E 257 59.60 -34.34 -19.44
CA ALA E 257 58.16 -34.45 -19.60
C ALA E 257 57.46 -33.12 -19.30
N PHE E 258 57.98 -32.38 -18.32
CA PHE E 258 57.41 -31.11 -17.89
C PHE E 258 58.18 -29.89 -18.40
N ASN E 259 59.03 -30.09 -19.41
CA ASN E 259 59.86 -29.00 -19.97
C ASN E 259 60.64 -28.24 -18.90
N LEU E 260 61.39 -28.98 -18.08
CA LEU E 260 62.20 -28.39 -17.02
C LEU E 260 63.66 -28.80 -17.21
N PRO E 261 64.60 -28.00 -16.69
CA PRO E 261 66.02 -28.36 -16.77
C PRO E 261 66.38 -29.44 -15.76
N SER E 262 67.38 -30.25 -16.09
CA SER E 262 67.81 -31.35 -15.25
C SER E 262 69.28 -31.28 -14.84
N SER E 263 69.98 -30.24 -15.27
CA SER E 263 71.43 -30.14 -15.07
C SER E 263 71.84 -29.87 -13.61
N HIS E 264 70.86 -29.59 -12.76
CA HIS E 264 71.08 -29.48 -11.31
C HIS E 264 71.02 -30.84 -10.61
N LEU E 265 70.61 -31.88 -11.34
CA LEU E 265 70.53 -33.24 -10.79
C LEU E 265 71.86 -33.99 -10.97
N ARG E 266 72.41 -34.48 -9.87
CA ARG E 266 73.72 -35.13 -9.88
C ARG E 266 73.64 -36.64 -9.66
N PRO E 267 74.09 -37.44 -10.65
CA PRO E 267 74.01 -38.89 -10.53
C PRO E 267 75.12 -39.43 -9.63
N ILE E 268 74.78 -40.31 -8.70
CA ILE E 268 75.78 -41.07 -7.96
C ILE E 268 75.79 -42.50 -8.52
N THR E 269 76.96 -42.92 -9.01
CA THR E 269 77.13 -44.26 -9.60
C THR E 269 77.43 -45.29 -8.52
N ASP E 270 78.02 -44.83 -7.40
CA ASP E 270 78.32 -45.69 -6.27
C ASP E 270 77.04 -46.25 -5.67
N SER E 271 77.09 -47.49 -5.19
CA SER E 271 75.95 -48.08 -4.51
C SER E 271 75.70 -47.31 -3.21
N PRO E 272 74.43 -47.22 -2.78
CA PRO E 272 74.09 -46.41 -1.60
C PRO E 272 74.53 -47.04 -0.29
N VAL E 273 74.30 -46.33 0.81
CA VAL E 273 74.77 -46.73 2.13
C VAL E 273 74.33 -48.15 2.52
N LEU E 274 73.10 -48.51 2.15
CA LEU E 274 72.60 -49.87 2.38
C LEU E 274 72.40 -50.62 1.06
N GLY E 275 73.36 -50.46 0.14
CA GLY E 275 73.31 -51.09 -1.18
C GLY E 275 73.23 -52.62 -1.16
N ALA E 276 73.85 -53.23 -0.16
CA ALA E 276 73.84 -54.69 0.00
C ALA E 276 72.45 -55.25 0.37
N GLN E 277 71.58 -54.41 0.93
CA GLN E 277 70.21 -54.81 1.28
C GLN E 277 69.17 -54.53 0.19
N ARG E 278 69.62 -54.03 -0.96
CA ARG E 278 68.72 -53.66 -2.05
C ARG E 278 69.16 -54.36 -3.34
N PRO E 279 68.22 -55.01 -4.05
CA PRO E 279 68.56 -55.73 -5.28
C PRO E 279 68.95 -54.78 -6.39
N ARG E 280 70.05 -55.06 -7.09
CA ARG E 280 70.57 -54.13 -8.08
C ARG E 280 69.69 -54.08 -9.32
N ASN E 281 69.26 -55.25 -9.77
CA ASN E 281 68.37 -55.34 -10.92
C ASN E 281 67.45 -56.56 -10.81
N ALA E 282 66.28 -56.35 -10.22
CA ALA E 282 65.27 -57.41 -10.12
C ALA E 282 64.30 -57.40 -11.32
N GLN E 283 64.80 -57.16 -12.52
CA GLN E 283 63.98 -57.10 -13.72
C GLN E 283 63.10 -58.35 -13.85
N LEU E 284 61.79 -58.17 -13.87
CA LEU E 284 60.86 -59.29 -14.05
C LEU E 284 60.65 -59.61 -15.53
N ASP E 285 60.79 -60.90 -15.88
CA ASP E 285 60.44 -61.38 -17.20
C ASP E 285 58.93 -61.54 -17.24
N CYS E 286 58.28 -60.87 -18.18
CA CYS E 286 56.82 -60.90 -18.30
C CYS E 286 56.36 -61.71 -19.51
N SER E 287 57.10 -62.77 -19.85
CA SER E 287 56.76 -63.62 -20.99
C SER E 287 55.49 -64.44 -20.75
N LYS E 288 55.30 -64.90 -19.51
CA LYS E 288 54.15 -65.74 -19.15
C LYS E 288 52.83 -65.02 -19.36
N LEU E 289 52.71 -63.82 -18.79
CA LEU E 289 51.49 -63.03 -18.95
C LEU E 289 51.34 -62.54 -20.37
N GLU E 290 52.44 -62.11 -20.99
CA GLU E 290 52.41 -61.68 -22.40
C GLU E 290 51.93 -62.80 -23.32
N THR E 291 52.29 -64.04 -23.01
CA THR E 291 51.90 -65.20 -23.82
C THR E 291 50.41 -65.51 -23.67
N LEU E 292 49.83 -65.09 -22.55
CA LEU E 292 48.37 -65.14 -22.35
C LEU E 292 47.65 -63.92 -22.92
N GLY E 293 48.36 -63.09 -23.68
CA GLY E 293 47.80 -61.88 -24.30
C GLY E 293 47.54 -60.73 -23.35
N ILE E 294 47.95 -60.89 -22.08
CA ILE E 294 47.64 -59.92 -21.01
C ILE E 294 48.69 -58.82 -20.98
N GLY E 295 48.26 -57.59 -20.72
CA GLY E 295 49.19 -56.50 -20.53
C GLY E 295 48.79 -55.16 -21.13
N GLN E 296 49.35 -54.11 -20.54
CA GLN E 296 49.19 -52.75 -21.01
C GLN E 296 50.42 -51.96 -20.53
N ARG E 297 51.03 -51.17 -21.41
CA ARG E 297 52.20 -50.38 -21.04
C ARG E 297 52.06 -48.93 -21.46
N THR E 298 51.70 -48.09 -20.50
CA THR E 298 51.67 -46.65 -20.69
C THR E 298 53.11 -46.16 -20.68
N PRO E 299 53.54 -45.43 -21.73
CA PRO E 299 54.90 -44.89 -21.74
C PRO E 299 55.12 -43.96 -20.57
N PHE E 300 56.20 -44.17 -19.84
CA PHE E 300 56.51 -43.37 -18.65
C PHE E 300 56.35 -41.88 -18.96
N ARG E 301 56.94 -41.43 -20.06
CA ARG E 301 56.84 -40.04 -20.49
CA ARG E 301 56.83 -40.05 -20.51
C ARG E 301 55.41 -39.51 -20.36
N ILE E 302 54.45 -40.30 -20.84
CA ILE E 302 53.04 -39.89 -20.82
C ILE E 302 52.44 -40.13 -19.44
N GLY E 303 52.63 -41.33 -18.89
CA GLY E 303 52.06 -41.69 -17.60
C GLY E 303 52.45 -40.71 -16.49
N ILE E 304 53.73 -40.32 -16.45
CA ILE E 304 54.23 -39.47 -15.38
C ILE E 304 53.72 -38.02 -15.50
N LYS E 305 53.46 -37.58 -16.73
CA LYS E 305 52.91 -36.24 -16.96
C LYS E 305 51.46 -36.18 -16.46
N GLU E 306 50.68 -37.20 -16.78
CA GLU E 306 49.32 -37.32 -16.26
C GLU E 306 49.31 -37.42 -14.74
N SER E 307 50.34 -38.07 -14.20
CA SER E 307 50.44 -38.33 -12.76
C SER E 307 50.79 -37.11 -11.91
N LEU E 308 51.62 -36.20 -12.44
CA LEU E 308 52.29 -35.20 -11.59
C LEU E 308 51.89 -33.73 -11.78
N TRP E 309 51.21 -33.39 -12.87
CA TRP E 309 50.84 -31.99 -13.11
C TRP E 309 50.15 -31.30 -11.91
N PRO E 310 49.36 -32.04 -11.10
CA PRO E 310 48.79 -31.36 -9.93
C PRO E 310 49.81 -30.89 -8.90
N PHE E 311 51.06 -31.34 -9.00
CA PHE E 311 52.10 -30.96 -8.05
C PHE E 311 53.11 -29.96 -8.59
N LEU E 312 52.92 -29.52 -9.83
CA LEU E 312 53.60 -28.34 -10.34
C LEU E 312 53.44 -27.21 -9.33
N ILE E 313 54.52 -26.47 -9.07
CA ILE E 313 54.51 -25.40 -8.06
C ILE E 313 53.40 -24.40 -8.36
N ASP E 314 53.31 -23.98 -9.62
CA ASP E 314 52.38 -22.91 -9.99
C ASP E 314 50.93 -23.36 -9.87
N LYS E 315 50.66 -24.63 -10.14
CA LYS E 315 49.34 -25.18 -9.85
C LYS E 315 49.12 -25.22 -8.34
N ARG E 316 50.14 -25.66 -7.62
CA ARG E 316 50.05 -25.84 -6.18
C ARG E 316 49.73 -24.55 -5.43
N TRP E 317 50.21 -23.41 -5.92
CA TRP E 317 49.93 -22.09 -5.33
C TRP E 317 48.45 -21.70 -5.40
N ARG E 318 47.72 -22.27 -6.36
CA ARG E 318 46.31 -21.94 -6.56
C ARG E 318 45.36 -22.91 -5.85
N GLN E 319 45.92 -23.93 -5.20
CA GLN E 319 45.11 -24.99 -4.58
C GLN E 319 44.69 -24.64 -3.16
N THR E 320 43.72 -23.74 -3.05
CA THR E 320 43.16 -23.35 -1.77
C THR E 320 41.64 -23.33 -1.86
N VAL E 321 40.99 -23.22 -0.71
CA VAL E 321 39.56 -23.38 -0.63
C VAL E 321 38.84 -22.24 -1.34
N PHE E 322 39.36 -21.01 -1.18
CA PHE E 322 38.78 -19.84 -1.84
C PHE E 322 39.75 -19.13 -2.76
N HIS E 323 39.19 -18.36 -3.69
CA HIS E 323 39.97 -17.54 -4.59
C HIS E 323 40.58 -16.34 -3.85
N ILE F 15 -34.20 44.81 -21.50
CA ILE F 15 -34.28 45.26 -22.94
C ILE F 15 -35.53 46.10 -23.29
N PRO F 16 -36.70 45.84 -22.64
CA PRO F 16 -37.82 46.74 -22.99
C PRO F 16 -37.54 48.23 -22.74
N ASN F 17 -38.03 49.09 -23.62
CA ASN F 17 -37.75 50.53 -23.56
C ASN F 17 -38.78 51.30 -22.73
N ARG F 18 -39.96 50.70 -22.55
CA ARG F 18 -41.02 51.31 -21.74
C ARG F 18 -40.72 51.13 -20.25
N ARG F 19 -40.29 52.20 -19.59
CA ARG F 19 -39.92 52.16 -18.18
C ARG F 19 -41.10 52.51 -17.28
N VAL F 20 -41.12 51.92 -16.10
CA VAL F 20 -42.12 52.26 -15.08
C VAL F 20 -41.47 52.18 -13.68
N LEU F 21 -41.88 53.08 -12.80
CA LEU F 21 -41.45 53.08 -11.41
C LEU F 21 -42.65 52.89 -10.52
N VAL F 22 -42.65 51.82 -9.72
CA VAL F 22 -43.73 51.57 -8.79
C VAL F 22 -43.23 51.87 -7.39
N THR F 23 -43.83 52.86 -6.74
CA THR F 23 -43.51 53.14 -5.34
C THR F 23 -44.40 52.25 -4.48
N GLY F 24 -43.97 51.98 -3.25
CA GLY F 24 -44.68 51.05 -2.38
C GLY F 24 -44.73 49.66 -2.98
N ALA F 25 -43.65 49.29 -3.68
CA ALA F 25 -43.56 48.00 -4.35
C ALA F 25 -43.54 46.84 -3.35
N THR F 26 -43.08 47.11 -2.12
CA THR F 26 -43.08 46.13 -1.04
C THR F 26 -44.47 45.71 -0.59
N GLY F 27 -45.45 46.60 -0.75
CA GLY F 27 -46.84 46.35 -0.32
C GLY F 27 -47.66 45.50 -1.28
N LEU F 28 -48.80 45.01 -0.80
CA LEU F 28 -49.66 44.11 -1.58
C LEU F 28 -49.99 44.65 -2.97
N LEU F 29 -50.39 45.92 -3.04
CA LEU F 29 -50.76 46.53 -4.31
C LEU F 29 -49.55 46.69 -5.23
N GLY F 30 -48.49 47.29 -4.70
CA GLY F 30 -47.26 47.52 -5.46
C GLY F 30 -46.69 46.26 -6.08
N ARG F 31 -46.64 45.17 -5.31
CA ARG F 31 -46.12 43.90 -5.81
CA ARG F 31 -46.12 43.90 -5.82
C ARG F 31 -46.87 43.48 -7.07
N ALA F 32 -48.20 43.48 -6.97
CA ALA F 32 -49.07 43.09 -8.08
C ALA F 32 -48.88 43.98 -9.30
N VAL F 33 -48.65 45.27 -9.07
CA VAL F 33 -48.49 46.26 -10.16
C VAL F 33 -47.17 46.03 -10.88
N HIS F 34 -46.08 46.04 -10.12
CA HIS F 34 -44.74 45.76 -10.65
C HIS F 34 -44.69 44.42 -11.40
N LYS F 35 -45.43 43.42 -10.91
CA LYS F 35 -45.52 42.12 -11.58
C LYS F 35 -46.21 42.25 -12.94
N GLU F 36 -47.43 42.81 -12.93
CA GLU F 36 -48.24 42.97 -14.15
C GLU F 36 -47.48 43.70 -15.25
N PHE F 37 -46.73 44.73 -14.89
CA PHE F 37 -45.91 45.47 -15.85
C PHE F 37 -44.69 44.67 -16.33
N GLN F 38 -43.77 44.39 -15.40
CA GLN F 38 -42.48 43.72 -15.69
C GLN F 38 -42.59 42.62 -16.75
N GLN F 39 -43.55 41.73 -16.56
CA GLN F 39 -43.73 40.58 -17.46
C GLN F 39 -44.14 40.99 -18.88
N ASN F 40 -45.02 41.97 -18.99
CA ASN F 40 -45.59 42.36 -20.28
C ASN F 40 -44.81 43.47 -20.99
N ASN F 41 -43.54 43.18 -21.26
CA ASN F 41 -42.65 44.04 -22.05
C ASN F 41 -42.45 45.46 -21.50
N TRP F 42 -42.47 45.60 -20.18
CA TRP F 42 -42.06 46.82 -19.51
C TRP F 42 -40.79 46.56 -18.73
N HIS F 43 -39.98 47.60 -18.58
CA HIS F 43 -38.78 47.54 -17.75
C HIS F 43 -39.13 48.09 -16.37
N ALA F 44 -39.74 47.24 -15.54
CA ALA F 44 -40.32 47.68 -14.28
C ALA F 44 -39.32 47.69 -13.11
N VAL F 45 -39.13 48.86 -12.51
CA VAL F 45 -38.36 48.99 -11.28
C VAL F 45 -39.31 49.34 -10.13
N GLY F 46 -39.12 48.70 -8.98
CA GLY F 46 -39.90 49.01 -7.78
C GLY F 46 -39.03 49.58 -6.69
N CYS F 47 -39.63 50.35 -5.79
CA CYS F 47 -38.92 50.85 -4.61
C CYS F 47 -39.82 50.87 -3.36
N GLY F 48 -39.19 51.03 -2.19
CA GLY F 48 -39.91 51.02 -0.91
C GLY F 48 -39.03 51.47 0.24
N PHE F 49 -39.65 51.93 1.33
CA PHE F 49 -38.91 52.52 2.46
C PHE F 49 -38.12 51.49 3.27
N ARG F 50 -38.77 50.36 3.55
CA ARG F 50 -38.19 49.32 4.40
C ARG F 50 -38.48 47.95 3.78
N ARG F 51 -37.57 47.00 3.98
CA ARG F 51 -37.74 45.63 3.47
C ARG F 51 -37.81 45.61 1.93
N ALA F 52 -37.15 46.59 1.29
CA ALA F 52 -37.18 46.73 -0.16
C ALA F 52 -36.21 45.75 -0.80
N ARG F 53 -34.98 45.76 -0.31
CA ARG F 53 -33.92 44.85 -0.77
C ARG F 53 -34.30 43.39 -0.50
N PRO F 54 -33.95 42.46 -1.41
CA PRO F 54 -33.13 42.61 -2.60
C PRO F 54 -33.87 42.84 -3.94
N LYS F 55 -35.18 42.64 -3.97
CA LYS F 55 -35.90 42.75 -5.25
C LYS F 55 -36.14 44.19 -5.68
N PHE F 56 -36.28 45.10 -4.72
CA PHE F 56 -36.63 46.50 -5.00
C PHE F 56 -35.61 47.45 -4.40
N GLU F 57 -35.71 48.74 -4.76
CA GLU F 57 -34.78 49.76 -4.29
C GLU F 57 -35.22 50.39 -2.96
N GLN F 58 -34.26 50.64 -2.08
CA GLN F 58 -34.56 51.26 -0.79
C GLN F 58 -34.72 52.77 -0.99
N VAL F 59 -35.96 53.25 -0.91
CA VAL F 59 -36.27 54.67 -1.17
C VAL F 59 -37.26 55.23 -0.14
N ASN F 60 -36.81 56.25 0.59
CA ASN F 60 -37.68 56.99 1.48
C ASN F 60 -38.32 58.15 0.72
N LEU F 61 -39.62 58.04 0.45
CA LEU F 61 -40.32 59.07 -0.33
C LEU F 61 -40.29 60.46 0.32
N LEU F 62 -40.09 60.50 1.63
CA LEU F 62 -39.98 61.76 2.37
C LEU F 62 -38.58 62.39 2.28
N ASP F 63 -37.63 61.67 1.69
CA ASP F 63 -36.31 62.22 1.41
C ASP F 63 -36.26 62.64 -0.05
N SER F 64 -36.32 63.95 -0.29
CA SER F 64 -36.39 64.49 -1.65
C SER F 64 -35.13 64.21 -2.46
N ASN F 65 -33.98 64.21 -1.79
CA ASN F 65 -32.71 63.86 -2.43
C ASN F 65 -32.72 62.46 -3.00
N ALA F 66 -33.26 61.51 -2.22
CA ALA F 66 -33.36 60.12 -2.64
C ALA F 66 -34.33 59.99 -3.82
N VAL F 67 -35.51 60.56 -3.67
CA VAL F 67 -36.54 60.55 -4.71
C VAL F 67 -35.99 61.19 -5.99
N HIS F 68 -35.25 62.27 -5.82
CA HIS F 68 -34.63 62.98 -6.94
C HIS F 68 -33.66 62.09 -7.73
N HIS F 69 -32.71 61.49 -7.02
CA HIS F 69 -31.66 60.69 -7.66
C HIS F 69 -32.17 59.47 -8.42
N ILE F 70 -33.10 58.73 -7.82
CA ILE F 70 -33.62 57.51 -8.45
C ILE F 70 -34.46 57.82 -9.69
N ILE F 71 -35.19 58.94 -9.67
CA ILE F 71 -36.00 59.35 -10.82
C ILE F 71 -35.11 59.97 -11.91
N HIS F 72 -34.14 60.78 -11.50
CA HIS F 72 -33.17 61.36 -12.42
C HIS F 72 -32.40 60.28 -13.16
N ASP F 73 -31.90 59.29 -12.42
CA ASP F 73 -31.08 58.23 -13.00
C ASP F 73 -31.89 57.23 -13.82
N PHE F 74 -33.16 57.05 -13.48
CA PHE F 74 -34.00 56.03 -14.11
C PHE F 74 -34.70 56.52 -15.38
N GLN F 75 -35.09 57.80 -15.42
CA GLN F 75 -35.86 58.36 -16.54
C GLN F 75 -37.12 57.51 -16.85
N PRO F 76 -38.02 57.40 -15.86
CA PRO F 76 -39.25 56.62 -16.06
C PRO F 76 -40.22 57.31 -17.01
N HIS F 77 -40.85 56.53 -17.88
CA HIS F 77 -41.91 57.04 -18.75
C HIS F 77 -43.25 57.07 -18.03
N VAL F 78 -43.32 56.42 -16.86
CA VAL F 78 -44.52 56.41 -16.03
C VAL F 78 -44.18 56.06 -14.58
N ILE F 79 -44.94 56.62 -13.64
CA ILE F 79 -44.81 56.28 -12.23
C ILE F 79 -46.18 55.89 -11.68
N VAL F 80 -46.21 54.79 -10.93
CA VAL F 80 -47.43 54.35 -10.26
C VAL F 80 -47.24 54.48 -8.76
N HIS F 81 -47.88 55.49 -8.16
CA HIS F 81 -47.66 55.80 -6.75
C HIS F 81 -48.66 55.06 -5.85
N CYS F 82 -48.17 54.03 -5.18
CA CYS F 82 -48.96 53.28 -4.22
C CYS F 82 -48.44 53.54 -2.80
N ALA F 83 -49.30 53.36 -1.81
CA ALA F 83 -48.89 53.45 -0.40
C ALA F 83 -48.88 52.05 0.19
N ALA F 84 -47.81 51.72 0.92
CA ALA F 84 -47.59 50.38 1.48
C ALA F 84 -48.87 49.76 2.07
N GLU F 85 -49.33 50.33 3.19
CA GLU F 85 -50.64 49.99 3.78
C GLU F 85 -50.70 48.60 4.46
N ARG F 86 -51.52 48.50 5.51
CA ARG F 86 -51.65 47.27 6.31
C ARG F 86 -52.86 47.41 7.26
N ARG F 87 -54.04 47.68 6.68
CA ARG F 87 -55.16 48.35 7.39
C ARG F 87 -55.65 47.76 8.72
N PRO F 88 -55.41 48.48 9.84
CA PRO F 88 -56.18 48.31 11.08
C PRO F 88 -57.36 49.27 11.05
N ASP F 89 -57.05 50.56 10.85
CA ASP F 89 -57.90 51.53 10.15
C ASP F 89 -59.32 51.03 9.81
N VAL F 90 -59.40 50.01 8.95
CA VAL F 90 -60.68 49.44 8.53
C VAL F 90 -61.22 48.53 9.63
N ASP F 96 -60.64 51.55 15.12
CA ASP F 96 -60.34 52.97 14.96
C ASP F 96 -60.06 53.28 13.48
N ALA F 97 -60.66 54.37 12.98
CA ALA F 97 -60.54 54.77 11.58
C ALA F 97 -59.99 56.19 11.44
N ALA F 98 -59.18 56.62 12.42
CA ALA F 98 -58.74 58.01 12.52
C ALA F 98 -57.56 58.34 11.59
N SER F 99 -56.35 58.38 12.15
CA SER F 99 -55.17 59.01 11.50
C SER F 99 -54.22 57.95 10.90
N GLN F 100 -53.09 58.32 10.27
CA GLN F 100 -52.60 59.69 10.04
C GLN F 100 -51.85 59.73 8.70
N LEU F 101 -51.37 60.91 8.29
CA LEU F 101 -50.40 61.01 7.17
C LEU F 101 -49.79 62.41 7.02
N ASN F 102 -48.54 62.45 6.58
CA ASN F 102 -47.81 63.70 6.35
C ASN F 102 -47.30 63.74 4.91
N VAL F 103 -48.22 63.92 3.97
CA VAL F 103 -47.95 63.71 2.54
C VAL F 103 -48.87 64.57 1.65
N ASP F 104 -48.39 65.55 0.88
CA ASP F 104 -47.03 66.18 0.91
C ASP F 104 -45.96 65.52 0.01
N ALA F 105 -45.51 64.33 0.37
CA ALA F 105 -44.55 63.58 -0.47
C ALA F 105 -45.13 63.19 -1.84
N SER F 106 -46.45 63.23 -1.98
CA SER F 106 -47.10 63.05 -3.26
C SER F 106 -46.93 64.33 -4.08
N GLY F 107 -46.80 65.45 -3.37
CA GLY F 107 -46.45 66.73 -3.98
C GLY F 107 -45.08 66.65 -4.65
N ASN F 108 -44.05 66.35 -3.87
CA ASN F 108 -42.69 66.20 -4.41
C ASN F 108 -42.64 65.23 -5.58
N LEU F 109 -43.28 64.07 -5.40
CA LEU F 109 -43.32 63.05 -6.42
C LEU F 109 -43.96 63.59 -7.70
N ALA F 110 -45.05 64.34 -7.53
CA ALA F 110 -45.72 64.99 -8.66
C ALA F 110 -44.80 66.02 -9.32
N LYS F 111 -44.15 66.84 -8.49
CA LYS F 111 -43.17 67.82 -8.96
C LYS F 111 -42.13 67.19 -9.89
N GLU F 112 -41.45 66.15 -9.40
CA GLU F 112 -40.32 65.56 -10.11
C GLU F 112 -40.73 64.61 -11.23
N ALA F 113 -41.97 64.10 -11.16
CA ALA F 113 -42.53 63.35 -12.27
C ALA F 113 -42.70 64.26 -13.50
N ALA F 114 -43.12 65.49 -13.25
CA ALA F 114 -43.27 66.51 -14.31
C ALA F 114 -41.92 66.98 -14.84
N ALA F 115 -40.94 67.16 -13.96
CA ALA F 115 -39.60 67.60 -14.35
C ALA F 115 -38.95 66.68 -15.38
N VAL F 116 -39.24 65.38 -15.29
CA VAL F 116 -38.73 64.38 -16.22
C VAL F 116 -39.75 64.07 -17.33
N GLY F 117 -41.00 64.46 -17.12
CA GLY F 117 -42.05 64.26 -18.10
C GLY F 117 -42.64 62.86 -18.05
N ALA F 118 -42.92 62.41 -16.84
CA ALA F 118 -43.46 61.06 -16.60
C ALA F 118 -44.92 61.13 -16.19
N PHE F 119 -45.71 60.18 -16.67
CA PHE F 119 -47.14 60.12 -16.35
C PHE F 119 -47.38 59.46 -14.99
N LEU F 120 -47.79 60.25 -14.01
CA LEU F 120 -47.99 59.78 -12.64
C LEU F 120 -49.43 59.31 -12.43
N ILE F 121 -49.61 58.05 -12.03
CA ILE F 121 -50.91 57.53 -11.60
C ILE F 121 -50.95 57.49 -10.08
N TYR F 122 -51.84 58.29 -9.50
CA TYR F 122 -51.99 58.38 -8.05
C TYR F 122 -53.14 57.49 -7.57
N ILE F 123 -52.78 56.45 -6.83
CA ILE F 123 -53.77 55.56 -6.21
C ILE F 123 -54.45 56.30 -5.06
N SER F 124 -55.78 56.36 -5.10
CA SER F 124 -56.56 56.97 -4.03
C SER F 124 -57.69 56.05 -3.58
N SER F 125 -58.55 56.54 -2.68
CA SER F 125 -59.55 55.69 -2.02
C SER F 125 -60.98 56.23 -2.13
N ASP F 126 -61.94 55.33 -1.91
CA ASP F 126 -63.36 55.69 -1.84
C ASP F 126 -63.73 56.36 -0.51
N TYR F 127 -62.80 56.35 0.44
CA TYR F 127 -63.01 56.99 1.75
C TYR F 127 -62.96 58.53 1.70
N VAL F 128 -62.66 59.10 0.53
CA VAL F 128 -62.82 60.55 0.31
C VAL F 128 -64.29 60.98 0.28
N PHE F 129 -65.20 60.02 0.13
CA PHE F 129 -66.63 60.30 0.01
C PHE F 129 -67.40 60.18 1.33
N ASP F 130 -68.63 60.67 1.27
CA ASP F 130 -69.57 60.69 2.39
C ASP F 130 -70.15 59.30 2.64
N GLY F 131 -70.38 58.55 1.56
CA GLY F 131 -71.04 57.26 1.64
C GLY F 131 -72.49 57.39 2.05
N THR F 132 -73.18 58.38 1.49
CA THR F 132 -74.59 58.64 1.79
C THR F 132 -75.48 58.41 0.56
N ASN F 133 -75.06 58.95 -0.58
CA ASN F 133 -75.78 58.74 -1.85
C ASN F 133 -74.96 57.92 -2.85
N PRO F 134 -74.94 56.59 -2.67
CA PRO F 134 -74.28 55.73 -3.66
C PRO F 134 -75.14 55.58 -4.93
N PRO F 135 -74.51 55.31 -6.09
CA PRO F 135 -73.07 55.21 -6.31
C PRO F 135 -72.45 56.59 -6.40
N TYR F 136 -71.13 56.65 -6.47
CA TYR F 136 -70.42 57.92 -6.57
C TYR F 136 -69.71 58.04 -7.91
N ARG F 137 -69.87 59.19 -8.55
CA ARG F 137 -69.26 59.46 -9.85
C ARG F 137 -67.91 60.10 -9.60
N GLU F 138 -67.08 60.17 -10.64
CA GLU F 138 -65.82 60.93 -10.57
C GLU F 138 -66.08 62.43 -10.36
N GLU F 139 -67.23 62.90 -10.85
CA GLU F 139 -67.59 64.31 -10.82
C GLU F 139 -68.04 64.73 -9.41
N ASP F 140 -68.58 63.78 -8.65
CA ASP F 140 -69.23 64.07 -7.35
C ASP F 140 -68.30 64.79 -6.36
N ILE F 141 -68.90 65.56 -5.48
CA ILE F 141 -68.17 66.31 -4.46
C ILE F 141 -67.74 65.37 -3.34
N PRO F 142 -66.44 65.33 -3.04
CA PRO F 142 -65.96 64.50 -1.92
C PRO F 142 -66.32 65.08 -0.55
N ALA F 143 -66.38 64.22 0.46
CA ALA F 143 -66.71 64.63 1.83
C ALA F 143 -66.28 63.57 2.84
N PRO F 144 -64.97 63.52 3.16
CA PRO F 144 -64.45 62.49 4.06
C PRO F 144 -64.86 62.68 5.51
N LEU F 145 -65.24 61.58 6.17
CA LEU F 145 -65.65 61.59 7.58
C LEU F 145 -64.49 61.31 8.53
N ASN F 146 -63.31 61.02 7.97
CA ASN F 146 -62.14 60.66 8.77
C ASN F 146 -60.87 61.27 8.19
N LEU F 147 -59.80 61.19 8.98
CA LEU F 147 -58.52 61.77 8.59
C LEU F 147 -57.84 60.98 7.46
N TYR F 148 -58.13 59.69 7.37
CA TYR F 148 -57.62 58.88 6.25
C TYR F 148 -58.18 59.42 4.94
N GLY F 149 -59.50 59.46 4.83
CA GLY F 149 -60.16 60.05 3.68
C GLY F 149 -59.63 61.44 3.36
N LYS F 150 -59.38 62.21 4.42
CA LYS F 150 -58.90 63.59 4.29
C LYS F 150 -57.55 63.68 3.53
N THR F 151 -56.56 62.89 3.97
CA THR F 151 -55.23 62.96 3.37
C THR F 151 -55.18 62.38 1.95
N LYS F 152 -55.98 61.35 1.69
CA LYS F 152 -56.12 60.83 0.32
C LYS F 152 -56.65 61.93 -0.59
N LEU F 153 -57.59 62.72 -0.08
CA LEU F 153 -58.14 63.87 -0.80
C LEU F 153 -57.07 64.96 -0.97
N ASP F 154 -56.30 65.24 0.08
CA ASP F 154 -55.20 66.21 0.00
C ASP F 154 -54.19 65.80 -1.06
N GLY F 155 -53.84 64.52 -1.10
CA GLY F 155 -52.90 64.00 -2.09
C GLY F 155 -53.35 64.24 -3.52
N GLU F 156 -54.64 63.98 -3.79
CA GLU F 156 -55.22 64.26 -5.10
C GLU F 156 -54.99 65.72 -5.45
N LYS F 157 -55.38 66.62 -4.54
CA LYS F 157 -55.15 68.06 -4.70
C LYS F 157 -53.67 68.34 -4.95
N ALA F 158 -52.84 67.92 -4.01
CA ALA F 158 -51.40 68.17 -4.05
C ALA F 158 -50.74 67.65 -5.34
N VAL F 159 -51.23 66.52 -5.84
CA VAL F 159 -50.73 65.94 -7.08
C VAL F 159 -51.24 66.73 -8.28
N LEU F 160 -52.56 66.79 -8.42
CA LEU F 160 -53.20 67.39 -9.58
C LEU F 160 -52.72 68.82 -9.88
N GLU F 161 -52.51 69.61 -8.84
CA GLU F 161 -52.09 71.00 -9.02
C GLU F 161 -50.58 71.17 -9.21
N ASN F 162 -49.81 70.15 -8.87
CA ASN F 162 -48.37 70.10 -9.17
C ASN F 162 -48.08 69.43 -10.51
N ASN F 163 -49.06 68.69 -11.05
CA ASN F 163 -48.94 68.02 -12.34
C ASN F 163 -50.31 67.85 -12.99
N LEU F 164 -50.57 68.63 -14.05
CA LEU F 164 -51.85 68.58 -14.76
C LEU F 164 -51.94 67.40 -15.74
N GLY F 165 -50.80 66.80 -16.05
CA GLY F 165 -50.74 65.61 -16.91
C GLY F 165 -50.95 64.29 -16.19
N ALA F 166 -51.22 64.35 -14.88
CA ALA F 166 -51.34 63.15 -14.03
C ALA F 166 -52.79 62.65 -13.94
N ALA F 167 -52.94 61.43 -13.44
CA ALA F 167 -54.26 60.80 -13.27
C ALA F 167 -54.46 60.38 -11.82
N VAL F 168 -55.69 60.04 -11.48
CA VAL F 168 -56.06 59.63 -10.13
C VAL F 168 -57.00 58.43 -10.21
N LEU F 169 -56.54 57.27 -9.73
CA LEU F 169 -57.35 56.06 -9.71
C LEU F 169 -57.85 55.79 -8.29
N ARG F 170 -59.15 55.98 -8.07
CA ARG F 170 -59.78 55.69 -6.78
C ARG F 170 -60.24 54.25 -6.73
N ILE F 171 -59.93 53.57 -5.62
CA ILE F 171 -60.25 52.16 -5.46
C ILE F 171 -60.75 51.85 -4.03
N PRO F 172 -61.60 50.82 -3.89
CA PRO F 172 -62.15 50.45 -2.59
C PRO F 172 -61.20 49.52 -1.80
N ILE F 173 -61.73 48.81 -0.82
CA ILE F 173 -60.98 47.83 -0.03
C ILE F 173 -60.31 46.77 -0.92
N LEU F 174 -59.11 46.34 -0.51
CA LEU F 174 -58.24 45.53 -1.33
C LEU F 174 -57.94 44.17 -0.70
N TYR F 175 -57.71 43.20 -1.57
CA TYR F 175 -57.19 41.89 -1.17
C TYR F 175 -56.34 41.31 -2.29
N GLY F 176 -55.58 40.26 -1.98
CA GLY F 176 -54.70 39.64 -2.96
C GLY F 176 -53.89 38.50 -2.37
N GLU F 177 -52.86 38.08 -3.08
CA GLU F 177 -51.98 37.01 -2.62
C GLU F 177 -51.00 37.58 -1.60
N VAL F 178 -51.52 37.74 -0.38
CA VAL F 178 -50.78 38.35 0.72
C VAL F 178 -49.67 37.45 1.27
N GLU F 179 -48.61 38.07 1.77
CA GLU F 179 -47.54 37.36 2.47
C GLU F 179 -47.88 37.17 3.94
N LYS F 180 -48.70 38.07 4.48
CA LYS F 180 -49.29 37.90 5.81
C LYS F 180 -50.77 38.26 5.76
N LEU F 181 -51.57 37.59 6.59
CA LEU F 181 -53.01 37.85 6.64
C LEU F 181 -53.32 39.33 6.89
N GLU F 182 -52.48 39.98 7.66
CA GLU F 182 -52.69 41.40 8.06
C GLU F 182 -52.51 42.42 6.92
N GLU F 183 -51.96 41.99 5.78
CA GLU F 183 -51.76 42.90 4.63
C GLU F 183 -53.05 43.36 3.94
N SER F 184 -54.18 42.74 4.27
CA SER F 184 -55.46 43.17 3.73
C SER F 184 -56.57 43.03 4.77
N ALA F 185 -57.46 44.03 4.81
CA ALA F 185 -58.58 44.04 5.75
C ALA F 185 -59.66 42.99 5.43
N VAL F 186 -59.53 42.34 4.27
CA VAL F 186 -60.34 41.18 3.94
C VAL F 186 -59.71 39.92 4.53
N THR F 187 -58.40 39.80 4.37
CA THR F 187 -57.67 38.59 4.75
C THR F 187 -57.43 38.44 6.26
N VAL F 188 -57.45 39.54 7.01
CA VAL F 188 -57.34 39.47 8.48
C VAL F 188 -58.39 38.56 9.12
N MET F 189 -59.56 38.50 8.50
CA MET F 189 -60.70 37.73 9.02
C MET F 189 -60.49 36.21 9.01
N PHE F 190 -59.56 35.74 8.20
CA PHE F 190 -59.48 34.32 7.85
C PHE F 190 -59.33 33.37 9.02
N ASP F 191 -58.59 33.78 10.06
CA ASP F 191 -58.46 32.93 11.25
C ASP F 191 -59.78 32.82 11.99
N LYS F 192 -60.46 33.95 12.18
CA LYS F 192 -61.79 33.97 12.78
C LYS F 192 -62.79 33.09 12.01
N VAL F 193 -62.66 33.04 10.68
CA VAL F 193 -63.47 32.15 9.84
C VAL F 193 -63.13 30.70 10.16
N GLN F 194 -61.84 30.38 10.19
CA GLN F 194 -61.37 29.00 10.35
C GLN F 194 -61.69 28.41 11.72
N PHE F 195 -61.46 29.19 12.78
CA PHE F 195 -61.70 28.72 14.14
C PHE F 195 -63.21 28.67 14.44
N SER F 196 -63.83 27.52 14.14
CA SER F 196 -65.27 27.34 14.33
C SER F 196 -65.66 27.20 15.80
N ASN F 197 -64.72 26.76 16.64
CA ASN F 197 -64.97 26.54 18.06
C ASN F 197 -65.21 27.83 18.87
N LYS F 198 -64.83 28.98 18.32
CA LYS F 198 -65.07 30.29 18.95
C LYS F 198 -66.01 31.11 18.09
N SER F 199 -67.04 31.69 18.73
CA SER F 199 -67.96 32.57 18.03
C SER F 199 -67.27 33.91 17.81
N ALA F 200 -67.56 34.55 16.67
CA ALA F 200 -66.90 35.80 16.29
C ALA F 200 -67.88 36.80 15.69
N ASN F 201 -67.86 38.02 16.23
CA ASN F 201 -68.70 39.12 15.74
C ASN F 201 -68.02 39.85 14.59
N MET F 202 -68.80 40.21 13.57
CA MET F 202 -68.28 40.95 12.42
C MET F 202 -69.30 41.90 11.82
N ASP F 203 -68.80 43.02 11.31
CA ASP F 203 -69.64 44.13 10.86
C ASP F 203 -70.58 43.75 9.71
N HIS F 204 -71.88 43.95 9.94
CA HIS F 204 -72.92 43.72 8.95
C HIS F 204 -73.68 45.04 8.74
N TRP F 205 -72.93 46.14 8.76
CA TRP F 205 -73.48 47.50 8.68
C TRP F 205 -72.87 48.26 7.50
N GLN F 206 -71.54 48.33 7.46
CA GLN F 206 -70.85 49.05 6.40
C GLN F 206 -70.85 48.27 5.10
N GLN F 207 -71.26 48.92 4.01
CA GLN F 207 -71.36 48.30 2.70
C GLN F 207 -70.06 48.52 1.93
N ARG F 208 -69.50 47.44 1.38
CA ARG F 208 -68.16 47.48 0.77
C ARG F 208 -68.04 46.61 -0.48
N PHE F 209 -67.03 46.92 -1.30
CA PHE F 209 -66.80 46.22 -2.57
C PHE F 209 -65.36 45.68 -2.67
N PRO F 210 -65.12 44.46 -2.13
CA PRO F 210 -63.77 43.88 -2.19
C PRO F 210 -63.24 43.80 -3.61
N THR F 211 -62.01 44.25 -3.81
CA THR F 211 -61.42 44.35 -5.13
C THR F 211 -59.97 43.84 -5.16
N HIS F 212 -59.68 43.00 -6.15
CA HIS F 212 -58.42 42.30 -6.24
C HIS F 212 -57.34 43.25 -6.75
N VAL F 213 -56.19 43.27 -6.08
CA VAL F 213 -55.07 44.12 -6.50
C VAL F 213 -54.53 43.72 -7.86
N LYS F 214 -54.73 42.46 -8.21
CA LYS F 214 -54.37 41.90 -9.50
C LYS F 214 -55.25 42.50 -10.60
N ASP F 215 -56.51 42.75 -10.27
CA ASP F 215 -57.42 43.44 -11.18
C ASP F 215 -57.01 44.90 -11.31
N VAL F 216 -56.78 45.54 -10.16
CA VAL F 216 -56.35 46.94 -10.11
C VAL F 216 -55.03 47.14 -10.87
N ALA F 217 -54.17 46.14 -10.85
CA ALA F 217 -52.89 46.18 -11.54
C ALA F 217 -53.07 46.18 -13.06
N THR F 218 -53.96 45.33 -13.55
CA THR F 218 -54.29 45.26 -14.97
C THR F 218 -54.81 46.60 -15.46
N VAL F 219 -55.73 47.16 -14.68
CA VAL F 219 -56.29 48.50 -14.96
C VAL F 219 -55.16 49.54 -15.06
N CYS F 220 -54.18 49.46 -14.15
CA CYS F 220 -53.06 50.40 -14.15
C CYS F 220 -52.19 50.29 -15.40
N ARG F 221 -52.08 49.08 -15.96
CA ARG F 221 -51.29 48.87 -17.17
C ARG F 221 -52.04 49.37 -18.39
N GLN F 222 -53.33 49.04 -18.47
CA GLN F 222 -54.18 49.46 -19.58
C GLN F 222 -54.26 50.98 -19.68
N LEU F 223 -54.42 51.63 -18.52
CA LEU F 223 -54.53 53.10 -18.45
C LEU F 223 -53.23 53.79 -18.85
N ALA F 224 -52.10 53.25 -18.39
CA ALA F 224 -50.79 53.82 -18.72
C ALA F 224 -50.46 53.62 -20.19
N GLU F 225 -50.82 52.48 -20.75
CA GLU F 225 -50.56 52.19 -22.16
C GLU F 225 -51.37 53.08 -23.11
N LYS F 226 -52.52 53.55 -22.64
CA LYS F 226 -53.31 54.52 -23.38
C LYS F 226 -52.63 55.89 -23.48
N ARG F 227 -52.01 56.34 -22.38
CA ARG F 227 -51.40 57.67 -22.32
C ARG F 227 -50.19 57.82 -23.25
N MET F 228 -49.63 56.69 -23.69
CA MET F 228 -48.50 56.70 -24.63
C MET F 228 -49.03 57.02 -26.03
N LEU F 229 -50.23 56.54 -26.34
CA LEU F 229 -50.94 56.91 -27.57
C LEU F 229 -51.54 58.31 -27.42
N ASP F 230 -52.52 58.43 -26.52
CA ASP F 230 -53.37 59.61 -26.42
C ASP F 230 -52.96 60.44 -25.20
N PRO F 231 -52.51 61.70 -25.43
CA PRO F 231 -52.10 62.56 -24.30
C PRO F 231 -53.27 63.18 -23.52
N SER F 232 -54.51 62.89 -23.92
CA SER F 232 -55.70 63.45 -23.27
C SER F 232 -56.11 62.73 -21.98
N ILE F 233 -55.48 61.60 -21.69
CA ILE F 233 -55.79 60.84 -20.47
C ILE F 233 -55.23 61.55 -19.24
N LYS F 234 -56.13 62.02 -18.39
CA LYS F 234 -55.77 62.70 -17.15
C LYS F 234 -57.00 62.78 -16.23
N GLY F 235 -56.83 63.33 -15.04
CA GLY F 235 -57.94 63.51 -14.11
C GLY F 235 -58.33 62.24 -13.39
N THR F 236 -59.48 62.28 -12.73
CA THR F 236 -59.91 61.19 -11.83
C THR F 236 -60.54 60.02 -12.57
N PHE F 237 -60.34 58.81 -12.04
CA PHE F 237 -60.96 57.60 -12.55
C PHE F 237 -61.36 56.69 -11.39
N HIS F 238 -62.40 55.87 -11.61
CA HIS F 238 -62.92 54.97 -10.58
C HIS F 238 -62.84 53.52 -11.06
N TRP F 239 -62.26 52.65 -10.22
CA TRP F 239 -62.41 51.21 -10.42
C TRP F 239 -62.76 50.49 -9.13
N SER F 240 -63.52 49.40 -9.27
CA SER F 240 -63.99 48.61 -8.14
C SER F 240 -64.56 47.28 -8.61
N GLY F 241 -64.49 46.28 -7.74
CA GLY F 241 -65.17 45.00 -7.98
C GLY F 241 -66.67 45.19 -7.91
N ASN F 242 -67.41 44.39 -8.66
CA ASN F 242 -68.86 44.56 -8.77
C ASN F 242 -69.66 43.94 -7.63
N GLU F 243 -69.07 42.98 -6.92
CA GLU F 243 -69.78 42.28 -5.84
C GLU F 243 -69.80 43.10 -4.54
N GLN F 244 -71.00 43.38 -4.06
CA GLN F 244 -71.19 44.16 -2.84
C GLN F 244 -71.26 43.23 -1.65
N MET F 245 -70.46 43.51 -0.61
CA MET F 245 -70.38 42.65 0.57
C MET F 245 -70.08 43.45 1.84
N THR F 246 -70.71 43.05 2.93
CA THR F 246 -70.32 43.51 4.26
C THR F 246 -69.12 42.69 4.73
N LYS F 247 -68.58 43.04 5.89
CA LYS F 247 -67.51 42.27 6.52
C LYS F 247 -68.01 40.86 6.86
N TYR F 248 -69.26 40.77 7.31
CA TYR F 248 -69.92 39.51 7.61
C TYR F 248 -70.17 38.65 6.36
N GLU F 249 -70.63 39.27 5.28
CA GLU F 249 -70.89 38.53 4.04
C GLU F 249 -69.60 38.04 3.39
N MET F 250 -68.53 38.83 3.50
CA MET F 250 -67.21 38.42 3.01
C MET F 250 -66.72 37.16 3.73
N ALA F 251 -66.83 37.18 5.06
CA ALA F 251 -66.42 36.04 5.88
C ALA F 251 -67.16 34.77 5.51
N CYS F 252 -68.45 34.89 5.24
CA CYS F 252 -69.26 33.76 4.83
C CYS F 252 -68.89 33.30 3.42
N ALA F 253 -68.50 34.24 2.56
CA ALA F 253 -68.05 33.90 1.21
C ALA F 253 -66.74 33.12 1.24
N ILE F 254 -65.86 33.50 2.19
CA ILE F 254 -64.57 32.82 2.36
C ILE F 254 -64.76 31.37 2.81
N ALA F 255 -65.64 31.16 3.78
CA ALA F 255 -66.00 29.81 4.23
C ALA F 255 -66.58 28.96 3.09
N ASP F 256 -67.43 29.58 2.26
CA ASP F 256 -68.05 28.89 1.12
C ASP F 256 -67.01 28.47 0.08
N ALA F 257 -66.01 29.31 -0.12
CA ALA F 257 -64.93 29.00 -1.07
C ALA F 257 -64.11 27.80 -0.61
N PHE F 258 -63.77 27.77 0.68
CA PHE F 258 -63.00 26.68 1.27
C PHE F 258 -63.89 25.61 1.90
N ASN F 259 -65.20 25.74 1.70
CA ASN F 259 -66.18 24.73 2.11
C ASN F 259 -66.11 24.49 3.62
N LEU F 260 -66.46 25.53 4.38
CA LEU F 260 -66.36 25.51 5.85
C LEU F 260 -67.64 26.04 6.48
N PRO F 261 -67.89 25.70 7.76
CA PRO F 261 -69.08 26.19 8.46
C PRO F 261 -68.92 27.65 8.89
N SER F 262 -70.00 28.43 8.79
CA SER F 262 -69.98 29.86 9.11
C SER F 262 -70.97 30.26 10.22
N SER F 263 -71.60 29.29 10.86
CA SER F 263 -72.63 29.57 11.88
C SER F 263 -72.05 30.18 13.17
N HIS F 264 -70.75 30.01 13.39
CA HIS F 264 -70.05 30.68 14.50
C HIS F 264 -69.84 32.18 14.23
N LEU F 265 -70.17 32.62 13.02
CA LEU F 265 -70.06 34.04 12.66
C LEU F 265 -71.39 34.73 12.93
N ARG F 266 -71.35 35.81 13.73
CA ARG F 266 -72.55 36.56 14.09
C ARG F 266 -72.47 37.99 13.56
N PRO F 267 -73.50 38.42 12.80
CA PRO F 267 -73.51 39.77 12.25
C PRO F 267 -73.97 40.81 13.27
N ILE F 268 -73.37 41.99 13.25
CA ILE F 268 -73.85 43.11 14.06
C ILE F 268 -74.39 44.22 13.16
N THR F 269 -75.71 44.23 12.97
CA THR F 269 -76.37 45.21 12.09
C THR F 269 -76.28 46.63 12.66
N ASP F 270 -76.09 46.75 13.97
CA ASP F 270 -75.80 48.03 14.61
C ASP F 270 -74.46 48.56 14.09
N SER F 271 -74.39 49.88 13.88
CA SER F 271 -73.14 50.51 13.44
C SER F 271 -72.11 50.40 14.56
N PRO F 272 -70.80 50.43 14.20
CA PRO F 272 -69.76 50.24 15.21
C PRO F 272 -69.59 51.45 16.14
N VAL F 273 -68.64 51.35 17.06
CA VAL F 273 -68.37 52.41 18.05
C VAL F 273 -68.11 53.78 17.39
N LEU F 274 -67.39 53.79 16.27
CA LEU F 274 -67.13 55.01 15.51
C LEU F 274 -67.77 54.91 14.13
N GLY F 275 -69.08 54.66 14.11
CA GLY F 275 -69.85 54.57 12.87
C GLY F 275 -69.98 55.89 12.14
N ALA F 276 -69.86 56.99 12.89
CA ALA F 276 -69.90 58.35 12.33
C ALA F 276 -68.69 58.65 11.42
N GLN F 277 -67.55 58.04 11.72
CA GLN F 277 -66.33 58.22 10.92
C GLN F 277 -66.25 57.30 9.70
N ARG F 278 -67.16 56.34 9.59
CA ARG F 278 -67.11 55.35 8.52
C ARG F 278 -68.26 55.56 7.54
N PRO F 279 -67.94 55.82 6.26
CA PRO F 279 -69.00 55.97 5.25
C PRO F 279 -69.71 54.64 5.03
N ARG F 280 -71.04 54.66 5.12
CA ARG F 280 -71.83 53.42 5.06
C ARG F 280 -71.64 52.70 3.74
N ASN F 281 -71.96 53.38 2.65
CA ASN F 281 -71.83 52.82 1.31
C ASN F 281 -71.19 53.84 0.36
N ALA F 282 -69.88 53.77 0.24
CA ALA F 282 -69.14 54.64 -0.66
C ALA F 282 -68.90 53.95 -2.01
N GLN F 283 -69.91 53.25 -2.51
CA GLN F 283 -69.84 52.58 -3.80
C GLN F 283 -69.35 53.53 -4.87
N LEU F 284 -68.35 53.10 -5.64
CA LEU F 284 -67.83 53.90 -6.75
C LEU F 284 -68.52 53.49 -8.06
N ASP F 285 -68.91 54.50 -8.83
CA ASP F 285 -69.44 54.31 -10.19
C ASP F 285 -68.24 54.25 -11.13
N CYS F 286 -68.09 53.14 -11.85
CA CYS F 286 -66.93 52.91 -12.71
C CYS F 286 -67.25 53.06 -14.19
N SER F 287 -68.31 53.80 -14.51
CA SER F 287 -68.81 53.90 -15.89
C SER F 287 -67.81 54.56 -16.83
N LYS F 288 -67.15 55.62 -16.37
CA LYS F 288 -66.16 56.30 -17.21
C LYS F 288 -65.07 55.34 -17.69
N LEU F 289 -64.57 54.54 -16.75
CA LEU F 289 -63.45 53.65 -17.04
C LEU F 289 -63.90 52.41 -17.84
N GLU F 290 -65.13 51.96 -17.58
CA GLU F 290 -65.72 50.84 -18.35
C GLU F 290 -65.87 51.17 -19.83
N THR F 291 -66.09 52.46 -20.14
CA THR F 291 -66.28 52.93 -21.52
C THR F 291 -65.03 52.74 -22.39
N LEU F 292 -63.85 53.04 -21.83
CA LEU F 292 -62.60 52.96 -22.60
C LEU F 292 -62.08 51.54 -22.83
N GLY F 293 -62.84 50.52 -22.42
CA GLY F 293 -62.41 49.13 -22.53
C GLY F 293 -61.38 48.75 -21.47
N ILE F 294 -61.35 49.51 -20.37
CA ILE F 294 -60.49 49.22 -19.25
C ILE F 294 -61.34 48.51 -18.21
N GLY F 295 -60.83 47.42 -17.66
CA GLY F 295 -61.54 46.68 -16.63
C GLY F 295 -61.24 45.20 -16.59
N GLN F 296 -61.07 44.69 -15.37
CA GLN F 296 -60.92 43.26 -15.13
C GLN F 296 -61.61 42.93 -13.80
N ARG F 297 -62.31 41.81 -13.76
CA ARG F 297 -63.04 41.43 -12.55
C ARG F 297 -62.96 39.94 -12.28
N THR F 298 -61.97 39.55 -11.48
CA THR F 298 -61.84 38.19 -10.99
C THR F 298 -62.94 37.96 -9.96
N PRO F 299 -63.72 36.87 -10.11
CA PRO F 299 -64.75 36.62 -9.08
C PRO F 299 -64.12 36.43 -7.70
N PHE F 300 -64.76 36.97 -6.68
CA PHE F 300 -64.25 36.95 -5.30
C PHE F 300 -64.06 35.55 -4.71
N ARG F 301 -64.99 34.64 -5.04
CA ARG F 301 -64.92 33.25 -4.53
C ARG F 301 -63.75 32.47 -5.13
N ILE F 302 -63.35 32.83 -6.35
CA ILE F 302 -62.18 32.25 -7.01
C ILE F 302 -60.90 33.03 -6.63
N GLY F 303 -61.04 34.34 -6.45
CA GLY F 303 -59.91 35.19 -6.09
C GLY F 303 -59.40 34.96 -4.68
N ILE F 304 -60.33 34.85 -3.73
CA ILE F 304 -59.97 34.69 -2.33
C ILE F 304 -59.45 33.27 -2.03
N LYS F 305 -59.82 32.31 -2.87
CA LYS F 305 -59.35 30.93 -2.74
C LYS F 305 -57.88 30.85 -3.09
N GLU F 306 -57.52 31.46 -4.23
CA GLU F 306 -56.14 31.55 -4.67
C GLU F 306 -55.29 32.41 -3.74
N SER F 307 -55.94 33.35 -3.06
CA SER F 307 -55.26 34.27 -2.15
C SER F 307 -54.92 33.65 -0.80
N LEU F 308 -55.86 32.89 -0.23
CA LEU F 308 -55.78 32.48 1.17
C LEU F 308 -55.34 31.03 1.44
N TRP F 309 -55.27 30.19 0.41
CA TRP F 309 -54.95 28.77 0.65
C TRP F 309 -53.65 28.55 1.43
N PRO F 310 -52.61 29.39 1.21
CA PRO F 310 -51.40 29.17 1.99
C PRO F 310 -51.58 29.41 3.50
N PHE F 311 -52.66 30.07 3.89
CA PHE F 311 -52.92 30.37 5.30
C PHE F 311 -53.92 29.42 5.98
N LEU F 312 -54.25 28.32 5.32
CA LEU F 312 -55.05 27.28 5.94
C LEU F 312 -54.28 26.68 7.12
N ILE F 313 -54.98 26.46 8.22
CA ILE F 313 -54.36 25.92 9.45
C ILE F 313 -53.41 24.76 9.16
N ASP F 314 -53.89 23.80 8.38
CA ASP F 314 -53.13 22.60 8.09
C ASP F 314 -51.89 22.89 7.25
N LYS F 315 -51.95 23.92 6.40
CA LYS F 315 -50.77 24.32 5.64
C LYS F 315 -49.76 24.99 6.56
N ARG F 316 -50.21 25.93 7.39
CA ARG F 316 -49.33 26.66 8.31
C ARG F 316 -48.53 25.76 9.27
N TRP F 317 -49.14 24.67 9.75
CA TRP F 317 -48.44 23.70 10.57
C TRP F 317 -47.21 23.14 9.84
N ARG F 318 -47.35 22.96 8.53
CA ARG F 318 -46.32 22.36 7.71
C ARG F 318 -45.23 23.36 7.30
N GLN F 319 -45.52 24.66 7.35
CA GLN F 319 -44.61 25.69 6.84
C GLN F 319 -43.48 26.01 7.81
N THR F 320 -42.53 25.09 7.91
CA THR F 320 -41.35 25.25 8.74
C THR F 320 -40.09 25.22 7.86
N VAL F 321 -38.94 25.60 8.43
CA VAL F 321 -37.69 25.65 7.68
C VAL F 321 -37.21 24.23 7.37
N PHE F 322 -37.21 23.39 8.40
CA PHE F 322 -36.84 21.98 8.27
C PHE F 322 -38.05 21.08 8.52
N HIS F 323 -37.99 19.88 7.94
CA HIS F 323 -39.00 18.85 8.17
C HIS F 323 -38.97 18.31 9.60
MG MG G . -19.47 2.91 3.37
MG MG H . -20.90 2.09 0.75
C1 EDO I . -23.93 -5.34 22.57
O1 EDO I . -23.16 -6.29 23.31
C2 EDO I . -24.81 -4.50 23.49
O2 EDO I . -24.60 -3.11 23.21
C1 EDO J . -18.72 0.89 21.12
O1 EDO J . -17.85 -0.20 21.40
C2 EDO J . -20.10 0.60 21.68
O2 EDO J . -20.61 1.74 22.36
C1 EDO K . -1.72 12.06 7.48
O1 EDO K . -0.71 11.23 8.09
C2 EDO K . -1.72 13.46 8.08
O2 EDO K . -1.34 14.40 7.07
O1G PPK L . -21.58 6.24 1.47
PG PPK L . -21.68 4.85 2.27
O2G PPK L . -21.51 3.67 1.20
O3G PPK L . -20.59 4.80 3.28
N3B PPK L . -23.24 4.78 3.07
PB PPK L . -24.30 3.38 2.99
O1B PPK L . -25.73 3.78 3.65
O2B PPK L . -24.54 2.93 1.60
O3A PPK L . -23.65 2.17 3.86
PA PPK L . -22.31 1.32 3.51
O1A PPK L . -21.18 2.07 4.17
O2A PPK L . -22.63 0.00 4.15
O4A PPK L . -22.18 1.27 1.99
N SAM M . -18.86 -1.93 -1.92
CA SAM M . -19.97 -2.85 -2.05
C SAM M . -19.93 -3.48 -3.43
O SAM M . -20.99 -3.70 -4.05
OXT SAM M . -18.79 -3.73 -3.90
CB SAM M . -21.28 -2.12 -1.80
CG SAM M . -21.48 -1.79 -0.33
SD SAM M . -21.80 -3.06 0.73
CE SAM M . -23.08 -3.99 0.23
C5' SAM M . -22.16 -2.18 2.08
C4' SAM M . -22.43 -2.95 3.36
O4' SAM M . -23.45 -3.93 3.16
C3' SAM M . -21.22 -3.66 3.93
O3' SAM M . -20.37 -2.74 4.62
C2' SAM M . -21.90 -4.70 4.80
O2' SAM M . -22.27 -4.19 6.08
C1' SAM M . -23.17 -5.02 4.02
N9 SAM M . -22.99 -6.23 3.22
C8 SAM M . -21.84 -6.74 2.73
N7 SAM M . -22.07 -7.88 2.05
C5 SAM M . -23.39 -8.10 2.10
C6 SAM M . -24.28 -9.14 1.60
N6 SAM M . -23.78 -10.17 0.87
N1 SAM M . -25.59 -9.01 1.89
C2 SAM M . -26.08 -7.99 2.61
N3 SAM M . -25.32 -7.00 3.09
C4 SAM M . -23.99 -7.02 2.87
C1 EDO N . -13.51 -10.37 -2.25
O1 EDO N . -14.43 -11.26 -2.91
C2 EDO N . -14.22 -9.07 -1.93
O2 EDO N . -13.29 -7.98 -2.02
C1 EDO O . -2.41 -1.96 -9.31
O1 EDO O . -1.64 -1.25 -10.31
C2 EDO O . -3.05 -3.25 -9.86
O2 EDO O . -3.68 -4.02 -8.81
C1 EDO P . -46.39 29.01 -0.48
O1 EDO P . -45.12 29.55 -0.10
C2 EDO P . -47.30 30.13 -0.95
O2 EDO P . -46.73 30.79 -2.09
C1 EDO Q . -43.65 0.89 -11.85
O1 EDO Q . -43.21 -0.41 -11.45
C2 EDO Q . -43.86 1.78 -10.62
O2 EDO Q . -42.59 2.08 -10.03
C1 EDO R . -47.76 11.34 1.71
O1 EDO R . -47.91 10.06 2.32
C2 EDO R . -46.52 12.03 2.28
O2 EDO R . -45.36 11.71 1.50
MG MG S . 18.48 -3.71 -6.05
C1 EDO T . 30.86 -12.71 6.42
O1 EDO T . 29.88 -13.73 6.63
C2 EDO T . 30.20 -11.44 5.90
O2 EDO T . 31.12 -10.36 6.03
C1 EDO U . 38.76 -27.42 15.18
O1 EDO U . 37.54 -27.75 15.86
C2 EDO U . 39.41 -26.16 15.76
O2 EDO U . 39.77 -25.24 14.71
O1G PPK V . 19.77 -7.60 -6.58
PG PPK V . 20.19 -6.07 -6.88
O2G PPK V . 19.37 -5.54 -8.17
O3G PPK V . 19.88 -5.26 -5.67
N3B PPK V . 21.91 -6.03 -7.22
PB PPK V . 22.66 -4.91 -8.34
O1B PPK V . 24.26 -5.07 -8.13
O2B PPK V . 22.33 -5.20 -9.77
O3A PPK V . 22.27 -3.39 -7.91
PA PPK V . 20.84 -2.65 -8.12
O1A PPK V . 20.24 -2.57 -6.74
O2A PPK V . 21.27 -1.32 -8.66
O4A PPK V . 20.05 -3.49 -9.08
N SAM W . 16.41 -3.23 -13.58
CA SAM W . 15.32 -2.42 -13.07
C SAM W . 14.46 -1.97 -14.21
O SAM W . 13.24 -1.82 -14.01
OXT SAM W . 15.02 -1.75 -15.29
CB SAM W . 15.85 -1.20 -12.34
CG SAM W . 17.29 -1.39 -11.88
SD SAM W . 18.18 0.00 -11.96
CE SAM W . 18.83 0.14 -13.49
C5' SAM W . 19.38 -0.23 -10.84
C4' SAM W . 20.16 1.01 -10.45
O4' SAM W . 20.74 1.63 -11.60
C3' SAM W . 19.35 2.07 -9.73
O3' SAM W . 19.27 1.79 -8.33
C2' SAM W . 20.13 3.32 -10.08
O2' SAM W . 21.20 3.52 -9.15
C1' SAM W . 20.72 3.03 -11.45
N9 SAM W . 19.92 3.64 -12.54
C8 SAM W . 18.61 3.95 -12.52
N7 SAM W . 18.23 4.51 -13.70
C5 SAM W . 19.30 4.55 -14.49
C6 SAM W . 19.58 5.02 -15.87
N6 SAM W . 18.61 5.56 -16.63
N1 SAM W . 20.85 4.88 -16.32
C2 SAM W . 21.83 4.35 -15.56
N3 SAM W . 21.64 3.91 -14.31
C4 SAM W . 20.42 3.98 -13.73
MG MG X . 18.31 -4.31 -8.81
C1 EDO Y . 17.80 -31.16 19.81
O1 EDO Y . 18.08 -32.53 19.49
C2 EDO Y . 18.77 -30.64 20.85
O2 EDO Y . 19.68 -29.71 20.26
C1 EDO Z . 8.47 -23.59 -5.61
O1 EDO Z . 9.79 -24.13 -5.53
C2 EDO Z . 7.70 -24.33 -6.70
O2 EDO Z . 6.53 -23.60 -7.10
C1 EDO AA . 2.58 -1.19 -14.14
O1 EDO AA . 2.49 -2.59 -13.81
C2 EDO AA . 1.35 -0.48 -13.56
O2 EDO AA . 1.58 0.94 -13.51
C1 EDO BA . 0.76 -20.03 -7.46
O1 EDO BA . 0.44 -21.02 -8.45
C2 EDO BA . 1.38 -18.79 -8.13
O2 EDO BA . 0.46 -17.68 -8.24
C1 EDO CA . 43.45 -33.07 -9.82
O1 EDO CA . 43.35 -34.15 -8.89
C2 EDO CA . 43.17 -31.76 -9.08
O2 EDO CA . 44.37 -30.99 -8.99
C1 EDO DA . 18.39 -42.43 0.17
O1 EDO DA . 18.64 -42.85 1.51
C2 EDO DA . 19.43 -41.40 -0.26
O2 EDO DA . 20.63 -41.51 0.52
C1 EDO EA . 59.25 -56.12 -19.08
O1 EDO EA . 59.76 -56.22 -20.41
C2 EDO EA . 60.41 -55.85 -18.13
O2 EDO EA . 61.29 -56.97 -18.07
#